data_6PK4
#
_entry.id   6PK4
#
loop_
_entity.id
_entity.type
_entity.pdbx_description
1 polymer 'CTP synthase 2'
2 non-polymer "URIDINE 5'-TRIPHOSPHATE"
3 non-polymer "ADENOSINE-5'-TRIPHOSPHATE"
#
_entity_poly.entity_id   1
_entity_poly.type   'polypeptide(L)'
_entity_poly.pdbx_seq_one_letter_code
;MKYILVTGGVISGIGKGIIASSIGTILKSCGLRVTAIKIDPYINIDAGTFSPYEHGEVFVLNDGGEVDLDLGNYERFLDI
NLYKDNNITTGKIYQHVINKERRGDYLGKTVQVVPHITDAVQEWVMNQAKVPVDGNKEEPQICVIELGGTIGDIEGMPFV
EAFRQFQFKAKRENFCNIHVSLVPQLSATGEQKTKPTQNSVRALRGLGLSPDLIVCRSSTPIEMAVKEKISMFCHVNPEQ
VICIHDVSSTYRVPVLLEEQSIVKYFKERLHLPIGDSASNLLFKWRNMADRYERLQKICSIALVGKYTKLRDCYASVFKA
LEHSALAINHKLNLMYIDSIDLEKITETEDPVKFHEAWQKLCKADGILVPGGFGIRGTLGKLQAISWARTKKIPFLGVCL
GMQLAVIEFARNCLNLKDADSTEFRPNAPVPLVIDMPEHNPGNLGGTMRLGIRRTVFKTENSILRKLYGDVPFIEERHRH
RFEVNPNLIKQFEQNDLSFVGQDVDGDRMEIIELANHPYFVGVQFHPEFSSRPMKPSPPYLGLLLAATGNLNAYLQQGCK
LSSSDRYSDASDDSFSEPRIAELEIS
;
_entity_poly.pdbx_strand_id   A,B,C,D
#
loop_
_chem_comp.id
_chem_comp.type
_chem_comp.name
_chem_comp.formula
ATP non-polymer ADENOSINE-5'-TRIPHOSPHATE 'C10 H16 N5 O13 P3'
UTP non-polymer 'URIDINE 5'-TRIPHOSPHATE' 'C9 H15 N2 O15 P3'
#
# COMPACT_ATOMS: atom_id res chain seq x y z
N MET A 1 21.42 -8.89 -23.09
CA MET A 1 20.77 -8.06 -24.09
C MET A 1 20.16 -6.82 -23.44
N LYS A 2 20.26 -5.69 -24.11
CA LYS A 2 19.71 -4.44 -23.57
C LYS A 2 18.19 -4.49 -23.65
N TYR A 3 17.53 -4.21 -22.54
CA TYR A 3 16.08 -4.31 -22.44
C TYR A 3 15.49 -2.98 -22.04
N ILE A 4 14.43 -2.57 -22.72
CA ILE A 4 13.70 -1.36 -22.38
C ILE A 4 12.30 -1.78 -22.00
N LEU A 5 11.88 -1.41 -20.80
CA LEU A 5 10.59 -1.79 -20.25
C LEU A 5 9.80 -0.51 -20.09
N VAL A 6 8.85 -0.27 -21.00
CA VAL A 6 7.95 0.84 -20.83
C VAL A 6 6.87 0.34 -19.88
N THR A 7 6.04 1.23 -19.37
CA THR A 7 4.99 0.80 -18.45
C THR A 7 3.72 1.56 -18.79
N GLY A 8 3.03 2.03 -17.79
CA GLY A 8 1.78 2.73 -18.02
C GLY A 8 1.60 3.79 -16.97
N GLY A 9 0.88 4.83 -17.34
CA GLY A 9 0.73 5.89 -16.39
C GLY A 9 -0.60 5.72 -15.69
N VAL A 10 -1.37 6.80 -15.66
CA VAL A 10 -2.64 6.77 -14.95
C VAL A 10 -3.67 5.96 -15.73
N ILE A 11 -4.06 6.41 -16.91
CA ILE A 11 -5.09 5.75 -17.70
C ILE A 11 -4.43 4.86 -18.74
N SER A 12 -5.22 3.90 -19.24
CA SER A 12 -4.69 2.91 -20.16
C SER A 12 -4.41 3.52 -21.52
N GLY A 13 -5.37 4.25 -22.09
CA GLY A 13 -5.24 4.73 -23.45
C GLY A 13 -4.39 5.96 -23.67
N ILE A 14 -3.16 5.96 -23.15
CA ILE A 14 -2.26 7.09 -23.34
C ILE A 14 -1.63 7.08 -24.72
N GLY A 15 -1.21 5.91 -25.20
CA GLY A 15 -0.19 5.99 -26.21
C GLY A 15 1.05 5.23 -25.83
N LYS A 16 0.85 4.08 -25.18
CA LYS A 16 1.96 3.23 -24.77
C LYS A 16 2.71 2.73 -25.98
N GLY A 17 1.98 2.12 -26.92
CA GLY A 17 2.60 1.57 -28.10
C GLY A 17 3.16 2.61 -29.03
N ILE A 18 2.68 3.86 -28.94
CA ILE A 18 3.23 4.88 -29.82
C ILE A 18 4.55 5.38 -29.27
N ILE A 19 4.85 5.13 -28.00
CA ILE A 19 6.12 5.53 -27.43
C ILE A 19 7.13 4.39 -27.53
N ALA A 20 6.68 3.18 -27.20
CA ALA A 20 7.58 2.03 -27.21
C ALA A 20 8.04 1.69 -28.63
N SER A 21 7.16 1.85 -29.61
CA SER A 21 7.58 1.68 -30.99
C SER A 21 8.49 2.83 -31.42
N SER A 22 8.22 4.04 -30.96
CA SER A 22 9.02 5.18 -31.38
C SER A 22 10.43 5.10 -30.85
N ILE A 23 10.60 4.73 -29.58
CA ILE A 23 11.95 4.52 -29.09
C ILE A 23 12.54 3.24 -29.67
N GLY A 24 11.69 2.33 -30.15
CA GLY A 24 12.20 1.23 -30.94
C GLY A 24 12.64 1.67 -32.32
N THR A 25 11.78 2.44 -33.02
CA THR A 25 12.09 2.77 -34.40
C THR A 25 13.09 3.90 -34.54
N ILE A 26 13.40 4.62 -33.46
CA ILE A 26 14.61 5.43 -33.45
C ILE A 26 15.82 4.52 -33.46
N LEU A 27 15.82 3.50 -32.60
CA LEU A 27 16.95 2.59 -32.54
C LEU A 27 17.05 1.70 -33.76
N LYS A 28 15.95 1.51 -34.50
CA LYS A 28 16.06 0.84 -35.78
C LYS A 28 16.74 1.74 -36.79
N SER A 29 16.50 3.05 -36.70
CA SER A 29 17.24 4.00 -37.52
C SER A 29 18.66 4.18 -37.02
N CYS A 30 18.94 3.79 -35.78
CA CYS A 30 20.30 3.81 -35.28
C CYS A 30 21.15 2.67 -35.85
N GLY A 31 20.53 1.63 -36.37
CA GLY A 31 21.28 0.50 -36.88
C GLY A 31 21.35 -0.61 -35.85
N LEU A 32 20.22 -0.88 -35.20
CA LEU A 32 20.13 -1.93 -34.19
C LEU A 32 18.98 -2.86 -34.52
N ARG A 33 19.18 -4.15 -34.26
CA ARG A 33 18.12 -5.13 -34.48
C ARG A 33 17.21 -5.15 -33.27
N VAL A 34 15.90 -5.07 -33.53
CA VAL A 34 14.90 -4.79 -32.50
C VAL A 34 13.93 -5.95 -32.46
N THR A 35 13.50 -6.33 -31.25
CA THR A 35 12.32 -7.16 -31.09
C THR A 35 11.27 -6.38 -30.31
N ALA A 36 10.18 -7.06 -29.99
CA ALA A 36 9.10 -6.45 -29.22
C ALA A 36 8.37 -7.56 -28.49
N ILE A 37 8.10 -7.34 -27.21
CA ILE A 37 7.36 -8.26 -26.37
C ILE A 37 6.32 -7.44 -25.63
N LYS A 38 5.05 -7.78 -25.80
CA LYS A 38 3.97 -7.07 -25.13
C LYS A 38 3.42 -7.93 -24.02
N ILE A 39 3.55 -7.46 -22.79
CA ILE A 39 3.06 -8.16 -21.62
C ILE A 39 1.61 -7.74 -21.47
N ASP A 40 0.72 -8.71 -21.32
CA ASP A 40 -0.68 -8.37 -21.19
C ASP A 40 -1.29 -8.97 -19.92
N PRO A 41 -1.94 -8.17 -19.10
CA PRO A 41 -2.45 -8.69 -17.84
C PRO A 41 -3.84 -9.30 -17.97
N TYR A 42 -4.45 -9.24 -19.14
CA TYR A 42 -5.80 -9.75 -19.27
C TYR A 42 -5.71 -11.26 -19.38
N ILE A 43 -6.53 -11.93 -18.56
CA ILE A 43 -6.46 -13.38 -18.39
C ILE A 43 -6.69 -14.13 -19.69
N ASN A 44 -7.59 -13.62 -20.55
CA ASN A 44 -7.99 -14.33 -21.75
C ASN A 44 -6.80 -14.66 -22.66
N ILE A 45 -6.69 -15.93 -23.02
CA ILE A 45 -5.67 -16.37 -23.95
C ILE A 45 -6.23 -16.17 -25.35
N ASP A 46 -5.35 -15.84 -26.31
CA ASP A 46 -5.62 -15.95 -27.74
C ASP A 46 -6.83 -15.12 -28.16
N ALA A 47 -6.61 -13.80 -28.16
CA ALA A 47 -7.61 -12.73 -28.26
C ALA A 47 -8.71 -12.91 -29.32
N GLY A 48 -8.48 -13.74 -30.33
CA GLY A 48 -9.37 -14.02 -31.45
C GLY A 48 -10.84 -14.30 -31.19
N THR A 49 -11.22 -14.62 -29.96
CA THR A 49 -12.62 -14.80 -29.61
C THR A 49 -13.23 -13.53 -29.02
N PHE A 50 -12.54 -12.39 -29.15
CA PHE A 50 -13.13 -11.12 -28.74
C PHE A 50 -14.24 -10.71 -29.66
N SER A 51 -15.25 -10.08 -29.09
CA SER A 51 -15.98 -9.09 -29.85
C SER A 51 -15.05 -7.90 -30.04
N PRO A 52 -14.99 -7.32 -31.23
CA PRO A 52 -13.96 -6.30 -31.45
C PRO A 52 -14.35 -4.92 -30.96
N TYR A 53 -15.34 -4.82 -30.08
CA TYR A 53 -15.77 -3.54 -29.56
C TYR A 53 -15.20 -3.25 -28.18
N GLU A 54 -14.73 -4.29 -27.48
CA GLU A 54 -14.09 -4.09 -26.19
C GLU A 54 -12.68 -3.54 -26.35
N HIS A 55 -11.89 -4.24 -27.12
CA HIS A 55 -10.52 -3.83 -27.28
C HIS A 55 -10.17 -3.22 -28.61
N GLY A 56 -10.44 -3.96 -29.67
CA GLY A 56 -10.24 -3.48 -31.02
C GLY A 56 -10.30 -4.67 -31.95
N GLU A 57 -9.78 -4.47 -33.17
CA GLU A 57 -9.82 -5.53 -34.16
C GLU A 57 -8.76 -6.58 -33.77
N VAL A 58 -8.68 -7.69 -34.49
CA VAL A 58 -7.59 -8.59 -34.14
C VAL A 58 -6.41 -8.02 -34.91
N PHE A 59 -5.16 -8.42 -34.63
CA PHE A 59 -4.10 -8.77 -35.56
C PHE A 59 -3.85 -10.25 -35.83
N VAL A 60 -3.28 -10.53 -36.99
CA VAL A 60 -3.08 -11.89 -37.47
C VAL A 60 -1.59 -12.03 -37.78
N LEU A 61 -0.95 -13.03 -37.19
CA LEU A 61 0.46 -13.30 -37.47
C LEU A 61 0.66 -14.40 -38.49
N ASN A 62 1.93 -14.73 -38.70
CA ASN A 62 2.33 -15.64 -39.75
C ASN A 62 2.00 -17.07 -39.36
N ASP A 63 2.40 -17.46 -38.15
CA ASP A 63 2.24 -18.81 -37.65
C ASP A 63 0.84 -19.09 -37.11
N GLY A 64 -0.10 -18.18 -37.29
CA GLY A 64 -1.43 -18.41 -36.76
C GLY A 64 -1.85 -17.51 -35.63
N GLY A 65 -1.44 -16.24 -35.69
CA GLY A 65 -1.74 -15.33 -34.60
C GLY A 65 -3.17 -14.84 -34.63
N GLU A 66 -3.68 -14.50 -33.44
CA GLU A 66 -4.96 -13.86 -33.20
C GLU A 66 -4.77 -12.79 -32.13
N VAL A 67 -3.51 -12.39 -32.04
CA VAL A 67 -2.94 -11.40 -31.11
C VAL A 67 -3.63 -10.09 -31.18
N ASP A 68 -3.76 -9.47 -30.05
CA ASP A 68 -4.47 -8.23 -29.85
C ASP A 68 -4.35 -7.22 -30.94
N LEU A 69 -3.43 -6.29 -30.76
CA LEU A 69 -3.21 -5.25 -31.69
C LEU A 69 -1.99 -4.55 -31.28
N ASP A 70 -2.17 -3.60 -30.43
CA ASP A 70 -0.90 -2.96 -30.16
C ASP A 70 0.26 -3.70 -30.80
N LEU A 71 0.16 -5.03 -30.86
CA LEU A 71 1.19 -5.85 -31.48
C LEU A 71 1.28 -5.51 -32.95
N GLY A 72 0.14 -5.20 -33.56
CA GLY A 72 0.07 -4.84 -34.96
C GLY A 72 0.84 -3.56 -35.22
N ASN A 73 0.74 -2.61 -34.29
CA ASN A 73 1.41 -1.32 -34.40
C ASN A 73 2.91 -1.52 -34.46
N TYR A 74 3.47 -2.41 -33.62
CA TYR A 74 4.90 -2.67 -33.68
C TYR A 74 5.29 -3.22 -35.04
N GLU A 75 4.50 -4.16 -35.55
CA GLU A 75 4.79 -4.81 -36.83
C GLU A 75 4.87 -3.78 -37.95
N ARG A 76 3.86 -2.91 -38.00
CA ARG A 76 3.76 -1.87 -39.03
C ARG A 76 4.87 -0.82 -38.95
N PHE A 77 5.27 -0.42 -37.73
CA PHE A 77 6.34 0.56 -37.61
C PHE A 77 7.76 0.04 -37.73
N LEU A 78 8.03 -1.26 -37.51
CA LEU A 78 9.43 -1.67 -37.43
C LEU A 78 10.01 -2.54 -38.55
N ASP A 79 9.21 -3.01 -39.50
CA ASP A 79 9.53 -3.90 -40.65
C ASP A 79 9.58 -5.34 -40.16
N ILE A 80 9.41 -5.52 -38.86
CA ILE A 80 9.34 -6.80 -38.18
C ILE A 80 8.03 -7.50 -38.46
N ASN A 81 8.11 -8.78 -38.77
CA ASN A 81 6.99 -9.70 -38.62
C ASN A 81 7.32 -10.70 -37.51
N LEU A 82 6.30 -11.02 -36.72
CA LEU A 82 6.44 -11.56 -35.37
C LEU A 82 6.07 -13.04 -35.29
N TYR A 83 6.05 -13.56 -34.06
CA TYR A 83 5.57 -14.89 -33.76
C TYR A 83 4.49 -14.76 -32.69
N LYS A 84 3.67 -15.79 -32.54
CA LYS A 84 2.53 -15.67 -31.62
C LYS A 84 2.91 -15.84 -30.17
N ASP A 85 4.15 -16.22 -29.87
CA ASP A 85 4.56 -16.54 -28.52
C ASP A 85 5.23 -15.39 -27.80
N ASN A 86 5.20 -14.17 -28.34
CA ASN A 86 5.57 -13.01 -27.55
C ASN A 86 4.38 -12.13 -27.20
N ASN A 87 3.17 -12.51 -27.63
CA ASN A 87 1.96 -12.02 -26.99
C ASN A 87 1.82 -12.84 -25.72
N ILE A 88 2.52 -12.42 -24.69
CA ILE A 88 2.63 -13.20 -23.49
C ILE A 88 1.56 -12.66 -22.53
N THR A 89 0.45 -13.37 -22.47
CA THR A 89 -0.67 -13.00 -21.64
C THR A 89 -0.58 -13.72 -20.31
N THR A 90 -1.43 -13.31 -19.39
CA THR A 90 -1.50 -13.98 -18.10
C THR A 90 -2.02 -15.40 -18.25
N GLY A 91 -3.00 -15.59 -19.13
CA GLY A 91 -3.49 -16.93 -19.44
C GLY A 91 -2.52 -17.79 -20.21
N LYS A 92 -1.54 -17.18 -20.88
CA LYS A 92 -0.50 -17.96 -21.53
C LYS A 92 0.46 -18.53 -20.50
N ILE A 93 0.72 -17.78 -19.43
CA ILE A 93 1.69 -18.20 -18.42
C ILE A 93 1.11 -19.31 -17.57
N TYR A 94 -0.12 -19.12 -17.13
CA TYR A 94 -0.76 -20.09 -16.24
C TYR A 94 -1.00 -21.40 -16.97
N GLN A 95 -1.38 -21.34 -18.25
CA GLN A 95 -1.53 -22.57 -19.00
C GLN A 95 -0.17 -23.21 -19.29
N HIS A 96 0.89 -22.42 -19.28
CA HIS A 96 2.25 -22.96 -19.31
C HIS A 96 2.69 -23.52 -17.96
N VAL A 97 2.06 -23.13 -16.86
CA VAL A 97 2.48 -23.56 -15.55
C VAL A 97 1.57 -24.65 -15.00
N ILE A 98 0.26 -24.53 -15.18
CA ILE A 98 -0.65 -25.60 -14.77
C ILE A 98 -0.41 -26.87 -15.59
N ASN A 99 0.06 -26.74 -16.83
CA ASN A 99 0.52 -27.89 -17.61
C ASN A 99 1.94 -28.34 -17.29
N LYS A 100 2.55 -27.87 -16.21
CA LYS A 100 3.84 -28.40 -15.79
C LYS A 100 3.79 -29.05 -14.43
N GLU A 101 2.86 -28.64 -13.59
CA GLU A 101 2.70 -29.24 -12.29
C GLU A 101 1.92 -30.55 -12.33
N ARG A 102 1.35 -30.91 -13.47
CA ARG A 102 0.88 -32.28 -13.67
C ARG A 102 2.02 -33.16 -14.16
N ARG A 103 3.01 -32.55 -14.82
CA ARG A 103 4.21 -33.25 -15.22
C ARG A 103 5.10 -33.54 -14.02
N GLY A 104 4.97 -32.76 -12.95
CA GLY A 104 5.84 -32.91 -11.80
C GLY A 104 7.19 -32.26 -11.96
N ASP A 105 7.33 -31.34 -12.91
CA ASP A 105 8.63 -30.80 -13.26
C ASP A 105 9.18 -29.81 -12.25
N TYR A 106 8.39 -29.42 -11.26
CA TYR A 106 8.90 -28.61 -10.16
C TYR A 106 9.34 -29.46 -8.97
N LEU A 107 9.48 -30.78 -9.19
CA LEU A 107 10.06 -31.73 -8.23
C LEU A 107 9.26 -31.79 -6.93
N GLY A 108 7.93 -31.75 -7.06
CA GLY A 108 7.04 -31.86 -5.92
C GLY A 108 6.89 -30.59 -5.10
N LYS A 109 7.64 -29.55 -5.42
CA LYS A 109 7.59 -28.31 -4.66
C LYS A 109 6.34 -27.53 -5.01
N THR A 110 5.70 -26.96 -3.99
CA THR A 110 4.47 -26.20 -4.23
C THR A 110 4.81 -24.90 -4.95
N VAL A 111 4.14 -24.64 -6.07
CA VAL A 111 4.42 -23.44 -6.83
C VAL A 111 3.48 -22.33 -6.41
N GLN A 112 4.04 -21.16 -6.17
CA GLN A 112 3.34 -19.95 -5.80
C GLN A 112 3.69 -18.85 -6.81
N VAL A 113 2.96 -17.72 -6.73
CA VAL A 113 3.14 -16.62 -7.67
C VAL A 113 4.56 -16.08 -7.68
N VAL A 114 5.22 -16.03 -6.52
CA VAL A 114 6.64 -15.70 -6.43
C VAL A 114 7.34 -16.92 -5.84
N PRO A 115 8.41 -17.44 -6.46
CA PRO A 115 9.03 -17.04 -7.72
C PRO A 115 8.61 -17.83 -8.95
N HIS A 116 7.84 -18.89 -8.79
CA HIS A 116 7.69 -19.88 -9.85
C HIS A 116 6.82 -19.42 -11.01
N ILE A 117 6.06 -18.35 -10.85
CA ILE A 117 5.51 -17.65 -11.99
C ILE A 117 6.52 -16.66 -12.53
N THR A 118 7.11 -15.87 -11.64
CA THR A 118 8.03 -14.84 -12.07
C THR A 118 9.34 -15.42 -12.59
N ASP A 119 9.64 -16.68 -12.26
CA ASP A 119 10.70 -17.36 -12.97
C ASP A 119 10.27 -17.71 -14.39
N ALA A 120 8.99 -18.07 -14.56
CA ALA A 120 8.52 -18.41 -15.90
C ALA A 120 8.33 -17.17 -16.76
N VAL A 121 8.18 -16.00 -16.16
CA VAL A 121 8.11 -14.77 -16.96
C VAL A 121 9.50 -14.38 -17.42
N GLN A 122 10.49 -14.44 -16.55
CA GLN A 122 11.83 -14.03 -16.93
C GLN A 122 12.58 -15.14 -17.67
N GLU A 123 11.94 -16.27 -17.94
CA GLU A 123 12.43 -17.20 -18.94
C GLU A 123 11.74 -17.01 -20.26
N TRP A 124 10.50 -16.50 -20.23
CA TRP A 124 9.77 -16.26 -21.47
C TRP A 124 10.37 -15.06 -22.19
N VAL A 125 10.65 -13.99 -21.45
CA VAL A 125 11.20 -12.78 -22.04
C VAL A 125 12.66 -12.96 -22.45
N MET A 126 13.37 -13.92 -21.84
CA MET A 126 14.70 -14.25 -22.33
C MET A 126 14.67 -14.98 -23.66
N ASN A 127 13.69 -15.85 -23.85
CA ASN A 127 13.69 -16.66 -25.05
C ASN A 127 13.16 -15.88 -26.26
N GLN A 128 12.11 -15.09 -26.07
CA GLN A 128 11.57 -14.33 -27.19
C GLN A 128 12.46 -13.18 -27.62
N ALA A 129 13.30 -12.67 -26.73
CA ALA A 129 14.32 -11.73 -27.18
C ALA A 129 15.42 -12.46 -27.91
N LYS A 130 15.69 -13.71 -27.55
CA LYS A 130 16.79 -14.47 -28.14
C LYS A 130 16.50 -14.88 -29.59
N VAL A 131 15.24 -15.18 -29.92
CA VAL A 131 14.92 -15.65 -31.26
C VAL A 131 15.00 -14.47 -32.24
N PRO A 132 15.57 -14.64 -33.42
CA PRO A 132 15.54 -13.56 -34.41
C PRO A 132 14.13 -13.36 -34.92
N VAL A 133 13.88 -12.16 -35.43
CA VAL A 133 12.51 -11.81 -35.75
C VAL A 133 12.43 -11.15 -37.11
N ASP A 134 13.58 -10.88 -37.70
CA ASP A 134 13.63 -10.11 -38.92
C ASP A 134 14.27 -10.98 -39.99
N GLY A 135 14.59 -10.39 -41.14
CA GLY A 135 15.08 -11.15 -42.27
C GLY A 135 16.44 -11.76 -42.06
N ASN A 136 17.23 -11.22 -41.13
CA ASN A 136 18.51 -11.83 -40.81
C ASN A 136 18.29 -13.02 -39.89
N LYS A 137 19.22 -13.97 -39.96
CA LYS A 137 19.26 -15.11 -39.04
C LYS A 137 20.31 -14.81 -37.99
N GLU A 138 19.95 -13.92 -37.05
CA GLU A 138 20.89 -13.42 -36.07
C GLU A 138 20.13 -12.80 -34.90
N GLU A 139 20.65 -13.01 -33.70
CA GLU A 139 19.99 -12.53 -32.49
C GLU A 139 20.08 -11.00 -32.42
N PRO A 140 19.02 -10.32 -32.00
CA PRO A 140 19.05 -8.86 -31.93
C PRO A 140 19.82 -8.39 -30.70
N GLN A 141 19.85 -7.06 -30.53
CA GLN A 141 20.60 -6.45 -29.45
C GLN A 141 19.79 -5.61 -28.49
N ILE A 142 18.57 -5.21 -28.87
CA ILE A 142 17.64 -4.59 -27.93
C ILE A 142 16.35 -5.38 -27.97
N CYS A 143 15.48 -5.10 -27.00
CA CYS A 143 14.18 -5.73 -26.96
C CYS A 143 13.24 -4.80 -26.20
N VAL A 144 12.41 -4.07 -26.95
CA VAL A 144 11.49 -3.12 -26.35
C VAL A 144 10.33 -3.92 -25.77
N ILE A 145 10.23 -3.92 -24.44
CA ILE A 145 9.25 -4.74 -23.73
C ILE A 145 8.12 -3.84 -23.28
N GLU A 146 6.90 -4.17 -23.68
CA GLU A 146 5.76 -3.36 -23.31
C GLU A 146 4.98 -4.08 -22.22
N LEU A 147 5.11 -3.61 -20.99
CA LEU A 147 4.25 -4.00 -19.89
C LEU A 147 2.94 -3.29 -20.11
N GLY A 148 1.99 -3.94 -20.76
CA GLY A 148 0.72 -3.27 -21.06
C GLY A 148 -0.11 -2.99 -19.82
N GLY A 149 -1.42 -2.76 -19.97
CA GLY A 149 -2.20 -2.48 -18.78
C GLY A 149 -1.74 -1.19 -18.10
N THR A 150 -2.26 -0.95 -16.92
CA THR A 150 -1.88 0.24 -16.17
C THR A 150 -0.93 -0.24 -15.07
N ILE A 151 -1.02 0.24 -13.83
CA ILE A 151 -0.13 -0.24 -12.79
C ILE A 151 -0.71 0.13 -11.45
N GLY A 152 -0.75 -0.85 -10.55
CA GLY A 152 -1.31 -0.69 -9.23
C GLY A 152 -2.47 -1.61 -8.99
N ASP A 153 -3.13 -2.05 -10.06
CA ASP A 153 -4.28 -2.92 -9.94
C ASP A 153 -3.86 -4.36 -9.61
N ILE A 154 -4.85 -5.24 -9.54
CA ILE A 154 -4.60 -6.62 -9.13
C ILE A 154 -4.05 -7.45 -10.29
N GLU A 155 -4.39 -7.10 -11.53
CA GLU A 155 -3.89 -7.82 -12.70
C GLU A 155 -2.39 -7.60 -12.87
N GLY A 156 -1.92 -6.38 -12.67
CA GLY A 156 -0.52 -6.08 -12.86
C GLY A 156 0.40 -6.44 -11.72
N MET A 157 -0.08 -7.16 -10.71
CA MET A 157 0.76 -7.55 -9.59
C MET A 157 1.75 -8.69 -9.87
N PRO A 158 1.44 -9.77 -10.62
CA PRO A 158 2.48 -10.77 -10.88
C PRO A 158 3.57 -10.32 -11.83
N PHE A 159 3.45 -9.17 -12.48
CA PHE A 159 4.38 -8.77 -13.53
C PHE A 159 5.42 -7.76 -13.09
N VAL A 160 5.03 -6.75 -12.29
CA VAL A 160 6.03 -5.78 -11.86
C VAL A 160 6.96 -6.40 -10.83
N GLU A 161 6.49 -7.38 -10.07
CA GLU A 161 7.37 -8.16 -9.23
C GLU A 161 8.22 -9.10 -10.08
N ALA A 162 7.72 -9.50 -11.24
CA ALA A 162 8.51 -10.34 -12.13
C ALA A 162 9.65 -9.58 -12.75
N PHE A 163 9.51 -8.28 -12.93
CA PHE A 163 10.62 -7.50 -13.45
C PHE A 163 11.47 -6.84 -12.37
N ARG A 164 10.98 -6.80 -11.14
CA ARG A 164 11.81 -6.34 -10.03
C ARG A 164 12.95 -7.32 -9.77
N GLN A 165 12.64 -8.62 -9.78
CA GLN A 165 13.68 -9.64 -9.70
C GLN A 165 14.58 -9.64 -10.92
N PHE A 166 14.09 -9.09 -12.02
CA PHE A 166 14.81 -9.14 -13.27
C PHE A 166 15.89 -8.06 -13.37
N GLN A 167 15.77 -6.97 -12.59
CA GLN A 167 16.85 -5.99 -12.57
C GLN A 167 18.09 -6.53 -11.90
N PHE A 168 17.93 -7.48 -10.97
CA PHE A 168 19.10 -8.05 -10.31
C PHE A 168 19.76 -9.13 -11.16
N LYS A 169 18.96 -9.97 -11.80
CA LYS A 169 19.52 -11.04 -12.62
C LYS A 169 20.13 -10.49 -13.90
N ALA A 170 19.64 -9.35 -14.37
CA ALA A 170 20.32 -8.64 -15.43
C ALA A 170 21.28 -7.62 -14.83
N LYS A 171 22.08 -7.03 -15.70
CA LYS A 171 23.01 -5.99 -15.29
C LYS A 171 22.34 -4.63 -15.53
N ARG A 172 22.76 -3.64 -14.74
CA ARG A 172 22.14 -2.32 -14.80
C ARG A 172 22.40 -1.62 -16.14
N GLU A 173 23.52 -1.95 -16.80
CA GLU A 173 23.72 -1.50 -18.16
C GLU A 173 22.79 -2.19 -19.17
N ASN A 174 22.15 -3.29 -18.80
CA ASN A 174 21.32 -4.04 -19.73
C ASN A 174 19.84 -3.77 -19.55
N PHE A 175 19.46 -2.82 -18.69
CA PHE A 175 18.07 -2.62 -18.38
C PHE A 175 17.74 -1.14 -18.39
N CYS A 176 16.53 -0.83 -18.81
CA CYS A 176 16.02 0.53 -18.83
C CYS A 176 14.58 0.53 -18.38
N ASN A 177 14.00 1.71 -18.23
CA ASN A 177 12.64 1.81 -17.73
C ASN A 177 12.06 3.14 -18.16
N ILE A 178 10.93 3.08 -18.87
CA ILE A 178 10.21 4.26 -19.32
C ILE A 178 8.89 4.27 -18.56
N HIS A 179 8.38 5.45 -18.28
CA HIS A 179 7.08 5.59 -17.64
C HIS A 179 6.32 6.65 -18.41
N VAL A 180 5.18 6.27 -18.98
CA VAL A 180 4.47 7.15 -19.89
C VAL A 180 3.18 7.58 -19.21
N SER A 181 3.22 8.72 -18.53
CA SER A 181 2.12 9.17 -17.70
C SER A 181 1.32 10.29 -18.35
N LEU A 182 0.25 10.65 -17.68
CA LEU A 182 -0.68 11.69 -18.12
C LEU A 182 -0.60 12.87 -17.17
N VAL A 183 -0.52 14.08 -17.71
CA VAL A 183 -0.75 15.27 -16.90
C VAL A 183 -2.05 15.91 -17.37
N PRO A 184 -3.20 15.52 -16.80
CA PRO A 184 -4.48 16.03 -17.29
C PRO A 184 -4.72 17.47 -16.83
N GLN A 185 -5.12 18.31 -17.78
CA GLN A 185 -5.54 19.67 -17.50
C GLN A 185 -7.02 19.84 -17.77
N LEU A 186 -7.65 20.76 -17.10
CA LEU A 186 -9.04 20.85 -17.35
C LEU A 186 -9.25 22.02 -18.22
N SER A 187 -9.80 21.79 -19.40
CA SER A 187 -10.11 22.91 -20.26
C SER A 187 -11.09 23.77 -19.47
N ALA A 188 -11.76 23.17 -18.49
CA ALA A 188 -12.74 23.87 -17.71
C ALA A 188 -12.05 25.08 -17.15
N THR A 189 -10.81 24.93 -16.70
CA THR A 189 -10.11 26.10 -16.22
C THR A 189 -8.91 26.49 -17.10
N GLY A 190 -7.71 26.17 -16.69
CA GLY A 190 -6.56 26.58 -17.44
C GLY A 190 -5.23 26.13 -16.88
N GLU A 191 -5.17 25.83 -15.58
CA GLU A 191 -3.94 25.34 -14.98
C GLU A 191 -3.67 23.91 -15.44
N GLN A 192 -2.44 23.45 -15.17
CA GLN A 192 -2.02 22.11 -15.54
C GLN A 192 -1.39 21.45 -14.32
N LYS A 193 -1.92 20.29 -13.95
CA LYS A 193 -1.56 19.65 -12.70
C LYS A 193 -0.48 18.60 -12.94
N THR A 194 0.29 18.32 -11.89
CA THR A 194 1.31 17.28 -11.91
C THR A 194 1.07 16.19 -10.90
N LYS A 195 -0.02 16.27 -10.13
CA LYS A 195 -0.30 15.26 -9.11
C LYS A 195 -0.48 13.84 -9.65
N PRO A 196 -1.28 13.56 -10.75
CA PRO A 196 -1.40 12.16 -11.21
C PRO A 196 -0.09 11.49 -11.57
N THR A 197 0.91 12.27 -11.97
CA THR A 197 2.18 11.67 -12.29
C THR A 197 2.95 11.30 -11.02
N GLN A 198 2.77 12.08 -9.96
CA GLN A 198 3.46 11.80 -8.70
C GLN A 198 2.95 10.52 -8.06
N ASN A 199 1.63 10.34 -8.00
CA ASN A 199 1.08 9.12 -7.42
C ASN A 199 1.33 7.91 -8.30
N SER A 200 1.46 8.10 -9.61
CA SER A 200 1.78 6.97 -10.47
C SER A 200 3.24 6.56 -10.38
N VAL A 201 4.12 7.46 -9.97
CA VAL A 201 5.51 7.07 -9.76
C VAL A 201 5.66 6.31 -8.45
N ARG A 202 5.05 6.81 -7.37
CA ARG A 202 5.18 6.14 -6.09
C ARG A 202 4.33 4.88 -5.98
N ALA A 203 3.56 4.53 -7.02
CA ALA A 203 3.08 3.17 -7.17
C ALA A 203 4.03 2.31 -7.99
N LEU A 204 4.85 2.92 -8.84
CA LEU A 204 5.89 2.20 -9.55
C LEU A 204 7.12 1.99 -8.69
N ARG A 205 7.60 3.06 -8.06
CA ARG A 205 8.76 2.93 -7.18
C ARG A 205 8.43 2.13 -5.93
N GLY A 206 7.17 2.15 -5.50
CA GLY A 206 6.71 1.33 -4.40
C GLY A 206 6.62 -0.15 -4.72
N LEU A 207 6.78 -0.53 -5.98
CA LEU A 207 6.87 -1.92 -6.36
C LEU A 207 8.27 -2.30 -6.83
N GLY A 208 9.23 -1.39 -6.74
CA GLY A 208 10.62 -1.72 -6.97
C GLY A 208 11.10 -1.57 -8.38
N LEU A 209 10.67 -0.51 -9.06
CA LEU A 209 11.23 -0.15 -10.36
C LEU A 209 11.37 1.36 -10.41
N SER A 210 12.48 1.83 -10.97
CA SER A 210 12.75 3.25 -11.03
C SER A 210 12.78 3.72 -12.48
N PRO A 211 12.10 4.80 -12.82
CA PRO A 211 12.10 5.30 -14.20
C PRO A 211 13.43 5.91 -14.58
N ASP A 212 13.96 5.50 -15.73
CA ASP A 212 15.05 6.27 -16.33
C ASP A 212 14.50 7.55 -16.96
N LEU A 213 13.65 7.40 -17.96
CA LEU A 213 12.94 8.54 -18.52
C LEU A 213 11.58 8.64 -17.86
N ILE A 214 10.94 9.79 -18.08
CA ILE A 214 9.56 10.00 -17.68
C ILE A 214 8.90 10.85 -18.75
N VAL A 215 7.86 10.32 -19.36
CA VAL A 215 7.25 10.91 -20.54
C VAL A 215 5.85 11.38 -20.17
N CYS A 216 5.62 12.68 -20.29
CA CYS A 216 4.36 13.27 -19.91
C CYS A 216 3.59 13.63 -21.17
N ARG A 217 2.64 12.77 -21.54
CA ARG A 217 1.78 13.04 -22.68
C ARG A 217 0.50 13.70 -22.23
N SER A 218 0.13 14.79 -22.90
CA SER A 218 -1.04 15.56 -22.52
C SER A 218 -1.63 16.18 -23.77
N SER A 219 -2.49 17.18 -23.58
CA SER A 219 -3.10 17.88 -24.70
C SER A 219 -2.19 18.96 -25.25
N THR A 220 -1.74 19.86 -24.39
CA THR A 220 -0.96 21.01 -24.79
C THR A 220 0.51 20.79 -24.48
N PRO A 221 1.42 21.47 -25.18
CA PRO A 221 2.81 21.51 -24.73
C PRO A 221 2.92 22.22 -23.39
N ILE A 222 3.81 21.72 -22.54
CA ILE A 222 3.81 22.07 -21.13
C ILE A 222 4.97 23.02 -20.85
N GLU A 223 4.79 23.85 -19.82
CA GLU A 223 5.70 24.94 -19.53
C GLU A 223 6.85 24.42 -18.65
N MET A 224 7.93 25.20 -18.58
CA MET A 224 9.09 24.85 -17.78
C MET A 224 8.82 24.80 -16.28
N ALA A 225 7.75 25.45 -15.81
CA ALA A 225 7.36 25.30 -14.41
C ALA A 225 6.85 23.89 -14.13
N VAL A 226 6.29 23.22 -15.14
CA VAL A 226 5.83 21.85 -14.97
C VAL A 226 7.01 20.89 -15.03
N LYS A 227 7.98 21.15 -15.91
CA LYS A 227 9.20 20.35 -15.96
C LYS A 227 10.04 20.50 -14.70
N GLU A 228 9.88 21.60 -13.97
CA GLU A 228 10.63 21.73 -12.74
C GLU A 228 9.99 20.92 -11.61
N LYS A 229 8.66 20.90 -11.56
CA LYS A 229 7.97 20.19 -10.49
C LYS A 229 8.10 18.68 -10.66
N ILE A 230 8.04 18.20 -11.90
CA ILE A 230 8.19 16.77 -12.12
C ILE A 230 9.62 16.36 -11.87
N SER A 231 10.58 17.25 -12.12
CA SER A 231 11.97 16.92 -11.85
C SER A 231 12.24 16.89 -10.34
N MET A 232 11.62 17.79 -9.59
CA MET A 232 11.90 17.87 -8.17
C MET A 232 11.10 16.84 -7.38
N PHE A 233 9.83 16.65 -7.70
CA PHE A 233 9.02 15.70 -6.94
C PHE A 233 9.28 14.26 -7.32
N CYS A 234 9.39 13.95 -8.62
CA CYS A 234 9.57 12.57 -9.05
C CYS A 234 11.04 12.16 -9.09
N HIS A 235 11.94 13.02 -8.61
CA HIS A 235 13.31 12.68 -8.22
C HIS A 235 14.16 12.20 -9.38
N VAL A 236 13.99 12.83 -10.53
CA VAL A 236 14.81 12.56 -11.70
C VAL A 236 15.25 13.92 -12.25
N ASN A 237 16.41 13.93 -12.90
CA ASN A 237 16.99 15.17 -13.40
C ASN A 237 16.13 15.73 -14.55
N PRO A 238 16.17 17.05 -14.79
CA PRO A 238 15.32 17.63 -15.84
C PRO A 238 15.71 17.28 -17.26
N GLU A 239 16.74 16.49 -17.48
CA GLU A 239 17.08 16.02 -18.82
C GLU A 239 16.30 14.77 -19.21
N GLN A 240 15.57 14.17 -18.28
CA GLN A 240 14.81 12.96 -18.53
C GLN A 240 13.31 13.19 -18.57
N VAL A 241 12.85 14.43 -18.46
CA VAL A 241 11.44 14.74 -18.66
C VAL A 241 11.26 15.12 -20.12
N ILE A 242 10.44 14.38 -20.83
CA ILE A 242 10.23 14.58 -22.26
C ILE A 242 8.75 14.85 -22.48
N CYS A 243 8.43 16.03 -22.98
CA CYS A 243 7.05 16.38 -23.28
C CYS A 243 6.66 15.82 -24.63
N ILE A 244 5.41 15.41 -24.74
CA ILE A 244 4.83 15.08 -26.03
C ILE A 244 3.35 15.45 -26.01
N HIS A 245 2.96 16.35 -26.89
CA HIS A 245 1.58 16.81 -26.94
C HIS A 245 0.79 16.02 -27.98
N ASP A 246 -0.52 16.24 -27.97
CA ASP A 246 -1.42 15.58 -28.91
C ASP A 246 -1.15 16.11 -30.31
N VAL A 247 -0.46 15.32 -31.11
CA VAL A 247 -0.13 15.71 -32.46
C VAL A 247 -1.16 15.13 -33.42
N SER A 248 -1.22 15.69 -34.62
CA SER A 248 -2.28 15.36 -35.55
C SER A 248 -2.11 13.97 -36.12
N SER A 249 -0.91 13.63 -36.58
CA SER A 249 -0.61 12.31 -37.06
C SER A 249 0.52 11.69 -36.25
N THR A 250 0.54 10.36 -36.21
CA THR A 250 1.48 9.66 -35.36
C THR A 250 2.91 9.67 -35.90
N TYR A 251 3.15 10.22 -37.08
CA TYR A 251 4.51 10.28 -37.60
C TYR A 251 5.30 11.43 -37.02
N ARG A 252 4.63 12.36 -36.35
CA ARG A 252 5.34 13.38 -35.59
C ARG A 252 5.94 12.78 -34.32
N VAL A 253 5.32 11.71 -33.81
CA VAL A 253 5.78 11.08 -32.56
C VAL A 253 7.22 10.57 -32.61
N PRO A 254 7.72 9.95 -33.70
CA PRO A 254 9.17 9.69 -33.71
C PRO A 254 10.03 10.94 -33.83
N VAL A 255 9.66 11.91 -34.68
CA VAL A 255 10.55 13.05 -34.86
C VAL A 255 10.46 14.05 -33.70
N LEU A 256 9.41 13.97 -32.89
CA LEU A 256 9.33 14.86 -31.72
C LEU A 256 10.24 14.38 -30.61
N LEU A 257 10.51 13.08 -30.54
CA LEU A 257 11.50 12.59 -29.59
C LEU A 257 12.91 12.93 -30.00
N GLU A 258 13.13 13.20 -31.29
CA GLU A 258 14.46 13.63 -31.75
C GLU A 258 14.82 15.00 -31.20
N GLU A 259 13.83 15.90 -31.11
CA GLU A 259 14.10 17.25 -30.60
C GLU A 259 14.43 17.25 -29.12
N GLN A 260 13.89 16.30 -28.37
CA GLN A 260 14.11 16.27 -26.93
C GLN A 260 15.33 15.47 -26.53
N SER A 261 16.09 14.98 -27.52
CA SER A 261 17.41 14.36 -27.34
C SER A 261 17.35 13.10 -26.46
N ILE A 262 16.59 12.12 -26.93
CA ILE A 262 16.62 10.81 -26.29
C ILE A 262 17.56 9.86 -27.01
N VAL A 263 18.11 10.25 -28.16
CA VAL A 263 19.00 9.37 -28.91
C VAL A 263 20.31 9.21 -28.18
N LYS A 264 20.89 10.34 -27.73
CA LYS A 264 22.17 10.30 -27.03
C LYS A 264 22.01 9.84 -25.59
N TYR A 265 20.78 9.74 -25.10
CA TYR A 265 20.56 9.29 -23.73
C TYR A 265 20.94 7.83 -23.56
N PHE A 266 20.42 6.96 -24.42
CA PHE A 266 20.67 5.54 -24.28
C PHE A 266 22.09 5.16 -24.67
N LYS A 267 22.82 6.04 -25.36
CA LYS A 267 24.26 5.88 -25.48
C LYS A 267 24.93 5.94 -24.12
N GLU A 268 24.43 6.82 -23.25
CA GLU A 268 25.01 6.99 -21.93
C GLU A 268 24.40 6.03 -20.92
N ARG A 269 23.11 5.74 -21.04
CA ARG A 269 22.45 4.85 -20.09
C ARG A 269 22.72 3.38 -20.41
N LEU A 270 22.30 2.94 -21.59
CA LEU A 270 22.36 1.52 -21.93
C LEU A 270 23.75 1.06 -22.39
N HIS A 271 24.64 2.00 -22.71
CA HIS A 271 25.99 1.73 -23.24
C HIS A 271 25.92 0.87 -24.51
N LEU A 272 25.11 1.30 -25.45
CA LEU A 272 24.92 0.63 -26.72
C LEU A 272 25.82 1.24 -27.80
N PRO A 273 26.26 0.44 -28.77
CA PRO A 273 27.12 0.97 -29.84
C PRO A 273 26.35 1.89 -30.78
N ILE A 274 26.75 3.15 -30.82
CA ILE A 274 26.11 4.13 -31.70
C ILE A 274 27.12 5.24 -32.02
N GLY A 275 27.07 5.71 -33.27
CA GLY A 275 27.62 7.00 -33.65
C GLY A 275 26.47 7.85 -34.13
N ASP A 276 26.61 9.17 -34.11
CA ASP A 276 25.50 10.05 -34.44
C ASP A 276 25.55 10.54 -35.88
N SER A 277 24.40 10.54 -36.52
CA SER A 277 24.15 11.18 -37.80
C SER A 277 22.96 12.10 -37.54
N ALA A 278 22.29 12.53 -38.60
CA ALA A 278 20.88 12.89 -38.47
C ALA A 278 20.16 11.79 -37.71
N SER A 279 19.51 12.17 -36.59
CA SER A 279 19.19 11.19 -35.55
C SER A 279 18.11 10.21 -35.96
N ASN A 280 17.36 10.50 -37.02
CA ASN A 280 16.64 9.49 -37.76
C ASN A 280 17.03 9.60 -39.23
N LEU A 281 16.51 8.71 -40.05
CA LEU A 281 16.75 8.82 -41.48
C LEU A 281 15.92 9.97 -42.05
N LEU A 282 16.63 10.99 -42.55
CA LEU A 282 16.04 12.27 -42.94
C LEU A 282 15.04 12.12 -44.08
N PHE A 283 15.17 11.09 -44.89
CA PHE A 283 14.32 10.98 -46.06
C PHE A 283 12.99 10.32 -45.75
N LYS A 284 12.88 9.54 -44.66
CA LYS A 284 11.69 8.74 -44.46
C LYS A 284 11.00 8.94 -43.11
N TRP A 285 11.37 9.95 -42.33
CA TRP A 285 10.47 10.27 -41.24
C TRP A 285 10.11 11.75 -41.15
N ARG A 286 11.07 12.63 -41.37
CA ARG A 286 10.76 14.06 -41.37
C ARG A 286 10.07 14.49 -42.64
N ASN A 287 10.19 13.70 -43.70
CA ASN A 287 9.49 14.00 -44.94
C ASN A 287 7.98 13.83 -44.78
N MET A 288 7.54 12.68 -44.26
CA MET A 288 6.12 12.43 -44.14
C MET A 288 5.48 13.16 -42.96
N ALA A 289 6.28 13.84 -42.14
CA ALA A 289 5.70 14.82 -41.24
C ALA A 289 5.16 16.02 -42.02
N ASP A 290 5.91 16.47 -43.01
CA ASP A 290 5.50 17.60 -43.83
C ASP A 290 4.44 17.22 -44.86
N ARG A 291 4.31 15.93 -45.17
CA ARG A 291 3.24 15.51 -46.06
C ARG A 291 1.88 15.65 -45.41
N TYR A 292 1.83 15.55 -44.08
CA TYR A 292 0.55 15.57 -43.40
C TYR A 292 0.09 16.98 -43.05
N GLU A 293 1.02 17.94 -42.97
CA GLU A 293 0.59 19.32 -42.79
C GLU A 293 0.05 19.89 -44.10
N ARG A 294 0.86 19.85 -45.15
CA ARG A 294 0.48 20.40 -46.45
C ARG A 294 -0.32 19.36 -47.21
N LEU A 295 -1.62 19.63 -47.39
CA LEU A 295 -2.50 18.66 -48.01
C LEU A 295 -3.35 19.28 -49.11
N GLN A 296 -4.32 18.52 -49.60
CA GLN A 296 -4.92 18.70 -50.91
C GLN A 296 -6.39 18.32 -50.82
N LYS A 297 -6.96 17.95 -51.97
CA LYS A 297 -8.38 17.61 -52.12
C LYS A 297 -8.86 16.54 -51.14
N ILE A 298 -9.75 16.95 -50.25
CA ILE A 298 -10.28 16.08 -49.20
C ILE A 298 -11.26 15.13 -49.85
N CYS A 299 -10.90 13.86 -49.97
CA CYS A 299 -11.64 12.94 -50.82
C CYS A 299 -11.52 11.53 -50.25
N SER A 300 -11.83 10.55 -51.09
CA SER A 300 -11.18 9.23 -51.20
C SER A 300 -11.57 8.07 -50.29
N ILE A 301 -12.62 8.13 -49.47
CA ILE A 301 -13.55 7.01 -49.21
C ILE A 301 -14.70 7.49 -48.35
N ALA A 302 -15.79 6.72 -48.38
CA ALA A 302 -16.62 6.46 -47.22
C ALA A 302 -16.49 4.98 -46.87
N LEU A 303 -16.73 4.65 -45.61
CA LEU A 303 -16.58 3.28 -45.12
C LEU A 303 -17.90 2.79 -44.55
N VAL A 304 -18.27 1.57 -44.90
CA VAL A 304 -19.42 0.91 -44.28
C VAL A 304 -18.87 -0.19 -43.37
N GLY A 305 -18.91 0.07 -42.07
CA GLY A 305 -18.57 -0.89 -41.06
C GLY A 305 -19.80 -1.52 -40.49
N LYS A 306 -19.74 -1.86 -39.20
CA LYS A 306 -20.96 -2.20 -38.50
C LYS A 306 -20.96 -1.66 -37.07
N TYR A 307 -20.23 -0.57 -36.81
CA TYR A 307 -20.14 -0.08 -35.44
C TYR A 307 -20.46 1.41 -35.39
N THR A 308 -20.78 1.87 -34.18
CA THR A 308 -21.15 3.25 -33.84
C THR A 308 -20.21 4.44 -34.01
N LYS A 309 -19.16 4.53 -33.20
CA LYS A 309 -18.20 5.64 -33.21
C LYS A 309 -16.83 5.02 -32.98
N LEU A 310 -15.79 5.69 -33.51
CA LEU A 310 -14.51 5.04 -33.79
C LEU A 310 -13.73 4.59 -32.55
N ARG A 311 -14.36 3.62 -31.88
CA ARG A 311 -13.65 2.61 -31.12
C ARG A 311 -12.74 1.87 -32.09
N ASP A 312 -11.54 1.52 -31.69
CA ASP A 312 -10.71 0.97 -32.73
C ASP A 312 -10.97 -0.46 -33.06
N CYS A 313 -12.00 -0.60 -33.87
CA CYS A 313 -12.49 -1.86 -34.36
C CYS A 313 -11.96 -1.75 -35.75
N TYR A 314 -11.89 -0.51 -36.24
CA TYR A 314 -11.32 -0.38 -37.58
C TYR A 314 -10.08 0.52 -37.60
N ALA A 315 -9.36 0.61 -36.48
CA ALA A 315 -8.14 1.40 -36.49
C ALA A 315 -7.00 0.69 -37.22
N SER A 316 -7.09 -0.63 -37.38
CA SER A 316 -6.10 -1.35 -38.15
C SER A 316 -6.31 -1.23 -39.66
N VAL A 317 -7.42 -0.64 -40.09
CA VAL A 317 -7.64 -0.34 -41.49
C VAL A 317 -7.31 1.12 -41.80
N PHE A 318 -7.66 2.02 -40.88
CA PHE A 318 -7.43 3.44 -41.08
C PHE A 318 -5.95 3.80 -41.15
N LYS A 319 -5.10 3.06 -40.45
CA LYS A 319 -3.67 3.27 -40.59
C LYS A 319 -3.15 2.71 -41.91
N ALA A 320 -3.86 1.75 -42.51
CA ALA A 320 -3.46 1.26 -43.82
C ALA A 320 -3.92 2.19 -44.92
N LEU A 321 -5.03 2.87 -44.72
CA LEU A 321 -5.57 3.78 -45.72
C LEU A 321 -4.71 5.03 -45.85
N GLU A 322 -4.35 5.66 -44.73
CA GLU A 322 -3.51 6.84 -44.80
C GLU A 322 -2.06 6.51 -45.11
N HIS A 323 -1.69 5.22 -45.16
CA HIS A 323 -0.49 4.84 -45.89
C HIS A 323 -0.64 5.13 -47.36
N SER A 324 -1.79 4.79 -47.94
CA SER A 324 -1.99 5.07 -49.35
C SER A 324 -2.21 6.56 -49.59
N ALA A 325 -2.88 7.23 -48.64
CA ALA A 325 -3.02 8.68 -48.73
C ALA A 325 -1.70 9.40 -48.53
N LEU A 326 -0.73 8.76 -47.90
CA LEU A 326 0.62 9.30 -47.85
C LEU A 326 1.29 9.21 -49.21
N ALA A 327 0.82 8.32 -50.08
CA ALA A 327 1.47 8.13 -51.37
C ALA A 327 0.91 9.04 -52.45
N ILE A 328 -0.37 9.42 -52.35
CA ILE A 328 -1.05 10.14 -53.42
C ILE A 328 -1.26 11.60 -53.03
N ASN A 329 -0.69 12.02 -51.89
CA ASN A 329 -0.69 13.41 -51.40
C ASN A 329 -2.10 13.96 -51.19
N HIS A 330 -3.03 13.09 -50.80
CA HIS A 330 -4.39 13.51 -50.51
C HIS A 330 -4.67 13.38 -49.02
N LYS A 331 -5.35 14.38 -48.47
CA LYS A 331 -6.01 14.20 -47.18
C LYS A 331 -7.09 13.15 -47.34
N LEU A 332 -7.25 12.30 -46.32
CA LEU A 332 -8.26 11.27 -46.34
C LEU A 332 -9.39 11.66 -45.41
N ASN A 333 -10.62 11.34 -45.78
CA ASN A 333 -11.79 11.68 -44.99
C ASN A 333 -12.54 10.39 -44.69
N LEU A 334 -12.11 9.71 -43.64
CA LEU A 334 -12.78 8.49 -43.22
C LEU A 334 -14.09 8.85 -42.53
N MET A 335 -15.20 8.40 -43.09
CA MET A 335 -16.51 8.59 -42.49
C MET A 335 -17.20 7.24 -42.32
N TYR A 336 -17.55 6.90 -41.09
CA TYR A 336 -18.23 5.65 -40.84
C TYR A 336 -19.68 5.71 -41.29
N ILE A 337 -20.17 4.61 -41.84
CA ILE A 337 -21.57 4.44 -42.12
C ILE A 337 -22.00 3.12 -41.51
N ASP A 338 -22.91 3.17 -40.55
CA ASP A 338 -23.40 1.95 -39.94
C ASP A 338 -24.27 1.20 -40.94
N SER A 339 -24.09 -0.12 -40.99
CA SER A 339 -24.93 -0.92 -41.87
C SER A 339 -26.34 -1.08 -41.34
N ILE A 340 -26.56 -0.79 -40.05
CA ILE A 340 -27.92 -0.62 -39.54
C ILE A 340 -28.59 0.56 -40.22
N ASP A 341 -27.83 1.64 -40.44
CA ASP A 341 -28.37 2.86 -41.04
C ASP A 341 -28.62 2.74 -42.54
N LEU A 342 -28.42 1.58 -43.15
CA LEU A 342 -28.83 1.35 -44.52
C LEU A 342 -29.97 0.35 -44.62
N GLU A 343 -30.50 -0.11 -43.48
CA GLU A 343 -31.54 -1.12 -43.49
C GLU A 343 -32.90 -0.51 -43.83
N LYS A 344 -33.85 -1.39 -44.16
CA LYS A 344 -35.23 -0.95 -44.35
C LYS A 344 -35.86 -0.53 -43.04
N ILE A 345 -35.38 -1.08 -41.92
CA ILE A 345 -36.08 -0.98 -40.65
C ILE A 345 -35.84 0.39 -40.01
N THR A 346 -34.66 0.97 -40.20
CA THR A 346 -34.35 2.26 -39.59
C THR A 346 -35.14 3.38 -40.26
N GLU A 347 -35.27 3.31 -41.59
CA GLU A 347 -36.05 4.30 -42.33
C GLU A 347 -37.52 4.30 -41.91
N THR A 348 -38.04 3.15 -41.50
CA THR A 348 -39.40 3.07 -40.99
C THR A 348 -39.53 3.78 -39.64
N GLU A 349 -38.53 3.65 -38.77
CA GLU A 349 -38.66 4.17 -37.41
C GLU A 349 -37.88 5.45 -37.14
N ASP A 350 -36.77 5.66 -37.84
CA ASP A 350 -35.96 6.85 -37.65
C ASP A 350 -35.28 7.27 -38.94
N PRO A 351 -35.64 8.51 -39.45
CA PRO A 351 -34.96 8.88 -40.70
C PRO A 351 -33.79 9.81 -40.45
N VAL A 352 -33.55 10.15 -39.19
CA VAL A 352 -32.44 11.04 -38.83
C VAL A 352 -31.10 10.31 -38.92
N LYS A 353 -31.12 9.02 -38.61
CA LYS A 353 -29.90 8.21 -38.65
C LYS A 353 -29.78 7.47 -39.98
N PHE A 354 -30.91 7.20 -40.61
CA PHE A 354 -30.93 6.50 -41.89
C PHE A 354 -30.53 7.43 -43.03
N HIS A 355 -31.27 8.52 -43.19
CA HIS A 355 -30.99 9.49 -44.23
C HIS A 355 -29.59 10.09 -44.08
N GLU A 356 -29.04 9.97 -42.88
CA GLU A 356 -27.71 10.50 -42.59
C GLU A 356 -26.63 9.61 -43.18
N ALA A 357 -26.94 8.33 -43.34
CA ALA A 357 -25.99 7.37 -43.89
C ALA A 357 -25.93 7.46 -45.41
N TRP A 358 -27.10 7.54 -46.04
CA TRP A 358 -27.19 7.64 -47.50
C TRP A 358 -26.52 8.91 -48.00
N GLN A 359 -26.77 10.02 -47.31
CA GLN A 359 -26.19 11.30 -47.69
C GLN A 359 -24.69 11.18 -47.95
N LYS A 360 -24.01 10.43 -47.10
CA LYS A 360 -22.57 10.22 -47.24
C LYS A 360 -22.21 9.12 -48.22
N LEU A 361 -23.11 8.16 -48.47
CA LEU A 361 -22.78 7.06 -49.36
C LEU A 361 -23.03 7.42 -50.83
N CYS A 362 -23.93 8.35 -51.10
CA CYS A 362 -24.12 8.79 -52.48
C CYS A 362 -23.05 9.79 -52.92
N LYS A 363 -22.57 10.62 -52.01
CA LYS A 363 -21.42 11.47 -52.31
C LYS A 363 -20.10 10.74 -52.20
N ALA A 364 -20.12 9.48 -51.82
CA ALA A 364 -18.89 8.72 -51.60
C ALA A 364 -18.18 8.46 -52.91
N ASP A 365 -16.92 8.87 -52.98
CA ASP A 365 -16.05 8.58 -54.11
C ASP A 365 -15.39 7.20 -53.98
N GLY A 366 -15.70 6.46 -52.93
CA GLY A 366 -15.23 5.09 -52.78
C GLY A 366 -15.81 4.46 -51.54
N ILE A 367 -16.20 3.20 -51.65
CA ILE A 367 -16.79 2.46 -50.54
C ILE A 367 -15.71 1.50 -50.04
N LEU A 368 -15.88 1.00 -48.83
CA LEU A 368 -14.99 -0.03 -48.29
C LEU A 368 -15.79 -0.92 -47.35
N VAL A 369 -15.81 -2.22 -47.62
CA VAL A 369 -16.57 -3.17 -46.81
C VAL A 369 -15.59 -4.11 -46.12
N PRO A 370 -15.19 -3.82 -44.89
CA PRO A 370 -14.24 -4.70 -44.19
C PRO A 370 -14.96 -5.86 -43.51
N GLY A 371 -14.19 -6.67 -42.80
CA GLY A 371 -14.67 -7.93 -42.31
C GLY A 371 -15.61 -7.80 -41.12
N GLY A 372 -16.36 -8.86 -40.88
CA GLY A 372 -17.32 -8.89 -39.80
C GLY A 372 -17.98 -10.24 -39.73
N PHE A 373 -18.81 -10.41 -38.71
CA PHE A 373 -19.51 -11.68 -38.47
C PHE A 373 -20.91 -11.40 -37.97
N GLY A 374 -21.75 -12.44 -38.01
CA GLY A 374 -23.05 -12.38 -37.40
C GLY A 374 -24.09 -11.70 -38.27
N ILE A 375 -25.35 -11.79 -37.81
CA ILE A 375 -26.49 -11.32 -38.59
C ILE A 375 -26.59 -9.81 -38.60
N ARG A 376 -25.93 -9.13 -37.67
CA ARG A 376 -25.94 -7.68 -37.64
C ARG A 376 -25.16 -7.14 -38.83
N GLY A 377 -25.78 -6.21 -39.55
CA GLY A 377 -25.10 -5.53 -40.63
C GLY A 377 -25.20 -6.22 -41.98
N THR A 378 -25.24 -7.56 -42.00
CA THR A 378 -25.19 -8.33 -43.25
C THR A 378 -26.33 -7.98 -44.19
N LEU A 379 -27.57 -7.98 -43.68
CA LEU A 379 -28.72 -7.65 -44.51
C LEU A 379 -28.71 -6.18 -44.91
N GLY A 380 -28.08 -5.33 -44.11
CA GLY A 380 -27.91 -3.95 -44.52
C GLY A 380 -26.86 -3.77 -45.61
N LYS A 381 -25.78 -4.54 -45.55
CA LYS A 381 -24.69 -4.36 -46.50
C LYS A 381 -24.99 -4.88 -47.89
N LEU A 382 -26.07 -5.66 -48.05
CA LEU A 382 -26.38 -6.25 -49.35
C LEU A 382 -26.76 -5.21 -50.38
N GLN A 383 -27.29 -4.06 -49.93
CA GLN A 383 -27.63 -2.99 -50.86
C GLN A 383 -26.43 -2.12 -51.18
N ALA A 384 -25.39 -2.14 -50.34
CA ALA A 384 -24.26 -1.24 -50.52
C ALA A 384 -23.40 -1.65 -51.70
N ILE A 385 -23.28 -2.95 -51.96
CA ILE A 385 -22.48 -3.40 -53.09
C ILE A 385 -23.22 -3.12 -54.39
N SER A 386 -24.53 -3.41 -54.42
CA SER A 386 -25.31 -3.19 -55.63
C SER A 386 -25.44 -1.71 -55.95
N TRP A 387 -25.44 -0.85 -54.93
CA TRP A 387 -25.33 0.59 -55.15
C TRP A 387 -24.01 0.93 -55.80
N ALA A 388 -22.94 0.26 -55.37
CA ALA A 388 -21.65 0.44 -56.00
C ALA A 388 -21.54 -0.30 -57.33
N ARG A 389 -22.41 -1.28 -57.56
CA ARG A 389 -22.32 -2.08 -58.77
C ARG A 389 -22.87 -1.32 -59.97
N THR A 390 -24.08 -0.76 -59.83
CA THR A 390 -24.71 -0.08 -60.96
C THR A 390 -24.08 1.28 -61.21
N LYS A 391 -23.92 2.08 -60.16
CA LYS A 391 -23.43 3.44 -60.32
C LYS A 391 -21.92 3.51 -60.39
N LYS A 392 -21.24 2.37 -60.25
CA LYS A 392 -19.83 2.16 -60.60
C LYS A 392 -18.85 2.95 -59.74
N ILE A 393 -19.15 3.17 -58.47
CA ILE A 393 -18.16 3.74 -57.56
C ILE A 393 -17.28 2.61 -57.03
N PRO A 394 -15.96 2.74 -57.03
CA PRO A 394 -15.10 1.60 -56.71
C PRO A 394 -15.13 1.26 -55.22
N PHE A 395 -14.94 -0.03 -54.91
CA PHE A 395 -14.77 -0.44 -53.53
C PHE A 395 -13.92 -1.70 -53.46
N LEU A 396 -13.56 -2.04 -52.24
CA LEU A 396 -12.85 -3.28 -51.91
C LEU A 396 -13.64 -4.04 -50.84
N GLY A 397 -13.82 -5.34 -51.07
CA GLY A 397 -14.41 -6.22 -50.08
C GLY A 397 -13.31 -7.01 -49.39
N VAL A 398 -13.36 -7.01 -48.06
CA VAL A 398 -12.34 -7.64 -47.23
C VAL A 398 -13.04 -8.66 -46.35
N CYS A 399 -12.93 -9.94 -46.70
CA CYS A 399 -13.21 -11.13 -45.88
C CYS A 399 -14.70 -11.36 -45.62
N LEU A 400 -15.52 -10.38 -45.90
CA LEU A 400 -16.96 -10.49 -45.87
C LEU A 400 -17.58 -9.94 -47.14
N GLY A 401 -17.01 -8.86 -47.69
CA GLY A 401 -17.52 -8.30 -48.92
C GLY A 401 -17.32 -9.23 -50.10
N MET A 402 -16.22 -10.00 -50.08
CA MET A 402 -15.99 -10.99 -51.13
C MET A 402 -17.05 -12.09 -51.08
N GLN A 403 -17.50 -12.43 -49.88
CA GLN A 403 -18.67 -13.29 -49.77
C GLN A 403 -19.92 -12.58 -50.27
N LEU A 404 -20.11 -11.34 -49.86
CA LEU A 404 -21.35 -10.64 -50.16
C LEU A 404 -21.43 -10.19 -51.62
N ALA A 405 -20.30 -9.94 -52.27
CA ALA A 405 -20.37 -9.52 -53.66
C ALA A 405 -20.74 -10.69 -54.57
N VAL A 406 -20.30 -11.90 -54.22
CA VAL A 406 -20.67 -13.06 -55.02
C VAL A 406 -22.12 -13.44 -54.75
N ILE A 407 -22.66 -13.07 -53.59
CA ILE A 407 -24.07 -13.34 -53.30
C ILE A 407 -24.97 -12.45 -54.15
N GLU A 408 -24.68 -11.14 -54.19
CA GLU A 408 -25.56 -10.21 -54.88
C GLU A 408 -25.52 -10.39 -56.39
N PHE A 409 -24.42 -10.91 -56.92
CA PHE A 409 -24.23 -10.96 -58.36
C PHE A 409 -25.08 -12.04 -58.99
N ALA A 410 -25.23 -13.18 -58.30
CA ALA A 410 -26.17 -14.20 -58.76
C ALA A 410 -27.60 -13.77 -58.53
N ARG A 411 -27.84 -12.93 -57.52
CA ARG A 411 -29.18 -12.43 -57.30
C ARG A 411 -29.58 -11.42 -58.35
N ASN A 412 -28.64 -10.60 -58.82
CA ASN A 412 -28.96 -9.58 -59.80
C ASN A 412 -28.90 -10.10 -61.24
N CYS A 413 -27.73 -10.60 -61.66
CA CYS A 413 -27.58 -11.03 -63.05
C CYS A 413 -28.28 -12.36 -63.30
N LEU A 414 -28.02 -13.35 -62.45
CA LEU A 414 -28.57 -14.68 -62.67
C LEU A 414 -29.95 -14.86 -62.08
N ASN A 415 -30.48 -13.83 -61.42
CA ASN A 415 -31.84 -13.80 -60.86
C ASN A 415 -32.08 -14.93 -59.87
N LEU A 416 -31.02 -15.37 -59.18
CA LEU A 416 -31.10 -16.44 -58.21
C LEU A 416 -31.16 -15.80 -56.83
N LYS A 417 -32.33 -15.28 -56.48
CA LYS A 417 -32.53 -14.62 -55.20
C LYS A 417 -32.54 -15.62 -54.04
N ASP A 418 -32.71 -16.90 -54.33
CA ASP A 418 -32.79 -17.92 -53.30
C ASP A 418 -31.43 -18.21 -52.67
N ALA A 419 -30.34 -17.83 -53.36
CA ALA A 419 -29.01 -18.18 -52.89
C ALA A 419 -28.57 -17.27 -51.75
N ASP A 420 -27.79 -17.84 -50.85
CA ASP A 420 -27.21 -17.10 -49.72
C ASP A 420 -26.03 -17.91 -49.21
N SER A 421 -25.28 -17.31 -48.30
CA SER A 421 -24.19 -17.99 -47.61
C SER A 421 -24.74 -18.93 -46.55
N THR A 422 -23.98 -19.98 -46.26
CA THR A 422 -24.32 -20.88 -45.17
C THR A 422 -23.77 -20.42 -43.83
N GLU A 423 -23.42 -19.13 -43.71
CA GLU A 423 -23.06 -18.58 -42.41
C GLU A 423 -24.28 -18.52 -41.49
N PHE A 424 -25.42 -18.12 -42.04
CA PHE A 424 -26.55 -17.68 -41.24
C PHE A 424 -27.67 -18.72 -41.18
N ARG A 425 -28.17 -19.14 -42.33
CA ARG A 425 -29.28 -20.10 -42.39
C ARG A 425 -28.81 -21.38 -43.05
N PRO A 426 -28.82 -22.51 -42.34
CA PRO A 426 -28.35 -23.76 -42.97
C PRO A 426 -29.33 -24.32 -43.97
N ASN A 427 -30.62 -24.02 -43.84
CA ASN A 427 -31.62 -24.42 -44.83
C ASN A 427 -31.46 -23.50 -46.04
N ALA A 428 -30.50 -23.87 -46.88
CA ALA A 428 -30.20 -23.10 -48.09
C ALA A 428 -30.57 -23.93 -49.30
N PRO A 429 -31.60 -23.52 -50.06
CA PRO A 429 -31.90 -24.23 -51.31
C PRO A 429 -30.81 -24.08 -52.36
N VAL A 430 -30.17 -22.92 -52.43
CA VAL A 430 -28.94 -22.76 -53.22
C VAL A 430 -27.84 -22.35 -52.25
N PRO A 431 -27.11 -23.29 -51.66
CA PRO A 431 -26.03 -22.92 -50.74
C PRO A 431 -24.81 -22.39 -51.47
N LEU A 432 -24.81 -21.08 -51.77
CA LEU A 432 -23.81 -20.54 -52.67
C LEU A 432 -22.44 -20.42 -52.00
N VAL A 433 -22.41 -20.18 -50.70
CA VAL A 433 -21.15 -20.09 -49.94
C VAL A 433 -21.17 -21.16 -48.87
N ILE A 434 -20.23 -22.11 -48.95
CA ILE A 434 -20.25 -23.32 -48.12
C ILE A 434 -19.14 -23.23 -47.07
N ASP A 435 -19.37 -23.89 -45.95
CA ASP A 435 -18.34 -24.02 -44.93
C ASP A 435 -17.37 -25.12 -45.32
N MET A 436 -16.07 -24.85 -45.18
CA MET A 436 -15.02 -25.84 -45.32
C MET A 436 -13.76 -25.36 -44.61
N PRO A 437 -13.64 -25.64 -43.31
CA PRO A 437 -12.37 -25.36 -42.62
C PRO A 437 -11.30 -26.34 -43.06
N GLU A 438 -10.04 -25.99 -42.75
CA GLU A 438 -8.93 -26.84 -43.16
C GLU A 438 -8.89 -28.09 -42.31
N HIS A 439 -8.92 -29.24 -42.96
CA HIS A 439 -8.78 -30.54 -42.32
C HIS A 439 -7.33 -30.97 -42.56
N ASN A 440 -6.47 -30.59 -41.63
CA ASN A 440 -5.05 -30.82 -41.85
C ASN A 440 -4.54 -31.89 -40.89
N PRO A 441 -3.48 -32.61 -41.27
CA PRO A 441 -2.77 -33.45 -40.30
C PRO A 441 -2.14 -32.57 -39.22
N GLY A 442 -2.43 -32.90 -37.97
CA GLY A 442 -2.06 -32.06 -36.85
C GLY A 442 -3.12 -31.05 -36.45
N ASN A 443 -4.22 -30.97 -37.19
CA ASN A 443 -5.32 -30.07 -36.87
C ASN A 443 -6.62 -30.87 -36.89
N LEU A 444 -7.16 -31.17 -35.70
CA LEU A 444 -8.31 -32.02 -35.56
C LEU A 444 -9.61 -31.22 -35.69
N GLY A 445 -10.56 -31.77 -36.44
CA GLY A 445 -11.86 -31.14 -36.53
C GLY A 445 -11.85 -29.89 -37.39
N GLY A 446 -12.81 -29.01 -37.11
CA GLY A 446 -12.93 -27.77 -37.84
C GLY A 446 -12.03 -26.68 -37.29
N THR A 447 -10.98 -26.34 -38.02
CA THR A 447 -10.01 -25.33 -37.61
C THR A 447 -10.06 -24.18 -38.59
N MET A 448 -10.15 -22.96 -38.05
CA MET A 448 -10.29 -21.76 -38.86
C MET A 448 -9.06 -21.55 -39.72
N ARG A 449 -9.27 -21.12 -40.97
CA ARG A 449 -8.17 -20.88 -41.89
C ARG A 449 -7.36 -19.68 -41.42
N LEU A 450 -6.05 -19.87 -41.25
CA LEU A 450 -5.28 -18.89 -40.51
C LEU A 450 -3.81 -18.98 -40.90
N GLY A 451 -3.17 -17.83 -41.00
CA GLY A 451 -1.74 -17.75 -41.25
C GLY A 451 -1.43 -17.30 -42.67
N ILE A 452 -0.14 -17.25 -42.97
CA ILE A 452 0.33 -16.92 -44.30
C ILE A 452 -0.02 -18.05 -45.26
N ARG A 453 -0.67 -17.71 -46.35
CA ARG A 453 -1.01 -18.68 -47.37
C ARG A 453 -0.67 -18.11 -48.74
N ARG A 454 0.06 -18.90 -49.52
CA ARG A 454 0.33 -18.55 -50.90
C ARG A 454 -0.95 -18.63 -51.73
N THR A 455 -1.17 -17.63 -52.59
CA THR A 455 -2.26 -17.66 -53.56
C THR A 455 -1.75 -17.09 -54.88
N VAL A 456 -1.87 -17.88 -55.95
CA VAL A 456 -1.29 -17.58 -57.26
C VAL A 456 -2.35 -16.93 -58.13
N PHE A 457 -1.96 -15.89 -58.85
CA PHE A 457 -2.85 -15.30 -59.85
C PHE A 457 -2.89 -16.21 -61.07
N LYS A 458 -4.10 -16.53 -61.53
CA LYS A 458 -4.23 -17.42 -62.69
C LYS A 458 -3.88 -16.69 -63.98
N THR A 459 -4.66 -15.66 -64.32
CA THR A 459 -4.65 -15.05 -65.64
C THR A 459 -4.27 -13.59 -65.55
N GLU A 460 -3.97 -13.02 -66.71
CA GLU A 460 -3.25 -11.75 -66.77
C GLU A 460 -4.16 -10.56 -66.49
N ASN A 461 -5.42 -10.62 -66.89
CA ASN A 461 -6.30 -9.45 -66.82
C ASN A 461 -6.81 -9.19 -65.39
N SER A 462 -5.86 -8.91 -64.51
CA SER A 462 -6.11 -8.47 -63.16
C SER A 462 -5.45 -7.12 -62.97
N ILE A 463 -6.20 -6.16 -62.44
CA ILE A 463 -5.60 -4.90 -62.09
C ILE A 463 -4.80 -5.04 -60.80
N LEU A 464 -5.04 -6.10 -60.03
CA LEU A 464 -4.25 -6.36 -58.84
C LEU A 464 -2.86 -6.88 -59.18
N ARG A 465 -2.72 -7.62 -60.29
CA ARG A 465 -1.44 -8.24 -60.62
C ARG A 465 -0.39 -7.20 -60.96
N LYS A 466 -0.79 -6.14 -61.65
CA LYS A 466 0.15 -5.07 -61.95
C LYS A 466 0.54 -4.29 -60.70
N LEU A 467 -0.31 -4.29 -59.67
CA LEU A 467 -0.02 -3.53 -58.46
C LEU A 467 1.00 -4.23 -57.57
N TYR A 468 0.89 -5.54 -57.42
CA TYR A 468 1.90 -6.27 -56.67
C TYR A 468 3.22 -6.35 -57.42
N GLY A 469 3.21 -6.26 -58.74
CA GLY A 469 4.43 -6.27 -59.51
C GLY A 469 4.54 -7.43 -60.46
N ASP A 470 3.38 -7.95 -60.91
CA ASP A 470 3.25 -9.03 -61.88
C ASP A 470 3.94 -10.32 -61.44
N VAL A 471 4.11 -10.51 -60.14
CA VAL A 471 4.59 -11.78 -59.61
C VAL A 471 3.44 -12.76 -59.72
N PRO A 472 3.70 -14.06 -59.91
CA PRO A 472 2.57 -15.01 -60.05
C PRO A 472 1.81 -15.22 -58.76
N PHE A 473 2.49 -15.28 -57.62
CA PHE A 473 1.82 -15.53 -56.36
C PHE A 473 2.09 -14.41 -55.37
N ILE A 474 1.11 -14.19 -54.50
CA ILE A 474 1.22 -13.24 -53.40
C ILE A 474 1.07 -14.03 -52.11
N GLU A 475 1.51 -13.42 -51.01
CA GLU A 475 1.60 -14.08 -49.72
C GLU A 475 0.86 -13.23 -48.70
N GLU A 476 -0.35 -13.66 -48.30
CA GLU A 476 -1.18 -12.89 -47.39
C GLU A 476 -1.73 -13.78 -46.29
N ARG A 477 -2.52 -13.17 -45.40
CA ARG A 477 -3.00 -13.80 -44.19
C ARG A 477 -4.46 -13.47 -43.96
N HIS A 478 -5.20 -14.43 -43.39
CA HIS A 478 -6.63 -14.25 -43.20
C HIS A 478 -7.16 -15.18 -42.12
N ARG A 479 -8.32 -14.81 -41.57
CA ARG A 479 -9.02 -15.61 -40.56
C ARG A 479 -10.51 -15.67 -40.94
N HIS A 480 -10.87 -16.68 -41.72
CA HIS A 480 -12.25 -16.83 -42.13
C HIS A 480 -12.53 -18.31 -42.37
N ARG A 481 -13.81 -18.66 -42.32
CA ARG A 481 -14.23 -20.05 -42.31
C ARG A 481 -14.93 -20.49 -43.57
N PHE A 482 -15.34 -19.58 -44.43
CA PHE A 482 -16.35 -19.87 -45.43
C PHE A 482 -15.81 -19.63 -46.84
N GLU A 483 -16.30 -20.42 -47.79
CA GLU A 483 -15.91 -20.32 -49.18
C GLU A 483 -17.11 -20.50 -50.08
N VAL A 484 -17.07 -19.86 -51.24
CA VAL A 484 -17.99 -20.21 -52.32
C VAL A 484 -17.71 -21.66 -52.73
N ASN A 485 -18.77 -22.40 -53.01
CA ASN A 485 -18.63 -23.79 -53.42
C ASN A 485 -17.96 -23.85 -54.79
N PRO A 486 -16.88 -24.62 -54.95
CA PRO A 486 -16.32 -24.83 -56.29
C PRO A 486 -17.28 -25.49 -57.27
N ASN A 487 -18.28 -26.22 -56.77
CA ASN A 487 -19.34 -26.70 -57.64
C ASN A 487 -20.19 -25.55 -58.16
N LEU A 488 -20.46 -24.55 -57.32
CA LEU A 488 -21.30 -23.40 -57.64
C LEU A 488 -20.62 -22.39 -58.56
N ILE A 489 -19.38 -22.65 -58.99
CA ILE A 489 -18.71 -21.79 -59.98
C ILE A 489 -19.44 -21.90 -61.33
N LYS A 490 -20.02 -23.07 -61.62
CA LYS A 490 -20.74 -23.39 -62.85
C LYS A 490 -21.80 -22.34 -63.19
N GLN A 491 -22.36 -21.71 -62.16
CA GLN A 491 -23.31 -20.62 -62.29
C GLN A 491 -22.69 -19.37 -62.90
N PHE A 492 -21.38 -19.14 -62.72
CA PHE A 492 -20.83 -17.88 -63.22
C PHE A 492 -19.68 -18.11 -64.19
N GLU A 493 -19.63 -19.24 -64.87
CA GLU A 493 -18.55 -19.44 -65.82
C GLU A 493 -18.62 -18.60 -67.12
N GLN A 494 -19.47 -17.57 -67.20
CA GLN A 494 -19.53 -16.77 -68.42
C GLN A 494 -19.61 -15.26 -68.21
N ASN A 495 -19.92 -14.78 -67.00
CA ASN A 495 -20.18 -13.37 -66.78
C ASN A 495 -18.92 -12.52 -66.70
N ASP A 496 -19.11 -11.23 -66.40
CA ASP A 496 -18.04 -10.27 -66.21
C ASP A 496 -17.38 -10.36 -64.84
N LEU A 497 -17.95 -11.12 -63.92
CA LEU A 497 -17.39 -11.30 -62.59
C LEU A 497 -16.78 -12.69 -62.54
N SER A 498 -15.48 -12.77 -62.74
CA SER A 498 -14.81 -14.06 -62.76
C SER A 498 -13.74 -14.10 -61.69
N PHE A 499 -13.45 -15.32 -61.25
CA PHE A 499 -12.51 -15.54 -60.16
C PHE A 499 -11.09 -15.55 -60.71
N VAL A 500 -10.17 -14.97 -59.96
CA VAL A 500 -8.83 -14.68 -60.43
C VAL A 500 -7.78 -15.52 -59.72
N GLY A 501 -7.77 -15.49 -58.40
CA GLY A 501 -6.71 -16.16 -57.66
C GLY A 501 -6.97 -17.64 -57.46
N GLN A 502 -5.88 -18.37 -57.19
CA GLN A 502 -5.92 -19.74 -56.71
C GLN A 502 -4.72 -19.98 -55.81
N ASP A 503 -4.90 -20.79 -54.77
CA ASP A 503 -3.80 -21.17 -53.91
C ASP A 503 -2.98 -22.30 -54.53
N VAL A 504 -2.21 -23.00 -53.71
CA VAL A 504 -1.29 -24.05 -54.18
C VAL A 504 -2.05 -25.15 -54.90
N ASP A 505 -3.14 -25.63 -54.32
CA ASP A 505 -3.89 -26.70 -54.96
C ASP A 505 -5.01 -26.18 -55.87
N GLY A 506 -5.88 -25.31 -55.35
CA GLY A 506 -6.91 -24.72 -56.20
C GLY A 506 -8.34 -24.97 -55.79
N ASP A 507 -8.57 -25.30 -54.52
CA ASP A 507 -9.91 -25.63 -54.04
C ASP A 507 -10.70 -24.40 -53.59
N ARG A 508 -10.11 -23.21 -53.69
CA ARG A 508 -10.79 -21.96 -53.42
C ARG A 508 -10.14 -20.87 -54.26
N MET A 509 -10.81 -19.72 -54.34
CA MET A 509 -10.48 -18.71 -55.34
C MET A 509 -10.00 -17.39 -54.75
N GLU A 510 -10.60 -16.95 -53.64
CA GLU A 510 -10.11 -15.90 -52.77
C GLU A 510 -10.15 -14.48 -53.33
N ILE A 511 -10.41 -14.29 -54.62
CA ILE A 511 -10.23 -12.99 -55.29
C ILE A 511 -11.22 -12.88 -56.44
N ILE A 512 -11.94 -11.76 -56.51
CA ILE A 512 -12.83 -11.47 -57.64
C ILE A 512 -12.46 -10.14 -58.29
N GLU A 513 -12.75 -10.03 -59.59
CA GLU A 513 -12.78 -8.76 -60.30
C GLU A 513 -13.95 -8.74 -61.26
N LEU A 514 -14.48 -7.54 -61.50
CA LEU A 514 -15.59 -7.32 -62.42
C LEU A 514 -15.10 -6.46 -63.59
N ALA A 515 -15.53 -6.83 -64.80
CA ALA A 515 -15.05 -6.18 -66.01
C ALA A 515 -15.64 -4.78 -66.17
N ASN A 516 -16.97 -4.68 -66.32
CA ASN A 516 -17.63 -3.41 -66.64
C ASN A 516 -17.78 -2.50 -65.43
N HIS A 517 -16.63 -2.08 -64.91
CA HIS A 517 -16.56 -1.31 -63.67
C HIS A 517 -15.16 -0.71 -63.61
N PRO A 518 -14.99 0.45 -62.97
CA PRO A 518 -13.63 0.98 -62.81
C PRO A 518 -12.74 0.09 -61.94
N TYR A 519 -13.19 -0.27 -60.75
CA TYR A 519 -12.35 -1.02 -59.83
C TYR A 519 -13.26 -1.75 -58.86
N PHE A 520 -13.39 -3.06 -59.05
CA PHE A 520 -14.32 -3.89 -58.29
C PHE A 520 -13.51 -5.08 -57.80
N VAL A 521 -13.01 -5.02 -56.59
CA VAL A 521 -12.21 -6.11 -56.05
C VAL A 521 -12.84 -6.58 -54.75
N GLY A 522 -12.75 -7.88 -54.52
CA GLY A 522 -13.20 -8.46 -53.28
C GLY A 522 -12.29 -9.60 -52.93
N VAL A 523 -11.68 -9.57 -51.74
CA VAL A 523 -10.67 -10.53 -51.39
C VAL A 523 -11.04 -11.20 -50.08
N GLN A 524 -10.69 -12.48 -49.97
CA GLN A 524 -10.87 -13.18 -48.70
C GLN A 524 -9.76 -12.84 -47.71
N PHE A 525 -8.54 -12.62 -48.20
CA PHE A 525 -7.46 -12.28 -47.29
C PHE A 525 -7.62 -10.85 -46.79
N HIS A 526 -7.16 -10.61 -45.57
CA HIS A 526 -7.04 -9.26 -45.03
C HIS A 526 -5.80 -8.58 -45.58
N PRO A 527 -5.93 -7.56 -46.43
CA PRO A 527 -4.76 -6.83 -46.92
C PRO A 527 -4.42 -5.61 -46.07
N GLU A 528 -4.42 -5.76 -44.76
CA GLU A 528 -4.09 -4.65 -43.89
C GLU A 528 -2.84 -4.88 -43.08
N PHE A 529 -2.37 -6.11 -43.00
CA PHE A 529 -1.40 -6.47 -41.98
C PHE A 529 0.02 -6.48 -42.51
N SER A 530 0.20 -6.09 -43.77
CA SER A 530 1.51 -5.85 -44.35
C SER A 530 1.71 -4.40 -44.74
N SER A 531 0.70 -3.56 -44.55
CA SER A 531 0.78 -2.17 -45.00
C SER A 531 1.72 -1.38 -44.10
N ARG A 532 2.71 -0.74 -44.70
CA ARG A 532 3.72 0.00 -44.00
C ARG A 532 3.70 1.44 -44.52
N PRO A 533 4.26 2.39 -43.78
CA PRO A 533 4.28 3.78 -44.29
C PRO A 533 5.17 4.00 -45.50
N MET A 534 6.01 3.04 -45.86
CA MET A 534 6.85 3.20 -47.05
C MET A 534 6.10 2.68 -48.27
N LYS A 535 5.76 1.40 -48.27
CA LYS A 535 4.92 0.86 -49.34
C LYS A 535 3.54 0.54 -48.80
N PRO A 536 2.49 1.06 -49.40
CA PRO A 536 1.14 0.82 -48.88
C PRO A 536 0.66 -0.57 -49.25
N SER A 537 -0.56 -0.87 -48.87
CA SER A 537 -1.17 -2.13 -49.26
C SER A 537 -1.56 -2.07 -50.72
N PRO A 538 -1.19 -3.06 -51.53
CA PRO A 538 -1.42 -2.97 -52.98
C PRO A 538 -2.88 -3.01 -53.39
N PRO A 539 -3.80 -3.69 -52.69
CA PRO A 539 -5.22 -3.41 -53.00
C PRO A 539 -5.66 -2.04 -52.54
N TYR A 540 -5.23 -1.58 -51.37
CA TYR A 540 -5.69 -0.29 -50.88
C TYR A 540 -5.07 0.87 -51.66
N LEU A 541 -3.88 0.69 -52.23
CA LEU A 541 -3.25 1.77 -52.96
C LEU A 541 -4.00 2.06 -54.26
N GLY A 542 -4.41 1.00 -54.96
CA GLY A 542 -5.19 1.19 -56.17
C GLY A 542 -6.57 1.73 -55.87
N LEU A 543 -7.10 1.44 -54.68
CA LEU A 543 -8.43 1.88 -54.32
C LEU A 543 -8.48 3.39 -54.16
N LEU A 544 -7.44 3.99 -53.59
CA LEU A 544 -7.37 5.44 -53.60
C LEU A 544 -7.00 5.98 -54.97
N LEU A 545 -6.31 5.18 -55.78
CA LEU A 545 -6.02 5.60 -57.15
C LEU A 545 -7.29 5.60 -57.99
N ALA A 546 -8.20 4.65 -57.74
CA ALA A 546 -9.47 4.68 -58.45
C ALA A 546 -10.36 5.81 -57.96
N ALA A 547 -10.18 6.24 -56.71
CA ALA A 547 -11.00 7.32 -56.19
C ALA A 547 -10.62 8.66 -56.82
N THR A 548 -9.33 8.87 -57.05
CA THR A 548 -8.86 10.07 -57.71
C THR A 548 -8.78 9.92 -59.22
N GLY A 549 -9.13 8.74 -59.75
CA GLY A 549 -9.11 8.51 -61.17
C GLY A 549 -7.75 8.24 -61.78
N ASN A 550 -6.68 8.35 -61.01
CA ASN A 550 -5.32 8.16 -61.50
C ASN A 550 -4.90 6.70 -61.57
N LEU A 551 -5.86 5.77 -61.50
CA LEU A 551 -5.54 4.36 -61.51
C LEU A 551 -5.02 3.94 -62.87
N ASN A 552 -5.59 4.48 -63.95
CA ASN A 552 -4.98 4.32 -65.27
C ASN A 552 -3.66 5.07 -65.34
N ALA A 553 -3.57 6.23 -64.69
CA ALA A 553 -2.36 7.02 -64.71
C ALA A 553 -1.21 6.37 -63.97
N TYR A 554 -1.49 5.48 -63.01
CA TYR A 554 -0.41 4.75 -62.37
C TYR A 554 0.19 3.71 -63.30
N LEU A 555 -0.62 3.10 -64.16
CA LEU A 555 -0.12 2.08 -65.07
C LEU A 555 0.33 2.64 -66.40
N GLN A 556 0.20 3.95 -66.60
CA GLN A 556 0.87 4.57 -67.74
C GLN A 556 2.37 4.55 -67.56
N GLN A 557 2.84 4.70 -66.32
CA GLN A 557 4.28 4.59 -66.06
C GLN A 557 4.75 3.14 -66.19
N GLY A 558 4.10 2.22 -65.49
CA GLY A 558 4.45 0.81 -65.61
C GLY A 558 5.71 0.46 -64.83
N CYS A 559 6.75 -0.04 -65.49
CA CYS A 559 6.73 -0.30 -66.93
C CYS A 559 6.93 -1.80 -67.21
N MET B 1 -24.56 15.13 15.46
CA MET B 1 -24.79 16.04 14.33
C MET B 1 -24.45 15.34 13.02
N LYS B 2 -25.24 15.59 11.99
CA LYS B 2 -25.01 14.97 10.69
C LYS B 2 -23.79 15.61 10.04
N TYR B 3 -22.85 14.78 9.59
CA TYR B 3 -21.59 15.26 9.04
C TYR B 3 -21.42 14.75 7.63
N ILE B 4 -21.01 15.64 6.73
CA ILE B 4 -20.70 15.27 5.36
C ILE B 4 -19.23 15.56 5.15
N LEU B 5 -18.49 14.54 4.73
CA LEU B 5 -17.05 14.63 4.54
C LEU B 5 -16.80 14.43 3.05
N VAL B 6 -16.53 15.52 2.35
CA VAL B 6 -16.12 15.39 0.96
C VAL B 6 -14.63 15.08 1.02
N THR B 7 -14.05 14.69 -0.11
CA THR B 7 -12.62 14.37 -0.12
C THR B 7 -12.02 14.94 -1.39
N GLY B 8 -11.18 14.17 -2.03
CA GLY B 8 -10.53 14.63 -3.23
C GLY B 8 -10.30 13.48 -4.16
N GLY B 9 -10.25 13.79 -5.45
CA GLY B 9 -10.09 12.71 -6.37
C GLY B 9 -8.63 12.61 -6.76
N VAL B 10 -8.38 12.58 -8.05
CA VAL B 10 -7.02 12.42 -8.53
C VAL B 10 -6.23 13.71 -8.34
N ILE B 11 -6.61 14.78 -9.02
CA ILE B 11 -5.88 16.04 -8.96
C ILE B 11 -6.55 16.97 -7.97
N SER B 12 -5.79 17.96 -7.52
CA SER B 12 -6.27 18.85 -6.48
C SER B 12 -7.33 19.80 -7.02
N GLY B 13 -7.06 20.46 -8.14
CA GLY B 13 -7.96 21.49 -8.63
C GLY B 13 -9.20 21.03 -9.38
N ILE B 14 -9.97 20.13 -8.77
CA ILE B 14 -11.20 19.66 -9.39
C ILE B 14 -12.33 20.66 -9.22
N GLY B 15 -12.46 21.25 -8.04
CA GLY B 15 -13.78 21.76 -7.74
C GLY B 15 -14.34 21.16 -6.48
N LYS B 16 -13.47 20.98 -5.49
CA LYS B 16 -13.87 20.44 -4.20
C LYS B 16 -14.84 21.38 -3.52
N GLY B 17 -14.45 22.65 -3.39
CA GLY B 17 -15.28 23.63 -2.72
C GLY B 17 -16.53 23.96 -3.48
N ILE B 18 -16.56 23.71 -4.79
CA ILE B 18 -17.78 24.02 -5.53
C ILE B 18 -18.79 22.91 -5.34
N ILE B 19 -18.37 21.74 -4.87
CA ILE B 19 -19.30 20.66 -4.61
C ILE B 19 -19.75 20.68 -3.15
N ALA B 20 -18.79 20.88 -2.24
CA ALA B 20 -19.11 20.88 -0.83
C ALA B 20 -20.00 22.07 -0.44
N SER B 21 -19.78 23.22 -1.07
CA SER B 21 -20.68 24.33 -0.86
C SER B 21 -22.03 24.08 -1.50
N SER B 22 -22.05 23.43 -2.66
CA SER B 22 -23.30 23.21 -3.36
C SER B 22 -24.19 22.24 -2.60
N ILE B 23 -23.63 21.14 -2.09
CA ILE B 23 -24.43 20.28 -1.25
C ILE B 23 -24.70 20.93 0.10
N GLY B 24 -23.89 21.92 0.48
CA GLY B 24 -24.26 22.73 1.62
C GLY B 24 -25.40 23.68 1.31
N THR B 25 -25.29 24.40 0.18
CA THR B 25 -26.28 25.43 -0.11
C THR B 25 -27.58 24.87 -0.67
N ILE B 26 -27.61 23.60 -1.07
CA ILE B 26 -28.89 22.94 -1.25
C ILE B 26 -29.55 22.75 0.10
N LEU B 27 -28.79 22.27 1.08
CA LEU B 27 -29.34 22.03 2.40
C LEU B 27 -29.65 23.33 3.13
N LYS B 28 -29.02 24.44 2.74
CA LYS B 28 -29.43 25.73 3.27
C LYS B 28 -30.78 26.13 2.68
N SER B 29 -31.01 25.78 1.42
CA SER B 29 -32.33 25.98 0.84
C SER B 29 -33.33 24.97 1.36
N CYS B 30 -32.85 23.87 1.94
CA CYS B 30 -33.75 22.92 2.58
C CYS B 30 -34.28 23.42 3.91
N GLY B 31 -33.63 24.40 4.52
CA GLY B 31 -34.06 24.89 5.82
C GLY B 31 -33.25 24.25 6.92
N LEU B 32 -31.94 24.16 6.72
CA LEU B 32 -31.03 23.58 7.70
C LEU B 32 -29.89 24.54 7.98
N ARG B 33 -29.47 24.60 9.24
CA ARG B 33 -28.35 25.45 9.62
C ARG B 33 -27.06 24.71 9.33
N VAL B 34 -26.13 25.39 8.66
CA VAL B 34 -24.96 24.77 8.05
C VAL B 34 -23.72 25.40 8.65
N THR B 35 -22.70 24.59 8.90
CA THR B 35 -21.35 25.11 9.13
C THR B 35 -20.43 24.59 8.03
N ALA B 36 -19.15 24.89 8.18
CA ALA B 36 -18.15 24.42 7.23
C ALA B 36 -16.82 24.35 7.95
N ILE B 37 -16.11 23.24 7.75
CA ILE B 37 -14.79 23.02 8.31
C ILE B 37 -13.91 22.52 7.18
N LYS B 38 -12.83 23.23 6.90
CA LYS B 38 -11.91 22.84 5.85
C LYS B 38 -10.64 22.28 6.46
N ILE B 39 -10.37 21.01 6.20
CA ILE B 39 -9.19 20.35 6.71
C ILE B 39 -8.10 20.63 5.70
N ASP B 40 -6.94 21.08 6.18
CA ASP B 40 -5.87 21.38 5.26
C ASP B 40 -4.59 20.65 5.63
N PRO B 41 -3.98 19.93 4.71
CA PRO B 41 -2.81 19.14 5.06
C PRO B 41 -1.51 19.93 4.97
N TYR B 42 -1.56 21.19 4.53
CA TYR B 42 -0.33 21.93 4.37
C TYR B 42 0.10 22.40 5.74
N ILE B 43 1.38 22.16 6.05
CA ILE B 43 1.94 22.38 7.38
C ILE B 43 1.81 23.82 7.83
N ASN B 44 1.97 24.77 6.90
CA ASN B 44 2.02 26.19 7.25
C ASN B 44 0.76 26.65 7.99
N ILE B 45 0.98 27.28 9.13
CA ILE B 45 -0.11 27.85 9.90
C ILE B 45 -0.35 29.24 9.35
N ASP B 46 -1.62 29.69 9.37
CA ASP B 46 -2.00 31.09 9.22
C ASP B 46 -1.50 31.68 7.90
N ALA B 47 -2.17 31.24 6.82
CA ALA B 47 -1.79 31.41 5.41
C ALA B 47 -1.30 32.79 4.98
N GLY B 48 -1.63 33.83 5.74
CA GLY B 48 -1.31 35.23 5.49
C GLY B 48 0.12 35.63 5.09
N THR B 49 1.08 34.75 5.33
CA THR B 49 2.45 35.00 4.89
C THR B 49 2.75 34.34 3.54
N PHE B 50 1.71 33.91 2.83
CA PHE B 50 1.91 33.41 1.47
C PHE B 50 2.26 34.53 0.52
N SER B 51 3.10 34.22 -0.45
CA SER B 51 2.99 34.89 -1.72
C SER B 51 1.72 34.39 -2.38
N PRO B 52 0.92 35.27 -2.96
CA PRO B 52 -0.39 34.81 -3.44
C PRO B 52 -0.36 34.13 -4.80
N TYR B 53 0.81 33.69 -5.25
CA TYR B 53 0.92 33.03 -6.54
C TYR B 53 0.97 31.52 -6.41
N GLU B 54 1.28 31.01 -5.22
CA GLU B 54 1.27 29.57 -4.99
C GLU B 54 -0.16 29.05 -4.86
N HIS B 55 -0.90 29.64 -3.95
CA HIS B 55 -2.23 29.17 -3.72
C HIS B 55 -3.33 30.06 -4.22
N GLY B 56 -3.32 31.29 -3.79
CA GLY B 56 -4.26 32.29 -4.24
C GLY B 56 -4.20 33.48 -3.29
N GLU B 57 -5.24 34.31 -3.34
CA GLU B 57 -5.27 35.50 -2.50
C GLU B 57 -5.57 35.04 -1.07
N VAL B 58 -5.55 35.96 -0.10
CA VAL B 58 -5.96 35.49 1.22
C VAL B 58 -7.47 35.59 1.18
N PHE B 59 -8.21 35.00 2.11
CA PHE B 59 -9.38 35.54 2.81
C PHE B 59 -9.15 36.08 4.22
N VAL B 60 -10.04 36.99 4.62
CA VAL B 60 -9.92 37.72 5.87
C VAL B 60 -11.22 37.47 6.64
N LEU B 61 -11.11 37.00 7.87
CA LEU B 61 -12.28 36.79 8.71
C LEU B 61 -12.50 37.93 9.70
N ASN B 62 -13.52 37.74 10.54
CA ASN B 62 -13.98 38.79 11.43
C ASN B 62 -13.01 38.94 12.59
N ASP B 63 -12.65 37.83 13.22
CA ASP B 63 -11.81 37.80 14.40
C ASP B 63 -10.32 37.92 14.08
N GLY B 64 -9.96 38.17 12.82
CA GLY B 64 -8.55 38.25 12.48
C GLY B 64 -8.04 37.15 11.59
N GLY B 65 -8.86 36.72 10.64
CA GLY B 65 -8.47 35.60 9.79
C GLY B 65 -7.49 36.02 8.70
N GLU B 66 -6.67 35.05 8.29
CA GLU B 66 -5.75 35.14 7.16
C GLU B 66 -5.82 33.83 6.39
N VAL B 67 -6.95 33.16 6.60
CA VAL B 67 -7.36 31.87 6.07
C VAL B 67 -7.31 31.83 4.59
N ASP B 68 -6.91 30.69 4.07
CA ASP B 68 -6.71 30.43 2.68
C ASP B 68 -7.67 31.09 1.74
N LEU B 69 -8.68 30.34 1.33
CA LEU B 69 -9.65 30.80 0.42
C LEU B 69 -10.72 29.81 0.37
N ASP B 70 -10.54 28.85 -0.47
CA ASP B 70 -11.70 27.98 -0.45
C ASP B 70 -12.65 28.32 0.67
N LEU B 71 -12.11 28.76 1.81
CA LEU B 71 -12.93 29.17 2.94
C LEU B 71 -13.79 30.35 2.55
N GLY B 72 -13.24 31.23 1.71
CA GLY B 72 -13.95 32.40 1.23
C GLY B 72 -15.16 31.99 0.42
N ASN B 73 -15.00 30.95 -0.39
CA ASN B 73 -16.07 30.45 -1.24
C ASN B 73 -17.25 30.01 -0.41
N TYR B 74 -17.01 29.30 0.72
CA TYR B 74 -18.11 28.90 1.58
C TYR B 74 -18.83 30.12 2.12
N GLU B 75 -18.07 31.12 2.57
CA GLU B 75 -18.65 32.33 3.16
C GLU B 75 -19.59 33.02 2.17
N ARG B 76 -19.11 33.20 0.94
CA ARG B 76 -19.87 33.85 -0.12
C ARG B 76 -21.12 33.09 -0.54
N PHE B 77 -21.04 31.75 -0.61
CA PHE B 77 -22.23 30.99 -1.00
C PHE B 77 -23.24 30.72 0.10
N LEU B 78 -22.89 30.78 1.39
CA LEU B 78 -23.84 30.31 2.40
C LEU B 78 -24.50 31.32 3.32
N ASP B 79 -24.10 32.60 3.30
CA ASP B 79 -24.56 33.75 4.13
C ASP B 79 -23.85 33.68 5.48
N ILE B 80 -23.05 32.63 5.68
CA ILE B 80 -22.23 32.40 6.85
C ILE B 80 -21.04 33.32 6.85
N ASN B 81 -20.77 33.93 8.01
CA ASN B 81 -19.45 34.45 8.34
C ASN B 81 -18.85 33.62 9.48
N LEU B 82 -17.55 33.37 9.38
CA LEU B 82 -16.87 32.27 10.03
C LEU B 82 -15.99 32.73 11.19
N TYR B 83 -15.23 31.79 11.75
CA TYR B 83 -14.21 32.07 12.75
C TYR B 83 -12.90 31.47 12.24
N LYS B 84 -11.78 31.92 12.80
CA LYS B 84 -10.49 31.49 12.27
C LYS B 84 -10.09 30.09 12.72
N ASP B 85 -10.83 29.49 13.64
CA ASP B 85 -10.43 28.23 14.23
C ASP B 85 -11.08 27.02 13.57
N ASN B 86 -11.75 27.18 12.42
CA ASN B 86 -12.12 26.03 11.63
C ASN B 86 -11.31 25.91 10.34
N ASN B 87 -10.39 26.83 10.09
CA ASN B 87 -9.29 26.58 9.18
C ASN B 87 -8.31 25.72 9.96
N ILE B 88 -8.56 24.44 9.98
CA ILE B 88 -7.82 23.53 10.83
C ILE B 88 -6.73 22.93 9.97
N THR B 89 -5.54 23.49 10.10
CA THR B 89 -4.39 23.05 9.35
C THR B 89 -3.60 22.03 10.15
N THR B 90 -2.65 21.41 9.49
CA THR B 90 -1.77 20.47 10.16
C THR B 90 -0.89 21.18 11.18
N GLY B 91 -0.41 22.37 10.83
CA GLY B 91 0.34 23.19 11.78
C GLY B 91 -0.49 23.76 12.91
N LYS B 92 -1.81 23.82 12.73
CA LYS B 92 -2.66 24.24 13.85
C LYS B 92 -2.77 23.12 14.87
N ILE B 93 -2.78 21.87 14.42
CA ILE B 93 -2.96 20.74 15.32
C ILE B 93 -1.71 20.49 16.12
N TYR B 94 -0.57 20.50 15.44
CA TYR B 94 0.69 20.21 16.09
C TYR B 94 1.05 21.31 17.09
N GLN B 95 0.77 22.56 16.75
CA GLN B 95 1.00 23.63 17.71
C GLN B 95 0.01 23.57 18.86
N HIS B 96 -1.16 22.94 18.64
CA HIS B 96 -2.08 22.62 19.72
C HIS B 96 -1.62 21.41 20.54
N VAL B 97 -0.77 20.57 20.00
CA VAL B 97 -0.36 19.35 20.69
C VAL B 97 1.03 19.49 21.31
N ILE B 98 1.97 20.11 20.60
CA ILE B 98 3.28 20.36 21.17
C ILE B 98 3.19 21.35 22.34
N ASN B 99 2.20 22.25 22.33
CA ASN B 99 1.90 23.09 23.48
C ASN B 99 1.05 22.41 24.55
N LYS B 100 0.86 21.10 24.50
CA LYS B 100 0.19 20.40 25.58
C LYS B 100 1.08 19.38 26.26
N GLU B 101 2.06 18.86 25.56
CA GLU B 101 3.00 17.93 26.15
C GLU B 101 4.09 18.61 26.95
N ARG B 102 4.18 19.93 26.91
CA ARG B 102 4.97 20.64 27.90
C ARG B 102 4.14 20.91 29.15
N ARG B 103 2.82 20.97 28.99
CA ARG B 103 1.92 21.07 30.12
C ARG B 103 1.83 19.77 30.88
N GLY B 104 2.14 18.64 30.23
CA GLY B 104 1.99 17.34 30.85
C GLY B 104 0.59 16.82 30.86
N ASP B 105 -0.29 17.36 30.02
CA ASP B 105 -1.71 17.05 30.10
C ASP B 105 -2.07 15.68 29.54
N TYR B 106 -1.12 14.98 28.94
CA TYR B 106 -1.34 13.59 28.54
C TYR B 106 -0.85 12.60 29.60
N LEU B 107 -0.59 13.10 30.82
CA LEU B 107 -0.28 12.29 32.01
C LEU B 107 0.98 11.46 31.83
N GLY B 108 1.99 12.05 31.18
CA GLY B 108 3.27 11.38 30.97
C GLY B 108 3.29 10.36 29.85
N LYS B 109 2.15 10.08 29.23
CA LYS B 109 2.08 9.09 28.18
C LYS B 109 2.67 9.64 26.89
N THR B 110 3.42 8.83 26.18
CA THR B 110 4.04 9.28 24.93
C THR B 110 2.97 9.44 23.87
N VAL B 111 2.92 10.61 23.24
CA VAL B 111 1.91 10.85 22.23
C VAL B 111 2.46 10.53 20.85
N GLN B 112 1.68 9.79 20.09
CA GLN B 112 1.98 9.38 18.73
C GLN B 112 0.84 9.85 17.81
N VAL B 113 1.06 9.74 16.50
CA VAL B 113 0.09 10.21 15.51
C VAL B 113 -1.28 9.55 15.67
N VAL B 114 -1.31 8.27 16.02
CA VAL B 114 -2.55 7.58 16.38
C VAL B 114 -2.41 7.13 17.82
N PRO B 115 -3.37 7.43 18.71
CA PRO B 115 -4.59 8.21 18.52
C PRO B 115 -4.51 9.68 18.93
N HIS B 116 -3.42 10.10 19.54
CA HIS B 116 -3.41 11.37 20.26
C HIS B 116 -3.38 12.60 19.36
N ILE B 117 -3.08 12.44 18.08
CA ILE B 117 -3.41 13.48 17.11
C ILE B 117 -4.83 13.31 16.62
N THR B 118 -5.21 12.09 16.26
CA THR B 118 -6.53 11.85 15.72
C THR B 118 -7.61 12.00 16.78
N ASP B 119 -7.25 11.93 18.07
CA ASP B 119 -8.18 12.37 19.10
C ASP B 119 -8.34 13.87 19.08
N ALA B 120 -7.24 14.59 18.81
CA ALA B 120 -7.34 16.05 18.79
C ALA B 120 -8.02 16.55 17.53
N VAL B 121 -8.06 15.75 16.47
CA VAL B 121 -8.80 16.15 15.27
C VAL B 121 -10.29 15.96 15.50
N GLN B 122 -10.68 14.82 16.08
CA GLN B 122 -12.10 14.57 16.28
C GLN B 122 -12.64 15.25 17.54
N GLU B 123 -11.82 16.03 18.24
CA GLU B 123 -12.33 17.00 19.19
C GLU B 123 -12.43 18.38 18.59
N TRP B 124 -11.59 18.66 17.59
CA TRP B 124 -11.64 19.96 16.94
C TRP B 124 -12.88 20.06 16.08
N VAL B 125 -13.18 19.01 15.31
CA VAL B 125 -14.33 19.00 14.43
C VAL B 125 -15.63 18.88 15.21
N MET B 126 -15.60 18.34 16.43
CA MET B 126 -16.78 18.37 17.28
C MET B 126 -17.08 19.77 17.79
N ASN B 127 -16.04 20.53 18.12
CA ASN B 127 -16.29 21.83 18.73
C ASN B 127 -16.68 22.88 17.70
N GLN B 128 -16.03 22.89 16.53
CA GLN B 128 -16.37 23.87 15.52
C GLN B 128 -17.71 23.62 14.86
N ALA B 129 -18.18 22.37 14.85
CA ALA B 129 -19.56 22.14 14.44
C ALA B 129 -20.53 22.60 15.51
N LYS B 130 -20.12 22.51 16.78
CA LYS B 130 -21.00 22.85 17.89
C LYS B 130 -21.26 24.35 18.00
N VAL B 131 -20.28 25.18 17.68
CA VAL B 131 -20.45 26.63 17.83
C VAL B 131 -21.38 27.15 16.73
N PRO B 132 -22.31 28.03 17.04
CA PRO B 132 -23.12 28.63 15.98
C PRO B 132 -22.27 29.54 15.12
N VAL B 133 -22.74 29.75 13.89
CA VAL B 133 -21.89 30.45 12.95
C VAL B 133 -22.68 31.51 12.20
N ASP B 134 -23.98 31.54 12.42
CA ASP B 134 -24.85 32.40 11.64
C ASP B 134 -25.53 33.35 12.62
N GLY B 135 -26.52 34.11 12.12
CA GLY B 135 -27.16 35.14 12.92
C GLY B 135 -27.94 34.62 14.10
N ASN B 136 -28.37 33.35 14.06
CA ASN B 136 -29.05 32.76 15.19
C ASN B 136 -28.03 32.35 16.24
N LYS B 137 -28.46 32.33 17.50
CA LYS B 137 -27.67 31.81 18.61
C LYS B 137 -28.16 30.40 18.90
N GLU B 138 -27.77 29.47 18.03
CA GLU B 138 -28.29 28.11 18.09
C GLU B 138 -27.37 27.18 17.31
N GLU B 139 -27.17 25.98 17.84
CA GLU B 139 -26.28 25.01 17.22
C GLU B 139 -26.87 24.50 15.91
N PRO B 140 -26.07 24.33 14.87
CA PRO B 140 -26.60 23.85 13.59
C PRO B 140 -26.85 22.35 13.62
N GLN B 141 -27.28 21.83 12.46
CA GLN B 141 -27.63 20.42 12.36
C GLN B 141 -26.85 19.64 11.32
N ILE B 142 -26.17 20.31 10.39
CA ILE B 142 -25.22 19.65 9.51
C ILE B 142 -23.89 20.37 9.63
N CYS B 143 -22.86 19.75 9.07
CA CYS B 143 -21.54 20.36 9.06
C CYS B 143 -20.78 19.78 7.88
N VAL B 144 -20.71 20.54 6.79
CA VAL B 144 -20.03 20.10 5.58
C VAL B 144 -18.53 20.21 5.83
N ILE B 145 -17.86 19.08 5.90
CA ILE B 145 -16.44 19.01 6.25
C ILE B 145 -15.64 18.79 4.99
N GLU B 146 -14.70 19.68 4.70
CA GLU B 146 -13.90 19.54 3.50
C GLU B 146 -12.52 19.06 3.89
N LEU B 147 -12.25 17.78 3.63
CA LEU B 147 -10.91 17.24 3.70
C LEU B 147 -10.20 17.70 2.45
N GLY B 148 -9.48 18.83 2.55
CA GLY B 148 -8.82 19.35 1.36
C GLY B 148 -7.69 18.49 0.85
N GLY B 149 -6.78 19.04 0.05
CA GLY B 149 -5.71 18.19 -0.45
C GLY B 149 -6.25 17.06 -1.32
N THR B 150 -5.39 16.14 -1.67
CA THR B 150 -5.80 15.00 -2.49
C THR B 150 -5.89 13.81 -1.54
N ILE B 151 -5.45 12.62 -1.90
CA ILE B 151 -5.54 11.49 -0.98
C ILE B 151 -4.59 10.41 -1.45
N GLY B 152 -3.81 9.88 -0.52
CA GLY B 152 -2.81 8.88 -0.79
C GLY B 152 -1.42 9.35 -0.47
N ASP B 153 -1.20 10.65 -0.47
CA ASP B 153 0.11 11.21 -0.20
C ASP B 153 0.44 11.15 1.30
N ILE B 154 1.60 11.69 1.64
CA ILE B 154 2.09 11.61 3.02
C ILE B 154 1.42 12.67 3.90
N GLU B 155 1.02 13.80 3.32
CA GLU B 155 0.35 14.85 4.09
C GLU B 155 -1.04 14.41 4.54
N GLY B 156 -1.78 13.71 3.70
CA GLY B 156 -3.11 13.29 4.03
C GLY B 156 -3.21 12.04 4.87
N MET B 157 -2.11 11.52 5.39
CA MET B 157 -2.15 10.32 6.21
C MET B 157 -2.67 10.51 7.64
N PRO B 158 -2.35 11.59 8.39
CA PRO B 158 -2.96 11.71 9.73
C PRO B 158 -4.44 12.04 9.73
N PHE B 159 -5.05 12.34 8.60
CA PHE B 159 -6.42 12.83 8.57
C PHE B 159 -7.44 11.78 8.17
N VAL B 160 -7.14 10.94 7.16
CA VAL B 160 -8.11 9.93 6.78
C VAL B 160 -8.19 8.84 7.85
N GLU B 161 -7.10 8.60 8.58
CA GLU B 161 -7.16 7.74 9.74
C GLU B 161 -7.89 8.44 10.89
N ALA B 162 -7.85 9.77 10.91
CA ALA B 162 -8.59 10.50 11.94
C ALA B 162 -10.08 10.42 11.72
N PHE B 163 -10.52 10.28 10.48
CA PHE B 163 -11.95 10.13 10.23
C PHE B 163 -12.39 8.68 10.13
N ARG B 164 -11.45 7.75 9.98
CA ARG B 164 -11.81 6.33 10.04
C ARG B 164 -12.26 5.95 11.45
N GLN B 165 -11.54 6.43 12.46
CA GLN B 165 -11.98 6.25 13.84
C GLN B 165 -13.26 7.01 14.13
N PHE B 166 -13.56 8.03 13.33
CA PHE B 166 -14.68 8.88 13.58
C PHE B 166 -16.00 8.28 13.10
N GLN B 167 -15.95 7.34 12.15
CA GLN B 167 -17.18 6.65 11.76
C GLN B 167 -17.70 5.74 12.85
N PHE B 168 -16.81 5.25 13.71
CA PHE B 168 -17.25 4.38 14.80
C PHE B 168 -17.78 5.19 15.97
N LYS B 169 -17.10 6.28 16.31
CA LYS B 169 -17.54 7.11 17.44
C LYS B 169 -18.81 7.86 17.11
N ALA B 170 -19.03 8.15 15.83
CA ALA B 170 -20.33 8.66 15.41
C ALA B 170 -21.21 7.49 14.99
N LYS B 171 -22.47 7.80 14.74
CA LYS B 171 -23.43 6.82 14.27
C LYS B 171 -23.48 6.90 12.75
N ARG B 172 -23.84 5.78 12.12
CA ARG B 172 -23.85 5.70 10.66
C ARG B 172 -24.91 6.60 10.05
N GLU B 173 -25.99 6.87 10.78
CA GLU B 173 -26.93 7.89 10.34
C GLU B 173 -26.38 9.31 10.46
N ASN B 174 -25.28 9.52 11.18
CA ASN B 174 -24.75 10.85 11.39
C ASN B 174 -23.56 11.16 10.50
N PHE B 175 -23.22 10.28 9.57
CA PHE B 175 -22.01 10.45 8.80
C PHE B 175 -22.29 10.18 7.33
N CYS B 176 -21.60 10.91 6.47
CA CYS B 176 -21.70 10.74 5.03
C CYS B 176 -20.32 10.87 4.43
N ASN B 177 -20.21 10.63 3.13
CA ASN B 177 -18.91 10.65 2.48
C ASN B 177 -19.12 10.89 1.00
N ILE B 178 -18.49 11.94 0.48
CA ILE B 178 -18.54 12.29 -0.93
C ILE B 178 -17.13 12.10 -1.46
N HIS B 179 -17.02 11.71 -2.72
CA HIS B 179 -15.73 11.58 -3.37
C HIS B 179 -15.83 12.25 -4.72
N VAL B 180 -15.02 13.28 -4.94
CA VAL B 180 -15.17 14.11 -6.13
C VAL B 180 -13.97 13.86 -7.02
N SER B 181 -14.12 12.93 -7.96
CA SER B 181 -13.01 12.47 -8.78
C SER B 181 -13.07 13.03 -10.20
N LEU B 182 -12.01 12.73 -10.94
CA LEU B 182 -11.84 13.18 -12.31
C LEU B 182 -11.91 11.99 -13.24
N VAL B 183 -12.66 12.11 -14.33
CA VAL B 183 -12.55 11.14 -15.42
C VAL B 183 -11.93 11.87 -16.61
N PRO B 184 -10.59 11.88 -16.73
CA PRO B 184 -9.95 12.64 -17.81
C PRO B 184 -10.08 11.94 -19.14
N GLN B 185 -10.48 12.70 -20.16
CA GLN B 185 -10.52 12.22 -21.54
C GLN B 185 -9.49 12.97 -22.37
N LEU B 186 -9.02 12.35 -23.41
CA LEU B 186 -8.02 13.06 -24.13
C LEU B 186 -8.67 13.59 -25.34
N SER B 187 -8.66 14.90 -25.49
CA SER B 187 -9.22 15.47 -26.71
C SER B 187 -8.37 14.90 -27.84
N ALA B 188 -7.17 14.43 -27.52
CA ALA B 188 -6.27 13.91 -28.51
C ALA B 188 -7.03 12.82 -29.23
N THR B 189 -7.78 12.01 -28.50
CA THR B 189 -8.57 11.00 -29.19
C THR B 189 -10.08 11.24 -29.08
N GLY B 190 -10.76 10.53 -28.21
CA GLY B 190 -12.18 10.67 -28.13
C GLY B 190 -12.85 9.79 -27.09
N GLU B 191 -12.22 8.70 -26.68
CA GLU B 191 -12.77 7.86 -25.64
C GLU B 191 -12.68 8.55 -24.29
N GLN B 192 -13.38 7.99 -23.30
CA GLN B 192 -13.40 8.53 -21.96
C GLN B 192 -13.13 7.40 -20.97
N LYS B 193 -12.09 7.57 -20.15
CA LYS B 193 -11.61 6.51 -19.31
C LYS B 193 -12.22 6.61 -17.92
N THR B 194 -12.26 5.47 -17.23
CA THR B 194 -12.73 5.40 -15.85
C THR B 194 -11.68 4.89 -14.89
N LYS B 195 -10.47 4.58 -15.38
CA LYS B 195 -9.42 4.05 -14.51
C LYS B 195 -9.00 4.98 -13.38
N PRO B 196 -8.73 6.33 -13.59
CA PRO B 196 -8.34 7.16 -12.45
C PRO B 196 -9.31 7.20 -11.29
N THR B 197 -10.60 6.97 -11.57
CA THR B 197 -11.56 6.95 -10.50
C THR B 197 -11.48 5.64 -9.71
N GLN B 198 -11.15 4.54 -10.40
CA GLN B 198 -11.04 3.26 -9.72
C GLN B 198 -9.86 3.22 -8.75
N ASN B 199 -8.69 3.70 -9.18
CA ASN B 199 -7.54 3.72 -8.29
C ASN B 199 -7.70 4.74 -7.18
N SER B 200 -8.46 5.80 -7.41
CA SER B 200 -8.70 6.76 -6.33
C SER B 200 -9.69 6.26 -5.31
N VAL B 201 -10.56 5.33 -5.67
CA VAL B 201 -11.46 4.73 -4.69
C VAL B 201 -10.71 3.72 -3.83
N ARG B 202 -9.92 2.85 -4.45
CA ARG B 202 -9.20 1.85 -3.68
C ARG B 202 -8.00 2.41 -2.93
N ALA B 203 -7.71 3.71 -3.06
CA ALA B 203 -6.88 4.39 -2.07
C ALA B 203 -7.71 5.00 -0.96
N LEU B 204 -8.99 5.29 -1.21
CA LEU B 204 -9.89 5.74 -0.16
C LEU B 204 -10.43 4.58 0.65
N ARG B 205 -10.93 3.55 -0.03
CA ARG B 205 -11.43 2.39 0.67
C ARG B 205 -10.31 1.61 1.36
N GLY B 206 -9.10 1.69 0.81
CA GLY B 206 -7.93 1.10 1.43
C GLY B 206 -7.46 1.81 2.68
N LEU B 207 -8.02 2.98 2.98
CA LEU B 207 -7.75 3.67 4.22
C LEU B 207 -8.96 3.68 5.14
N GLY B 208 -10.04 2.99 4.77
CA GLY B 208 -11.15 2.78 5.67
C GLY B 208 -12.24 3.82 5.62
N LEU B 209 -12.57 4.30 4.43
CA LEU B 209 -13.75 5.14 4.25
C LEU B 209 -14.44 4.73 2.96
N SER B 210 -15.77 4.69 2.99
CA SER B 210 -16.53 4.26 1.84
C SER B 210 -17.38 5.41 1.31
N PRO B 211 -17.37 5.67 0.01
CA PRO B 211 -18.17 6.76 -0.55
C PRO B 211 -19.64 6.44 -0.53
N ASP B 212 -20.44 7.38 -0.04
CA ASP B 212 -21.89 7.30 -0.29
C ASP B 212 -22.19 7.72 -1.73
N LEU B 213 -21.88 8.96 -2.07
CA LEU B 213 -21.97 9.41 -3.44
C LEU B 213 -20.60 9.28 -4.09
N ILE B 214 -20.60 9.41 -5.42
CA ILE B 214 -19.37 9.50 -6.18
C ILE B 214 -19.62 10.46 -7.33
N VAL B 215 -18.85 11.54 -7.38
CA VAL B 215 -19.10 12.65 -8.28
C VAL B 215 -17.97 12.70 -9.29
N CYS B 216 -18.31 12.54 -10.56
CA CYS B 216 -17.33 12.49 -11.63
C CYS B 216 -17.40 13.81 -12.40
N ARG B 217 -16.48 14.70 -12.10
CA ARG B 217 -16.38 15.97 -12.81
C ARG B 217 -15.38 15.85 -13.94
N SER B 218 -15.78 16.29 -15.13
CA SER B 218 -14.93 16.17 -16.30
C SER B 218 -15.23 17.33 -17.24
N SER B 219 -14.82 17.20 -18.49
CA SER B 219 -15.08 18.23 -19.48
C SER B 219 -16.46 18.09 -20.08
N THR B 220 -16.78 16.92 -20.61
CA THR B 220 -18.01 16.68 -21.32
C THR B 220 -18.99 15.92 -20.44
N PRO B 221 -20.30 16.02 -20.70
CA PRO B 221 -21.24 15.10 -20.07
C PRO B 221 -20.99 13.68 -20.54
N ILE B 222 -21.15 12.74 -19.62
CA ILE B 222 -20.65 11.38 -19.80
C ILE B 222 -21.81 10.45 -20.09
N GLU B 223 -21.52 9.38 -20.83
CA GLU B 223 -22.52 8.48 -21.36
C GLU B 223 -22.87 7.43 -20.32
N MET B 224 -24.01 6.76 -20.52
CA MET B 224 -24.47 5.71 -19.61
C MET B 224 -23.57 4.49 -19.56
N ALA B 225 -22.72 4.29 -20.57
CA ALA B 225 -21.72 3.23 -20.49
C ALA B 225 -20.66 3.55 -19.44
N VAL B 226 -20.41 4.83 -19.19
CA VAL B 226 -19.46 5.22 -18.16
C VAL B 226 -20.09 5.11 -16.78
N LYS B 227 -21.38 5.47 -16.65
CA LYS B 227 -22.10 5.28 -15.40
C LYS B 227 -22.28 3.81 -15.05
N GLU B 228 -22.22 2.91 -16.03
CA GLU B 228 -22.33 1.50 -15.70
C GLU B 228 -21.01 0.97 -15.17
N LYS B 229 -19.89 1.40 -15.75
CA LYS B 229 -18.59 0.91 -15.32
C LYS B 229 -18.22 1.42 -13.94
N ILE B 230 -18.55 2.68 -13.65
CA ILE B 230 -18.25 3.22 -12.33
C ILE B 230 -19.15 2.58 -11.30
N SER B 231 -20.37 2.21 -11.68
CA SER B 231 -21.26 1.55 -10.74
C SER B 231 -20.80 0.11 -10.46
N MET B 232 -20.28 -0.57 -11.48
CA MET B 232 -19.91 -1.96 -11.30
C MET B 232 -18.53 -2.10 -10.67
N PHE B 233 -17.56 -1.28 -11.10
CA PHE B 233 -16.21 -1.41 -10.55
C PHE B 233 -16.07 -0.77 -9.18
N CYS B 234 -16.63 0.42 -8.97
CA CYS B 234 -16.46 1.12 -7.70
C CYS B 234 -17.53 0.73 -6.68
N HIS B 235 -18.36 -0.27 -7.01
CA HIS B 235 -19.18 -1.02 -6.06
C HIS B 235 -20.22 -0.16 -5.34
N VAL B 236 -20.83 0.75 -6.08
CA VAL B 236 -21.92 1.56 -5.59
C VAL B 236 -23.02 1.52 -6.64
N ASN B 237 -24.27 1.67 -6.19
CA ASN B 237 -25.42 1.57 -7.08
C ASN B 237 -25.43 2.75 -8.06
N PRO B 238 -26.06 2.59 -9.23
CA PRO B 238 -26.05 3.68 -10.23
C PRO B 238 -26.87 4.90 -9.87
N GLU B 239 -27.52 4.93 -8.72
CA GLU B 239 -28.22 6.12 -8.28
C GLU B 239 -27.31 7.09 -7.55
N GLN B 240 -26.07 6.69 -7.26
CA GLN B 240 -25.13 7.52 -6.55
C GLN B 240 -23.99 8.05 -7.42
N VAL B 241 -24.03 7.78 -8.72
CA VAL B 241 -23.09 8.39 -9.65
C VAL B 241 -23.73 9.65 -10.19
N ILE B 242 -23.11 10.80 -9.96
CA ILE B 242 -23.65 12.08 -10.37
C ILE B 242 -22.63 12.75 -11.29
N CYS B 243 -23.04 12.98 -12.53
CA CYS B 243 -22.17 13.66 -13.48
C CYS B 243 -22.25 15.16 -13.28
N ILE B 244 -21.13 15.83 -13.48
CA ILE B 244 -21.11 17.28 -13.56
C ILE B 244 -20.03 17.71 -14.55
N HIS B 245 -20.44 18.38 -15.60
CA HIS B 245 -19.51 18.80 -16.64
C HIS B 245 -19.04 20.22 -16.39
N ASP B 246 -18.05 20.64 -17.17
CA ASP B 246 -17.49 21.99 -17.06
C ASP B 246 -18.53 22.98 -17.54
N VAL B 247 -19.16 23.67 -16.60
CA VAL B 247 -20.18 24.64 -16.91
C VAL B 247 -19.56 26.03 -16.95
N SER B 248 -20.25 26.96 -17.58
CA SER B 248 -19.68 28.27 -17.84
C SER B 248 -19.56 29.10 -16.57
N SER B 249 -20.63 29.15 -15.78
CA SER B 249 -20.60 29.84 -14.51
C SER B 249 -20.94 28.88 -13.38
N THR B 250 -20.45 29.19 -12.19
CA THR B 250 -20.58 28.28 -11.06
C THR B 250 -21.99 28.23 -10.49
N TYR B 251 -22.91 29.05 -10.97
CA TYR B 251 -24.28 29.00 -10.46
C TYR B 251 -25.08 27.87 -11.08
N ARG B 252 -24.59 27.27 -12.15
CA ARG B 252 -25.19 26.05 -12.67
C ARG B 252 -24.89 24.87 -11.76
N VAL B 253 -23.77 24.94 -11.03
CA VAL B 253 -23.35 23.83 -10.16
C VAL B 253 -24.36 23.49 -9.06
N PRO B 254 -25.03 24.43 -8.39
CA PRO B 254 -26.12 23.99 -7.51
C PRO B 254 -27.34 23.45 -8.24
N VAL B 255 -27.77 24.07 -9.34
CA VAL B 255 -28.99 23.58 -9.98
C VAL B 255 -28.76 22.33 -10.80
N LEU B 256 -27.51 22.00 -11.14
CA LEU B 256 -27.26 20.76 -11.85
C LEU B 256 -27.33 19.56 -10.92
N LEU B 257 -27.04 19.76 -9.64
CA LEU B 257 -27.24 18.68 -8.68
C LEU B 257 -28.70 18.44 -8.38
N GLU B 258 -29.56 19.43 -8.64
CA GLU B 258 -31.00 19.24 -8.46
C GLU B 258 -31.55 18.23 -9.48
N GLU B 259 -31.04 18.28 -10.71
CA GLU B 259 -31.52 17.36 -11.75
C GLU B 259 -31.12 15.92 -11.47
N GLN B 260 -30.00 15.71 -10.79
CA GLN B 260 -29.52 14.36 -10.55
C GLN B 260 -30.05 13.77 -9.25
N SER B 261 -30.93 14.51 -8.56
CA SER B 261 -31.70 14.03 -7.40
C SER B 261 -30.80 13.61 -6.24
N ILE B 262 -30.03 14.57 -5.75
CA ILE B 262 -29.28 14.36 -4.50
C ILE B 262 -30.03 14.91 -3.30
N VAL B 263 -31.14 15.63 -3.51
CA VAL B 263 -31.87 16.21 -2.39
C VAL B 263 -32.56 15.12 -1.60
N LYS B 264 -33.25 14.21 -2.30
CA LYS B 264 -33.95 13.13 -1.63
C LYS B 264 -33.02 12.02 -1.17
N TYR B 265 -31.75 12.07 -1.58
CA TYR B 265 -30.80 11.06 -1.16
C TYR B 265 -30.50 11.16 0.32
N PHE B 266 -30.14 12.36 0.78
CA PHE B 266 -29.76 12.53 2.18
C PHE B 266 -30.96 12.45 3.12
N LYS B 267 -32.18 12.56 2.60
CA LYS B 267 -33.35 12.19 3.38
C LYS B 267 -33.31 10.71 3.74
N GLU B 268 -32.84 9.88 2.81
CA GLU B 268 -32.78 8.45 3.04
C GLU B 268 -31.48 8.04 3.71
N ARG B 269 -30.37 8.69 3.37
CA ARG B 269 -29.08 8.33 3.96
C ARG B 269 -28.92 8.92 5.36
N LEU B 270 -28.93 10.25 5.46
CA LEU B 270 -28.62 10.92 6.71
C LEU B 270 -29.79 10.93 7.70
N HIS B 271 -31.00 10.64 7.24
CA HIS B 271 -32.23 10.70 8.04
C HIS B 271 -32.44 12.08 8.66
N LEU B 272 -32.36 13.10 7.82
CA LEU B 272 -32.53 14.48 8.23
C LEU B 272 -33.96 14.95 7.99
N PRO B 273 -34.47 15.87 8.81
CA PRO B 273 -35.84 16.36 8.64
C PRO B 273 -35.98 17.23 7.39
N ILE B 274 -36.78 16.76 6.43
CA ILE B 274 -37.01 17.52 5.21
C ILE B 274 -38.38 17.14 4.65
N GLY B 275 -39.07 18.14 4.10
CA GLY B 275 -40.16 17.92 3.16
C GLY B 275 -39.76 18.54 1.85
N ASP B 276 -40.34 18.11 0.73
CA ASP B 276 -39.90 18.57 -0.57
C ASP B 276 -40.77 19.69 -1.12
N SER B 277 -40.10 20.69 -1.69
CA SER B 277 -40.72 21.75 -2.48
C SER B 277 -39.97 21.69 -3.81
N ALA B 278 -40.05 22.77 -4.59
CA ALA B 278 -38.98 23.07 -5.53
C ALA B 278 -37.65 22.95 -4.81
N SER B 279 -36.76 22.10 -5.33
CA SER B 279 -35.67 21.54 -4.52
C SER B 279 -34.60 22.57 -4.17
N ASN B 280 -34.58 23.71 -4.85
CA ASN B 280 -33.96 24.92 -4.34
C ASN B 280 -34.98 26.04 -4.40
N LEU B 281 -34.59 27.21 -3.91
CA LEU B 281 -35.47 28.36 -4.03
C LEU B 281 -35.47 28.86 -5.47
N LEU B 282 -36.64 28.77 -6.10
CA LEU B 282 -36.80 28.99 -7.54
C LEU B 282 -36.44 30.40 -7.96
N PHE B 283 -36.54 31.36 -7.05
CA PHE B 283 -36.33 32.75 -7.44
C PHE B 283 -34.86 33.13 -7.42
N LYS B 284 -34.00 32.41 -6.68
CA LYS B 284 -32.65 32.90 -6.49
C LYS B 284 -31.55 31.89 -6.86
N TRP B 285 -31.88 30.78 -7.52
CA TRP B 285 -30.76 30.06 -8.11
C TRP B 285 -30.98 29.70 -9.57
N ARG B 286 -32.18 29.31 -9.95
CA ARG B 286 -32.45 29.03 -11.35
C ARG B 286 -32.62 30.30 -12.16
N ASN B 287 -32.90 31.42 -11.51
CA ASN B 287 -32.99 32.70 -12.20
C ASN B 287 -31.62 33.15 -12.70
N MET B 288 -30.61 33.16 -11.82
CA MET B 288 -29.31 33.64 -12.23
C MET B 288 -28.53 32.62 -13.06
N ALA B 289 -29.06 31.42 -13.24
CA ALA B 289 -28.54 30.56 -14.29
C ALA B 289 -28.89 31.12 -15.66
N ASP B 290 -30.12 31.60 -15.83
CA ASP B 290 -30.56 32.19 -17.09
C ASP B 290 -30.01 33.58 -17.31
N ARG B 291 -29.57 34.26 -16.25
CA ARG B 291 -28.95 35.57 -16.44
C ARG B 291 -27.60 35.44 -17.11
N TYR B 292 -26.92 34.31 -16.92
CA TYR B 292 -25.58 34.16 -17.46
C TYR B 292 -25.57 33.63 -18.89
N GLU B 293 -26.64 32.96 -19.32
CA GLU B 293 -26.71 32.58 -20.73
C GLU B 293 -27.06 33.78 -21.59
N ARG B 294 -28.19 34.44 -21.29
CA ARG B 294 -28.66 35.58 -22.06
C ARG B 294 -27.96 36.84 -21.56
N LEU B 295 -27.09 37.39 -22.40
CA LEU B 295 -26.29 38.54 -21.98
C LEU B 295 -26.31 39.66 -23.00
N GLN B 296 -25.46 40.66 -22.81
CA GLN B 296 -25.64 42.00 -23.37
C GLN B 296 -24.26 42.55 -23.68
N LYS B 297 -24.16 43.89 -23.70
CA LYS B 297 -22.95 44.64 -24.03
C LYS B 297 -21.73 44.23 -23.23
N ILE B 298 -20.75 43.65 -23.90
CA ILE B 298 -19.53 43.14 -23.27
C ILE B 298 -18.68 44.36 -22.93
N CYS B 299 -18.56 44.66 -21.65
CA CYS B 299 -18.00 45.95 -21.23
C CYS B 299 -17.32 45.77 -19.88
N SER B 300 -17.08 46.91 -19.21
CA SER B 300 -17.19 47.13 -17.77
C SER B 300 -16.04 46.79 -16.82
N ILE B 301 -14.83 46.41 -17.27
CA ILE B 301 -13.55 46.82 -16.67
C ILE B 301 -12.40 46.36 -17.53
N ALA B 302 -11.25 46.99 -17.34
CA ALA B 302 -9.95 46.34 -17.38
C ALA B 302 -9.36 46.38 -15.97
N LEU B 303 -8.48 45.43 -15.68
CA LEU B 303 -7.89 45.31 -14.35
C LEU B 303 -6.38 45.43 -14.46
N VAL B 304 -5.77 46.21 -13.56
CA VAL B 304 -4.32 46.26 -13.43
C VAL B 304 -3.96 45.54 -12.13
N GLY B 305 -3.44 44.34 -12.27
CA GLY B 305 -2.92 43.58 -11.17
C GLY B 305 -1.42 43.68 -11.10
N LYS B 306 -0.77 42.60 -10.67
CA LYS B 306 0.66 42.53 -10.85
C LYS B 306 1.10 41.11 -11.19
N TYR B 307 0.23 40.31 -11.82
CA TYR B 307 0.58 38.92 -12.09
C TYR B 307 0.32 38.59 -13.57
N THR B 308 0.96 37.50 -14.00
CA THR B 308 0.91 36.96 -15.36
C THR B 308 -0.37 36.43 -16.02
N LYS B 309 -0.90 35.31 -15.56
CA LYS B 309 -2.09 34.67 -16.11
C LYS B 309 -2.89 34.13 -14.94
N LEU B 310 -4.21 34.04 -15.10
CA LEU B 310 -5.14 34.00 -13.98
C LEU B 310 -5.05 32.74 -13.12
N ARG B 311 -3.89 32.63 -12.48
CA ARG B 311 -3.75 31.98 -11.20
C ARG B 311 -4.67 32.70 -10.22
N ASP B 312 -5.34 32.00 -9.33
CA ASP B 312 -6.27 32.77 -8.56
C ASP B 312 -5.69 33.56 -7.43
N CYS B 313 -5.16 34.70 -7.85
CA CYS B 313 -4.52 35.66 -6.99
C CYS B 313 -5.62 36.67 -6.97
N TYR B 314 -6.35 36.74 -8.08
CA TYR B 314 -7.46 37.67 -8.07
C TYR B 314 -8.80 37.00 -8.31
N ALA B 315 -8.92 35.72 -7.96
CA ALA B 315 -10.21 35.06 -8.12
C ALA B 315 -11.21 35.49 -7.05
N SER B 316 -10.72 36.03 -5.93
CA SER B 316 -11.62 36.54 -4.92
C SER B 316 -12.16 37.93 -5.25
N VAL B 317 -11.67 38.56 -6.30
CA VAL B 317 -12.23 39.81 -6.80
C VAL B 317 -13.16 39.56 -7.97
N PHE B 318 -12.80 38.62 -8.85
CA PHE B 318 -13.60 38.33 -10.04
C PHE B 318 -14.97 37.75 -9.70
N LYS B 319 -15.07 37.02 -8.59
CA LYS B 319 -16.38 36.57 -8.15
C LYS B 319 -17.19 37.70 -7.54
N ALA B 320 -16.54 38.75 -7.06
CA ALA B 320 -17.26 39.90 -6.56
C ALA B 320 -17.73 40.81 -7.69
N LEU B 321 -16.98 40.84 -8.79
CA LEU B 321 -17.32 41.68 -9.92
C LEU B 321 -18.53 41.15 -10.65
N GLU B 322 -18.55 39.85 -10.94
CA GLU B 322 -19.70 39.28 -11.63
C GLU B 322 -20.90 39.11 -10.71
N HIS B 323 -20.75 39.37 -9.41
CA HIS B 323 -21.92 39.68 -8.60
C HIS B 323 -22.57 40.98 -9.06
N SER B 324 -21.76 42.00 -9.31
CA SER B 324 -22.34 43.26 -9.78
C SER B 324 -22.80 43.14 -11.22
N ALA B 325 -22.08 42.35 -12.04
CA ALA B 325 -22.53 42.09 -13.39
C ALA B 325 -23.79 41.24 -13.44
N LEU B 326 -24.06 40.49 -12.37
CA LEU B 326 -25.34 39.81 -12.24
C LEU B 326 -26.46 40.80 -11.98
N ALA B 327 -26.14 41.98 -11.47
CA ALA B 327 -27.18 42.95 -11.12
C ALA B 327 -27.54 43.86 -12.29
N ILE B 328 -26.59 44.14 -13.18
CA ILE B 328 -26.77 45.14 -14.23
C ILE B 328 -26.96 44.47 -15.59
N ASN B 329 -27.07 43.14 -15.60
CA ASN B 329 -27.37 42.33 -16.80
C ASN B 329 -26.32 42.50 -17.90
N HIS B 330 -25.07 42.73 -17.51
CA HIS B 330 -23.98 42.85 -18.47
C HIS B 330 -23.04 41.66 -18.35
N LYS B 331 -22.60 41.16 -19.48
CA LYS B 331 -21.42 40.30 -19.50
C LYS B 331 -20.23 41.12 -19.07
N LEU B 332 -19.34 40.50 -18.30
CA LEU B 332 -18.14 41.19 -17.84
C LEU B 332 -16.94 40.65 -18.62
N ASN B 333 -15.99 41.52 -18.90
CA ASN B 333 -14.81 41.15 -19.66
C ASN B 333 -13.58 41.51 -18.83
N LEU B 334 -13.22 40.62 -17.93
CA LEU B 334 -12.03 40.81 -17.11
C LEU B 334 -10.79 40.58 -17.96
N MET B 335 -9.97 41.62 -18.10
CA MET B 335 -8.71 41.50 -18.80
C MET B 335 -7.57 41.98 -17.91
N TYR B 336 -6.61 41.10 -17.65
CA TYR B 336 -5.48 41.47 -16.81
C TYR B 336 -4.53 42.37 -17.56
N ILE B 337 -3.97 43.34 -16.85
CA ILE B 337 -2.89 44.17 -17.35
C ILE B 337 -1.78 44.13 -16.30
N ASP B 338 -0.63 43.59 -16.68
CA ASP B 338 0.49 43.56 -15.76
C ASP B 338 1.03 44.98 -15.56
N SER B 339 1.34 45.32 -14.32
CA SER B 339 1.93 46.63 -14.06
C SER B 339 3.37 46.71 -14.51
N ILE B 340 4.02 45.56 -14.74
CA ILE B 340 5.29 45.57 -15.46
C ILE B 340 5.10 46.09 -16.88
N ASP B 341 4.00 45.72 -17.51
CA ASP B 341 3.72 46.12 -18.88
C ASP B 341 3.29 47.57 -19.02
N LEU B 342 3.28 48.36 -17.96
CA LEU B 342 3.09 49.79 -18.06
C LEU B 342 4.35 50.57 -17.68
N GLU B 343 5.45 49.89 -17.42
CA GLU B 343 6.67 50.54 -16.98
C GLU B 343 7.40 51.17 -18.16
N LYS B 344 8.35 52.06 -17.83
CA LYS B 344 9.22 52.61 -18.86
C LYS B 344 10.17 51.56 -19.41
N ILE B 345 10.49 50.54 -18.59
CA ILE B 345 11.59 49.63 -18.90
C ILE B 345 11.18 48.61 -19.94
N THR B 346 9.91 48.18 -19.95
CA THR B 346 9.47 47.18 -20.90
C THR B 346 9.40 47.75 -22.31
N GLU B 347 8.95 49.01 -22.44
CA GLU B 347 8.88 49.68 -23.74
C GLU B 347 10.26 49.84 -24.35
N THR B 348 11.29 49.99 -23.51
CA THR B 348 12.66 50.05 -24.01
C THR B 348 13.11 48.70 -24.58
N GLU B 349 12.73 47.60 -23.94
CA GLU B 349 13.26 46.30 -24.34
C GLU B 349 12.28 45.41 -25.11
N ASP B 350 10.98 45.58 -24.86
CA ASP B 350 9.97 44.79 -25.54
C ASP B 350 8.68 45.58 -25.72
N PRO B 351 8.29 45.81 -27.03
CA PRO B 351 7.05 46.58 -27.17
C PRO B 351 5.86 45.67 -27.45
N VAL B 352 6.10 44.38 -27.53
CA VAL B 352 5.04 43.41 -27.79
C VAL B 352 4.17 43.19 -26.56
N LYS B 353 4.79 43.28 -25.38
CA LYS B 353 4.08 43.09 -24.13
C LYS B 353 3.65 44.43 -23.53
N PHE B 354 4.40 45.48 -23.84
CA PHE B 354 4.10 46.81 -23.35
C PHE B 354 2.91 47.43 -24.09
N HIS B 355 3.05 47.54 -25.42
CA HIS B 355 2.00 48.11 -26.24
C HIS B 355 0.71 47.29 -26.13
N GLU B 356 0.84 46.06 -25.68
CA GLU B 356 -0.31 45.17 -25.53
C GLU B 356 -1.13 45.54 -24.30
N ALA B 357 -0.48 46.15 -23.31
CA ALA B 357 -1.15 46.55 -22.08
C ALA B 357 -1.92 47.87 -22.28
N TRP B 358 -1.27 48.82 -22.93
CA TRP B 358 -1.89 50.12 -23.19
C TRP B 358 -3.13 49.98 -24.07
N GLN B 359 -3.02 49.15 -25.10
CA GLN B 359 -4.13 48.94 -26.01
C GLN B 359 -5.43 48.66 -25.26
N LYS B 360 -5.32 47.85 -24.20
CA LYS B 360 -6.48 47.50 -23.40
C LYS B 360 -6.81 48.54 -22.33
N LEU B 361 -5.85 49.35 -21.92
CA LEU B 361 -6.10 50.33 -20.86
C LEU B 361 -6.69 51.63 -21.42
N CYS B 362 -6.43 51.95 -22.69
CA CYS B 362 -7.04 53.12 -23.28
C CYS B 362 -8.47 52.85 -23.72
N LYS B 363 -8.77 51.63 -24.16
CA LYS B 363 -10.15 51.26 -24.44
C LYS B 363 -10.92 50.86 -23.19
N ALA B 364 -10.26 50.89 -22.04
CA ALA B 364 -10.89 50.45 -20.81
C ALA B 364 -11.96 51.42 -20.35
N ASP B 365 -13.17 50.91 -20.16
CA ASP B 365 -14.27 51.68 -19.61
C ASP B 365 -14.26 51.70 -18.09
N GLY B 366 -13.26 51.08 -17.47
CA GLY B 366 -13.08 51.13 -16.03
C GLY B 366 -11.82 50.42 -15.62
N ILE B 367 -11.09 51.00 -14.69
CA ILE B 367 -9.84 50.43 -14.20
C ILE B 367 -10.13 49.87 -12.81
N LEU B 368 -9.28 48.97 -12.33
CA LEU B 368 -9.38 48.46 -10.97
C LEU B 368 -7.99 48.15 -10.46
N VAL B 369 -7.62 48.76 -9.33
CA VAL B 369 -6.29 48.58 -8.74
C VAL B 369 -6.44 47.85 -7.42
N PRO B 370 -6.31 46.54 -7.38
CA PRO B 370 -6.45 45.80 -6.12
C PRO B 370 -5.14 45.80 -5.35
N GLY B 371 -5.15 45.10 -4.22
CA GLY B 371 -4.07 45.17 -3.26
C GLY B 371 -2.83 44.43 -3.70
N GLY B 372 -1.72 44.78 -3.06
CA GLY B 372 -0.44 44.17 -3.38
C GLY B 372 0.63 44.72 -2.46
N PHE B 373 1.82 44.17 -2.59
CA PHE B 373 2.96 44.56 -1.76
C PHE B 373 4.22 44.55 -2.59
N GLY B 374 5.27 45.16 -2.05
CA GLY B 374 6.59 45.10 -2.63
C GLY B 374 6.79 46.06 -3.78
N ILE B 375 8.06 46.14 -4.21
CA ILE B 375 8.47 47.12 -5.21
C ILE B 375 8.00 46.75 -6.60
N ARG B 376 7.63 45.50 -6.82
CA ARG B 376 7.11 45.08 -8.12
C ARG B 376 5.75 45.71 -8.36
N GLY B 377 5.59 46.31 -9.53
CA GLY B 377 4.31 46.85 -9.92
C GLY B 377 4.03 48.27 -9.49
N THR B 378 4.54 48.67 -8.31
CA THR B 378 4.23 49.97 -7.71
C THR B 378 4.61 51.13 -8.62
N LEU B 379 5.84 51.13 -9.13
CA LEU B 379 6.29 52.20 -10.00
C LEU B 379 5.58 52.16 -11.34
N GLY B 380 5.10 50.98 -11.75
CA GLY B 380 4.27 50.90 -12.94
C GLY B 380 2.86 51.44 -12.72
N LYS B 381 2.29 51.20 -11.54
CA LYS B 381 0.91 51.59 -11.31
C LYS B 381 0.73 53.09 -11.09
N LEU B 382 1.82 53.84 -10.90
CA LEU B 382 1.72 55.27 -10.63
C LEU B 382 1.17 56.04 -11.83
N GLN B 383 1.39 55.52 -13.03
CA GLN B 383 0.86 56.17 -14.22
C GLN B 383 -0.59 55.78 -14.49
N ALA B 384 -1.04 54.66 -13.92
CA ALA B 384 -2.38 54.17 -14.24
C ALA B 384 -3.46 55.01 -13.61
N ILE B 385 -3.20 55.55 -12.41
CA ILE B 385 -4.19 56.38 -11.75
C ILE B 385 -4.27 57.74 -12.44
N SER B 386 -3.12 58.33 -12.77
CA SER B 386 -3.10 59.64 -13.43
C SER B 386 -3.68 59.56 -14.84
N TRP B 387 -3.53 58.40 -15.51
CA TRP B 387 -4.25 58.19 -16.76
C TRP B 387 -5.74 58.18 -16.53
N ALA B 388 -6.18 57.59 -15.42
CA ALA B 388 -7.58 57.62 -15.05
C ALA B 388 -7.99 58.97 -14.47
N ARG B 389 -7.03 59.77 -14.00
CA ARG B 389 -7.36 61.03 -13.37
C ARG B 389 -7.72 62.08 -14.40
N THR B 390 -6.87 62.25 -15.42
CA THR B 390 -7.11 63.31 -16.40
C THR B 390 -8.23 62.92 -17.35
N LYS B 391 -8.19 61.71 -17.90
CA LYS B 391 -9.16 61.31 -18.91
C LYS B 391 -10.45 60.78 -18.30
N LYS B 392 -10.52 60.72 -16.96
CA LYS B 392 -11.75 60.58 -16.17
C LYS B 392 -12.46 59.24 -16.36
N ILE B 393 -11.72 58.17 -16.58
CA ILE B 393 -12.33 56.83 -16.56
C ILE B 393 -12.39 56.35 -15.12
N PRO B 394 -13.52 55.83 -14.64
CA PRO B 394 -13.66 55.54 -13.21
C PRO B 394 -12.85 54.32 -12.79
N PHE B 395 -12.39 54.34 -11.54
CA PHE B 395 -11.76 53.15 -10.97
C PHE B 395 -11.96 53.12 -9.47
N LEU B 396 -11.59 52.00 -8.88
CA LEU B 396 -11.56 51.78 -7.44
C LEU B 396 -10.17 51.33 -7.02
N GLY B 397 -9.64 51.95 -5.97
CA GLY B 397 -8.40 51.53 -5.35
C GLY B 397 -8.70 50.72 -4.11
N VAL B 398 -8.06 49.56 -4.01
CA VAL B 398 -8.29 48.62 -2.91
C VAL B 398 -6.95 48.37 -2.25
N CYS B 399 -6.73 49.00 -1.08
CA CYS B 399 -5.69 48.69 -0.09
C CYS B 399 -4.28 49.06 -0.53
N LEU B 400 -4.09 49.35 -1.78
CA LEU B 400 -2.87 49.88 -2.34
C LEU B 400 -3.13 51.08 -3.21
N GLY B 401 -4.23 51.06 -3.97
CA GLY B 401 -4.58 52.20 -4.79
C GLY B 401 -4.93 53.42 -3.99
N MET B 402 -5.53 53.23 -2.81
CA MET B 402 -5.83 54.35 -1.92
C MET B 402 -4.54 54.98 -1.41
N GLN B 403 -3.51 54.18 -1.20
CA GLN B 403 -2.19 54.74 -0.95
C GLN B 403 -1.66 55.45 -2.18
N LEU B 404 -1.77 54.81 -3.35
CA LEU B 404 -1.15 55.35 -4.55
C LEU B 404 -1.91 56.55 -5.11
N ALA B 405 -3.22 56.64 -4.89
CA ALA B 405 -3.93 57.80 -5.41
C ALA B 405 -3.61 59.05 -4.62
N VAL B 406 -3.37 58.91 -3.31
CA VAL B 406 -3.00 60.08 -2.53
C VAL B 406 -1.56 60.48 -2.80
N ILE B 407 -0.73 59.55 -3.27
CA ILE B 407 0.65 59.88 -3.64
C ILE B 407 0.68 60.71 -4.91
N GLU B 408 -0.06 60.29 -5.94
CA GLU B 408 0.01 60.96 -7.23
C GLU B 408 -0.63 62.35 -7.19
N PHE B 409 -1.58 62.55 -6.28
CA PHE B 409 -2.36 63.78 -6.27
C PHE B 409 -1.54 64.95 -5.75
N ALA B 410 -0.70 64.70 -4.74
CA ALA B 410 0.23 65.73 -4.30
C ALA B 410 1.34 65.93 -5.31
N ARG B 411 1.68 64.90 -6.07
CA ARG B 411 2.70 65.04 -7.09
C ARG B 411 2.19 65.86 -8.27
N ASN B 412 0.91 65.70 -8.61
CA ASN B 412 0.34 66.42 -9.76
C ASN B 412 -0.16 67.81 -9.39
N CYS B 413 -1.11 67.90 -8.46
CA CYS B 413 -1.70 69.19 -8.13
C CYS B 413 -0.75 70.04 -7.28
N LEU B 414 -0.22 69.46 -6.20
CA LEU B 414 0.61 70.22 -5.29
C LEU B 414 2.07 70.26 -5.70
N ASN B 415 2.43 69.57 -6.79
CA ASN B 415 3.77 69.57 -7.38
C ASN B 415 4.83 69.07 -6.39
N LEU B 416 4.42 68.21 -5.47
CA LEU B 416 5.32 67.66 -4.46
C LEU B 416 5.76 66.28 -4.93
N LYS B 417 6.67 66.26 -5.90
CA LYS B 417 7.17 65.01 -6.45
C LYS B 417 8.06 64.26 -5.48
N ASP B 418 8.54 64.93 -4.43
CA ASP B 418 9.44 64.30 -3.47
C ASP B 418 8.71 63.33 -2.56
N ALA B 419 7.39 63.44 -2.45
CA ALA B 419 6.63 62.64 -1.51
C ALA B 419 6.44 61.22 -2.02
N ASP B 420 6.43 60.27 -1.08
CA ASP B 420 6.18 58.87 -1.38
C ASP B 420 5.76 58.19 -0.08
N SER B 421 5.33 56.94 -0.21
CA SER B 421 4.99 56.13 0.95
C SER B 421 6.26 55.63 1.63
N THR B 422 6.16 55.39 2.94
CA THR B 422 7.25 54.79 3.69
C THR B 422 7.23 53.27 3.62
N GLU B 423 6.53 52.68 2.66
CA GLU B 423 6.63 51.24 2.44
C GLU B 423 8.00 50.86 1.92
N PHE B 424 8.55 51.65 1.01
CA PHE B 424 9.66 51.23 0.17
C PHE B 424 10.98 51.86 0.61
N ARG B 425 11.03 53.19 0.67
CA ARG B 425 12.25 53.91 1.01
C ARG B 425 12.05 54.68 2.31
N PRO B 426 12.79 54.36 3.37
CA PRO B 426 12.58 55.09 4.64
C PRO B 426 13.14 56.49 4.60
N ASN B 427 14.14 56.76 3.77
CA ASN B 427 14.66 58.12 3.59
C ASN B 427 13.64 58.88 2.74
N ALA B 428 12.62 59.38 3.41
CA ALA B 428 11.56 60.14 2.77
C ALA B 428 11.62 61.58 3.22
N PRO B 429 11.97 62.52 2.34
CA PRO B 429 11.92 63.94 2.72
C PRO B 429 10.50 64.44 2.98
N VAL B 430 9.52 63.95 2.23
CA VAL B 430 8.11 64.15 2.57
C VAL B 430 7.49 62.78 2.78
N PRO B 431 7.50 62.25 4.00
CA PRO B 431 6.90 60.93 4.24
C PRO B 431 5.38 60.98 4.24
N LEU B 432 4.78 60.89 3.06
CA LEU B 432 3.35 61.18 2.94
C LEU B 432 2.50 60.05 3.51
N VAL B 433 2.96 58.81 3.43
CA VAL B 433 2.24 57.66 3.97
C VAL B 433 3.13 57.00 5.01
N ILE B 434 2.67 57.00 6.27
CA ILE B 434 3.50 56.59 7.40
C ILE B 434 3.03 55.23 7.92
N ASP B 435 3.97 54.49 8.51
CA ASP B 435 3.63 53.25 9.17
C ASP B 435 3.07 53.54 10.56
N MET B 436 1.97 52.87 10.90
CA MET B 436 1.41 52.87 12.25
C MET B 436 0.53 51.64 12.45
N PRO B 437 1.11 50.52 12.86
CA PRO B 437 0.28 49.37 13.24
C PRO B 437 -0.43 49.64 14.56
N GLU B 438 -1.44 48.81 14.83
CA GLU B 438 -2.22 48.99 16.05
C GLU B 438 -1.42 48.56 17.26
N HIS B 439 -1.26 49.48 18.21
CA HIS B 439 -0.61 49.20 19.49
C HIS B 439 -1.75 49.00 20.48
N ASN B 440 -2.17 47.75 20.62
CA ASN B 440 -3.33 47.49 21.45
C ASN B 440 -2.94 46.75 22.71
N PRO B 441 -3.72 46.89 23.79
CA PRO B 441 -3.54 46.00 24.94
C PRO B 441 -3.90 44.57 24.54
N GLY B 442 -2.97 43.65 24.82
CA GLY B 442 -3.09 42.29 24.34
C GLY B 442 -2.41 42.04 23.00
N ASN B 443 -1.88 43.09 22.36
CA ASN B 443 -1.17 42.96 21.10
C ASN B 443 0.18 43.66 21.23
N LEU B 444 1.25 42.89 21.35
CA LEU B 444 2.58 43.42 21.62
C LEU B 444 3.28 43.79 20.31
N GLY B 445 3.92 44.96 20.30
CA GLY B 445 4.71 45.34 19.16
C GLY B 445 3.86 45.77 17.97
N GLY B 446 4.45 45.62 16.78
CA GLY B 446 3.76 45.98 15.56
C GLY B 446 2.88 44.86 15.04
N THR B 447 1.57 45.03 15.15
CA THR B 447 0.59 44.04 14.72
C THR B 447 -0.23 44.61 13.58
N MET B 448 -0.36 43.83 12.51
CA MET B 448 -1.05 44.28 11.30
C MET B 448 -2.52 44.53 11.58
N ARG B 449 -3.05 45.60 11.01
CA ARG B 449 -4.45 45.95 11.21
C ARG B 449 -5.34 44.91 10.55
N LEU B 450 -6.26 44.34 11.31
CA LEU B 450 -6.93 43.13 10.85
C LEU B 450 -8.26 42.97 11.55
N GLY B 451 -9.25 42.50 10.81
CA GLY B 451 -10.56 42.18 11.36
C GLY B 451 -11.61 43.21 10.96
N ILE B 452 -12.82 42.98 11.47
CA ILE B 452 -13.92 43.91 11.26
C ILE B 452 -13.65 45.20 12.04
N ARG B 453 -13.73 46.32 11.34
CA ARG B 453 -13.56 47.62 11.96
C ARG B 453 -14.65 48.55 11.50
N ARG B 454 -15.31 49.20 12.45
CA ARG B 454 -16.28 50.23 12.13
C ARG B 454 -15.57 51.46 11.57
N THR B 455 -16.14 52.03 10.50
CA THR B 455 -15.68 53.29 9.95
C THR B 455 -16.89 54.13 9.56
N VAL B 456 -16.99 55.35 10.11
CA VAL B 456 -18.15 56.21 9.99
C VAL B 456 -17.91 57.20 8.86
N PHE B 457 -18.94 57.42 8.04
CA PHE B 457 -18.88 58.47 7.03
C PHE B 457 -19.06 59.82 7.71
N LYS B 458 -18.17 60.76 7.41
CA LYS B 458 -18.25 62.08 8.04
C LYS B 458 -19.38 62.90 7.44
N THR B 459 -19.27 63.20 6.15
CA THR B 459 -20.09 64.21 5.49
C THR B 459 -20.90 63.58 4.36
N GLU B 460 -21.88 64.36 3.89
CA GLU B 460 -22.95 63.80 3.07
C GLU B 460 -22.52 63.55 1.63
N ASN B 461 -21.65 64.39 1.09
CA ASN B 461 -21.33 64.34 -0.34
C ASN B 461 -20.37 63.18 -0.67
N SER B 462 -20.85 61.98 -0.41
CA SER B 462 -20.20 60.74 -0.80
C SER B 462 -21.15 59.97 -1.69
N ILE B 463 -20.65 59.51 -2.84
CA ILE B 463 -21.45 58.62 -3.66
C ILE B 463 -21.47 57.22 -3.06
N LEU B 464 -20.54 56.92 -2.16
CA LEU B 464 -20.55 55.64 -1.46
C LEU B 464 -21.66 55.58 -0.41
N ARG B 465 -22.00 56.72 0.21
CA ARG B 465 -22.96 56.72 1.31
C ARG B 465 -24.35 56.34 0.83
N LYS B 466 -24.72 56.80 -0.36
CA LYS B 466 -26.01 56.44 -0.93
C LYS B 466 -26.06 54.98 -1.33
N LEU B 467 -24.90 54.37 -1.61
CA LEU B 467 -24.88 52.98 -2.05
C LEU B 467 -25.04 52.01 -0.90
N TYR B 468 -24.42 52.28 0.24
CA TYR B 468 -24.64 51.43 1.41
C TYR B 468 -26.02 51.64 2.01
N GLY B 469 -26.63 52.80 1.78
CA GLY B 469 -27.97 53.03 2.28
C GLY B 469 -28.07 54.17 3.28
N ASP B 470 -27.13 55.12 3.18
CA ASP B 470 -27.06 56.34 4.00
C ASP B 470 -26.95 56.04 5.49
N VAL B 471 -26.44 54.88 5.86
CA VAL B 471 -26.13 54.58 7.25
C VAL B 471 -24.88 55.37 7.59
N PRO B 472 -24.70 55.78 8.85
CA PRO B 472 -23.50 56.58 9.17
C PRO B 472 -22.22 55.78 9.14
N PHE B 473 -22.25 54.53 9.60
CA PHE B 473 -21.04 53.71 9.64
C PHE B 473 -21.23 52.43 8.83
N ILE B 474 -20.12 51.95 8.28
CA ILE B 474 -20.07 50.68 7.60
C ILE B 474 -19.07 49.79 8.34
N GLU B 475 -19.17 48.50 8.09
CA GLU B 475 -18.42 47.49 8.84
C GLU B 475 -17.67 46.62 7.84
N GLU B 476 -16.35 46.83 7.72
CA GLU B 476 -15.55 46.12 6.73
C GLU B 476 -14.28 45.57 7.38
N ARG B 477 -13.46 44.92 6.56
CA ARG B 477 -12.29 44.18 7.02
C ARG B 477 -11.12 44.42 6.09
N HIS B 478 -9.91 44.45 6.66
CA HIS B 478 -8.72 44.75 5.88
C HIS B 478 -7.46 44.24 6.56
N ARG B 479 -6.40 44.07 5.77
CA ARG B 479 -5.09 43.65 6.26
C ARG B 479 -4.02 44.54 5.61
N HIS B 480 -3.71 45.66 6.27
CA HIS B 480 -2.71 46.56 5.76
C HIS B 480 -2.05 47.28 6.92
N ARG B 481 -0.85 47.80 6.67
CA ARG B 481 0.00 48.31 7.71
C ARG B 481 0.17 49.83 7.69
N PHE B 482 -0.22 50.50 6.61
CA PHE B 482 0.26 51.83 6.32
C PHE B 482 -0.90 52.82 6.22
N GLU B 483 -0.63 54.06 6.63
CA GLU B 483 -1.61 55.13 6.59
C GLU B 483 -0.96 56.42 6.14
N VAL B 484 -1.76 57.26 5.47
CA VAL B 484 -1.36 58.64 5.29
C VAL B 484 -1.24 59.30 6.66
N ASN B 485 -0.23 60.15 6.83
CA ASN B 485 -0.02 60.85 8.08
C ASN B 485 -1.16 61.82 8.31
N PRO B 486 -1.83 61.79 9.47
CA PRO B 486 -2.81 62.83 9.79
C PRO B 486 -2.22 64.23 9.87
N ASN B 487 -0.91 64.35 10.11
CA ASN B 487 -0.26 65.64 9.99
C ASN B 487 -0.22 66.11 8.54
N LEU B 488 0.01 65.18 7.60
CA LEU B 488 0.13 65.47 6.17
C LEU B 488 -1.22 65.76 5.49
N ILE B 489 -2.32 65.77 6.23
CA ILE B 489 -3.62 66.17 5.68
C ILE B 489 -3.60 67.65 5.34
N LYS B 490 -2.82 68.43 6.10
CA LYS B 490 -2.67 69.89 5.95
C LYS B 490 -2.33 70.30 4.51
N GLN B 491 -1.65 69.41 3.79
CA GLN B 491 -1.33 69.57 2.38
C GLN B 491 -2.57 69.56 1.50
N PHE B 492 -3.64 68.86 1.89
CA PHE B 492 -4.77 68.75 0.97
C PHE B 492 -6.06 69.25 1.60
N GLU B 493 -5.99 70.15 2.58
CA GLU B 493 -7.23 70.65 3.14
C GLU B 493 -8.06 71.60 2.26
N GLN B 494 -7.79 71.71 0.95
CA GLN B 494 -8.57 72.60 0.10
C GLN B 494 -8.97 72.02 -1.25
N ASN B 495 -8.35 70.93 -1.72
CA ASN B 495 -8.55 70.45 -3.07
C ASN B 495 -9.86 69.68 -3.25
N ASP B 496 -10.03 69.13 -4.45
CA ASP B 496 -11.17 68.31 -4.81
C ASP B 496 -11.07 66.87 -4.32
N LEU B 497 -9.91 66.48 -3.81
CA LEU B 497 -9.71 65.13 -3.29
C LEU B 497 -9.68 65.25 -1.78
N SER B 498 -10.79 64.98 -1.14
CA SER B 498 -10.88 65.11 0.31
C SER B 498 -11.26 63.77 0.93
N PHE B 499 -10.85 63.59 2.18
CA PHE B 499 -11.05 62.34 2.88
C PHE B 499 -12.45 62.32 3.47
N VAL B 500 -13.08 61.14 3.45
CA VAL B 500 -14.49 61.01 3.75
C VAL B 500 -14.72 60.21 5.02
N GLY B 501 -14.15 59.02 5.12
CA GLY B 501 -14.43 58.17 6.25
C GLY B 501 -13.59 58.49 7.48
N GLN B 502 -14.09 58.05 8.63
CA GLN B 502 -13.35 58.02 9.88
C GLN B 502 -13.83 56.83 10.70
N ASP B 503 -12.92 56.20 11.44
CA ASP B 503 -13.29 55.13 12.35
C ASP B 503 -13.83 55.70 13.67
N VAL B 504 -13.84 54.87 14.71
CA VAL B 504 -14.41 55.24 16.01
C VAL B 504 -13.71 56.47 16.59
N ASP B 505 -12.38 56.47 16.59
CA ASP B 505 -11.67 57.61 17.14
C ASP B 505 -11.36 58.68 16.09
N GLY B 506 -10.73 58.31 14.97
CA GLY B 506 -10.49 59.28 13.92
C GLY B 506 -9.03 59.51 13.53
N ASP B 507 -8.16 58.55 13.84
CA ASP B 507 -6.73 58.70 13.57
C ASP B 507 -6.35 58.26 12.17
N ARG B 508 -7.30 57.80 11.37
CA ARG B 508 -7.08 57.47 9.97
C ARG B 508 -8.39 57.68 9.21
N MET B 509 -8.30 57.68 7.89
CA MET B 509 -9.39 58.18 7.05
C MET B 509 -10.00 57.13 6.14
N GLU B 510 -9.17 56.24 5.58
CA GLU B 510 -9.57 54.98 4.94
C GLU B 510 -10.31 55.11 3.60
N ILE B 511 -10.74 56.31 3.21
CA ILE B 511 -11.66 56.48 2.08
C ILE B 511 -11.41 57.84 1.43
N ILE B 512 -11.26 57.86 0.10
CA ILE B 512 -11.15 59.10 -0.65
C ILE B 512 -12.23 59.19 -1.72
N GLU B 513 -12.61 60.42 -2.06
CA GLU B 513 -13.37 60.71 -3.28
C GLU B 513 -12.85 61.99 -3.90
N LEU B 514 -12.97 62.07 -5.23
CA LEU B 514 -12.56 63.24 -6.00
C LEU B 514 -13.79 63.87 -6.65
N ALA B 515 -13.85 65.20 -6.62
CA ALA B 515 -15.02 65.92 -7.11
C ALA B 515 -15.13 65.90 -8.63
N ASN B 516 -14.15 66.49 -9.32
CA ASN B 516 -14.22 66.68 -10.76
C ASN B 516 -13.88 65.39 -11.54
N HIS B 517 -14.74 64.39 -11.36
CA HIS B 517 -14.53 63.07 -11.91
C HIS B 517 -15.86 62.34 -11.80
N PRO B 518 -16.14 61.38 -12.70
CA PRO B 518 -17.37 60.59 -12.54
C PRO B 518 -17.38 59.75 -11.28
N TYR B 519 -16.35 58.96 -11.06
CA TYR B 519 -16.35 58.03 -9.93
C TYR B 519 -14.90 57.70 -9.60
N PHE B 520 -14.40 58.27 -8.51
CA PHE B 520 -13.00 58.17 -8.12
C PHE B 520 -13.00 57.76 -6.65
N VAL B 521 -12.90 56.48 -6.39
CA VAL B 521 -12.90 56.01 -5.01
C VAL B 521 -11.63 55.21 -4.76
N GLY B 522 -11.13 55.32 -3.54
CA GLY B 522 -9.99 54.54 -3.11
C GLY B 522 -10.17 54.21 -1.65
N VAL B 523 -10.14 52.93 -1.31
CA VAL B 523 -10.45 52.50 0.04
C VAL B 523 -9.32 51.65 0.59
N GLN B 524 -9.09 51.78 1.89
CA GLN B 524 -8.12 50.90 2.54
C GLN B 524 -8.70 49.53 2.83
N PHE B 525 -10.00 49.45 3.12
CA PHE B 525 -10.60 48.15 3.38
C PHE B 525 -10.77 47.39 2.09
N HIS B 526 -10.69 46.05 2.19
CA HIS B 526 -11.03 45.16 1.10
C HIS B 526 -12.55 45.02 0.99
N PRO B 527 -13.19 45.54 -0.04
CA PRO B 527 -14.62 45.35 -0.21
C PRO B 527 -14.98 44.15 -1.08
N GLU B 528 -14.33 43.02 -0.82
CA GLU B 528 -14.62 41.82 -1.58
C GLU B 528 -15.19 40.70 -0.75
N PHE B 529 -15.09 40.79 0.56
CA PHE B 529 -15.29 39.63 1.41
C PHE B 529 -16.68 39.59 2.00
N SER B 530 -17.54 40.54 1.62
CA SER B 530 -18.95 40.50 1.95
C SER B 530 -19.82 40.38 0.72
N SER B 531 -19.23 40.35 -0.47
CA SER B 531 -20.00 40.33 -1.71
C SER B 531 -20.64 38.98 -1.91
N ARG B 532 -21.95 38.98 -2.09
CA ARG B 532 -22.74 37.78 -2.25
C ARG B 532 -23.48 37.86 -3.57
N PRO B 533 -23.96 36.74 -4.12
CA PRO B 533 -24.71 36.80 -5.38
C PRO B 533 -26.06 37.50 -5.28
N MET B 534 -26.55 37.77 -4.08
CA MET B 534 -27.83 38.48 -3.95
C MET B 534 -27.58 39.99 -3.93
N LYS B 535 -26.83 40.47 -2.95
CA LYS B 535 -26.43 41.87 -2.94
C LYS B 535 -24.94 41.98 -3.22
N PRO B 536 -24.54 42.75 -4.21
CA PRO B 536 -23.12 42.84 -4.56
C PRO B 536 -22.38 43.73 -3.56
N SER B 537 -21.11 43.92 -3.82
CA SER B 537 -20.33 44.83 -2.99
C SER B 537 -20.68 46.27 -3.36
N PRO B 538 -20.99 47.12 -2.39
CA PRO B 538 -21.48 48.46 -2.68
C PRO B 538 -20.46 49.37 -3.35
N PRO B 539 -19.15 49.28 -3.09
CA PRO B 539 -18.23 49.99 -4.00
C PRO B 539 -18.17 49.38 -5.38
N TYR B 540 -18.16 48.05 -5.49
CA TYR B 540 -18.04 47.43 -6.80
C TYR B 540 -19.32 47.57 -7.63
N LEU B 541 -20.47 47.70 -6.98
CA LEU B 541 -21.71 47.83 -7.73
C LEU B 541 -21.79 49.17 -8.43
N GLY B 542 -21.39 50.23 -7.74
CA GLY B 542 -21.36 51.54 -8.36
C GLY B 542 -20.30 51.65 -9.43
N LEU B 543 -19.22 50.85 -9.31
CA LEU B 543 -18.13 50.91 -10.26
C LEU B 543 -18.58 50.36 -11.62
N LEU B 544 -19.39 49.32 -11.63
CA LEU B 544 -19.98 48.90 -12.89
C LEU B 544 -21.10 49.83 -13.33
N LEU B 545 -21.73 50.51 -12.39
CA LEU B 545 -22.73 51.52 -12.75
C LEU B 545 -22.08 52.73 -13.40
N ALA B 546 -20.88 53.10 -12.94
CA ALA B 546 -20.16 54.19 -13.59
C ALA B 546 -19.63 53.77 -14.95
N ALA B 547 -19.37 52.48 -15.13
CA ALA B 547 -18.87 52.03 -16.43
C ALA B 547 -19.95 52.08 -17.49
N THR B 548 -21.19 51.75 -17.13
CA THR B 548 -22.30 51.83 -18.05
C THR B 548 -22.99 53.19 -18.01
N GLY B 549 -22.51 54.11 -17.17
CA GLY B 549 -23.08 55.44 -17.09
C GLY B 549 -24.36 55.55 -16.29
N ASN B 550 -24.93 54.44 -15.83
CA ASN B 550 -26.19 54.44 -15.10
C ASN B 550 -26.03 54.74 -13.62
N LEU B 551 -24.88 55.29 -13.22
CA LEU B 551 -24.63 55.56 -11.81
C LEU B 551 -25.50 56.70 -11.32
N ASN B 552 -25.72 57.71 -12.16
CA ASN B 552 -26.74 58.71 -11.86
C ASN B 552 -28.13 58.09 -11.94
N ALA B 553 -28.34 57.17 -12.88
CA ALA B 553 -29.63 56.52 -13.05
C ALA B 553 -29.99 55.61 -11.88
N TYR B 554 -29.01 55.11 -11.13
CA TYR B 554 -29.33 54.34 -9.94
C TYR B 554 -29.87 55.24 -8.83
N LEU B 555 -29.37 56.46 -8.73
CA LEU B 555 -29.80 57.36 -7.68
C LEU B 555 -30.97 58.24 -8.10
N GLN B 556 -31.44 58.11 -9.34
CA GLN B 556 -32.72 58.71 -9.69
C GLN B 556 -33.86 57.99 -8.98
N GLN B 557 -33.74 56.68 -8.79
CA GLN B 557 -34.75 55.95 -8.02
C GLN B 557 -34.67 56.31 -6.54
N GLY B 558 -33.48 56.16 -5.95
CA GLY B 558 -33.31 56.51 -4.55
C GLY B 558 -33.86 55.46 -3.60
N CYS B 559 -34.82 55.81 -2.74
CA CYS B 559 -35.35 57.17 -2.65
C CYS B 559 -35.10 57.75 -1.27
N MET C 1 -27.06 -18.10 3.36
CA MET C 1 -26.42 -18.98 4.33
C MET C 1 -25.39 -18.20 5.14
N LYS C 2 -25.31 -18.50 6.43
CA LYS C 2 -24.36 -17.81 7.30
C LYS C 2 -22.95 -18.29 6.99
N TYR C 3 -22.03 -17.36 6.76
CA TYR C 3 -20.67 -17.69 6.35
C TYR C 3 -19.69 -17.12 7.35
N ILE C 4 -18.71 -17.92 7.74
CA ILE C 4 -17.64 -17.47 8.60
C ILE C 4 -16.35 -17.61 7.82
N LEU C 5 -15.62 -16.50 7.70
CA LEU C 5 -14.40 -16.44 6.92
C LEU C 5 -13.28 -16.16 7.91
N VAL C 6 -12.50 -17.19 8.23
CA VAL C 6 -11.32 -16.97 9.03
C VAL C 6 -10.25 -16.51 8.05
N THR C 7 -9.13 -16.02 8.55
CA THR C 7 -8.07 -15.56 7.65
C THR C 7 -6.74 -16.01 8.22
N GLY C 8 -5.77 -15.14 8.20
CA GLY C 8 -4.45 -15.49 8.69
C GLY C 8 -3.79 -14.29 9.30
N GLY C 9 -2.91 -14.54 10.24
CA GLY C 9 -2.30 -13.42 10.88
C GLY C 9 -0.95 -13.17 10.26
N VAL C 10 0.07 -13.06 11.08
CA VAL C 10 1.39 -12.75 10.59
C VAL C 10 2.00 -13.95 9.88
N ILE C 11 2.26 -15.03 10.61
CA ILE C 11 2.90 -16.21 10.05
C ILE C 11 1.84 -17.24 9.68
N SER C 12 2.24 -18.16 8.81
CA SER C 12 1.30 -19.14 8.29
C SER C 12 0.93 -20.18 9.35
N GLY C 13 1.92 -20.76 10.02
CA GLY C 13 1.66 -21.85 10.92
C GLY C 13 1.15 -21.49 12.31
N ILE C 14 0.08 -20.70 12.37
CA ILE C 14 -0.51 -20.33 13.65
C ILE C 14 -1.37 -21.45 14.21
N GLY C 15 -2.17 -22.09 13.37
CA GLY C 15 -3.31 -22.74 13.97
C GLY C 15 -4.61 -22.25 13.38
N LYS C 16 -4.60 -22.02 12.07
CA LYS C 16 -5.79 -21.57 11.36
C LYS C 16 -6.87 -22.63 11.43
N GLY C 17 -6.53 -23.85 11.03
CA GLY C 17 -7.48 -24.94 11.02
C GLY C 17 -7.91 -25.37 12.40
N ILE C 18 -7.12 -25.08 13.43
CA ILE C 18 -7.54 -25.47 14.76
C ILE C 18 -8.55 -24.48 15.30
N ILE C 19 -8.65 -23.29 14.72
CA ILE C 19 -9.63 -22.32 15.15
C ILE C 19 -10.90 -22.44 14.34
N ALA C 20 -10.74 -22.59 13.01
CA ALA C 20 -11.89 -22.66 12.12
C ALA C 20 -12.69 -23.94 12.35
N SER C 21 -12.00 -25.05 12.65
CA SER C 21 -12.71 -26.26 13.03
C SER C 21 -13.36 -26.11 14.39
N SER C 22 -12.69 -25.42 15.32
CA SER C 22 -13.22 -25.31 16.67
C SER C 22 -14.48 -24.47 16.70
N ILE C 23 -14.49 -23.33 15.98
CA ILE C 23 -15.73 -22.58 15.88
C ILE C 23 -16.73 -23.31 15.00
N GLY C 24 -16.26 -24.22 14.15
CA GLY C 24 -17.19 -25.11 13.48
C GLY C 24 -17.76 -26.16 14.42
N THR C 25 -16.88 -26.82 15.18
CA THR C 25 -17.34 -27.94 16.00
C THR C 25 -18.02 -27.49 17.28
N ILE C 26 -17.91 -26.22 17.66
CA ILE C 26 -18.85 -25.68 18.64
C ILE C 26 -20.23 -25.60 18.04
N LEU C 27 -20.33 -25.09 16.82
CA LEU C 27 -21.62 -24.96 16.17
C LEU C 27 -22.19 -26.31 15.76
N LYS C 28 -21.35 -27.33 15.61
CA LYS C 28 -21.87 -28.68 15.42
C LYS C 28 -22.48 -29.19 16.72
N SER C 29 -21.88 -28.83 17.86
CA SER C 29 -22.50 -29.13 19.14
C SER C 29 -23.69 -28.25 19.42
N CYS C 30 -23.81 -27.12 18.71
CA CYS C 30 -25.00 -26.30 18.83
C CYS C 30 -26.21 -26.90 18.13
N GLY C 31 -26.00 -27.83 17.21
CA GLY C 31 -27.11 -28.40 16.48
C GLY C 31 -27.27 -27.73 15.13
N LEU C 32 -26.16 -27.50 14.44
CA LEU C 32 -26.15 -26.86 13.13
C LEU C 32 -25.37 -27.72 12.15
N ARG C 33 -25.85 -27.77 10.92
CA ARG C 33 -25.15 -28.53 9.88
C ARG C 33 -24.06 -27.65 9.29
N VAL C 34 -22.86 -28.21 9.20
CA VAL C 34 -21.63 -27.45 8.93
C VAL C 34 -21.02 -27.97 7.64
N THR C 35 -20.48 -27.07 6.83
CA THR C 35 -19.55 -27.46 5.78
C THR C 35 -18.20 -26.81 6.04
N ALA C 36 -17.29 -26.98 5.09
CA ALA C 36 -15.97 -26.38 5.20
C ALA C 36 -15.42 -26.20 3.80
N ILE C 37 -14.87 -25.03 3.55
CA ILE C 37 -14.24 -24.69 2.27
C ILE C 37 -12.91 -24.06 2.59
N LYS C 38 -11.83 -24.65 2.08
CA LYS C 38 -10.49 -24.13 2.32
C LYS C 38 -9.98 -23.47 1.06
N ILE C 39 -9.74 -22.17 1.13
CA ILE C 39 -9.23 -21.41 0.01
C ILE C 39 -7.72 -21.54 0.06
N ASP C 40 -7.11 -21.89 -1.05
CA ASP C 40 -5.67 -22.05 -1.05
C ASP C 40 -5.02 -21.20 -2.13
N PRO C 41 -4.03 -20.39 -1.79
CA PRO C 41 -3.44 -19.50 -2.78
C PRO C 41 -2.32 -20.15 -3.57
N TYR C 42 -1.95 -21.39 -3.25
CA TYR C 42 -0.83 -22.00 -3.94
C TYR C 42 -1.34 -22.47 -5.29
N ILE C 43 -0.59 -22.11 -6.34
CA ILE C 43 -1.00 -22.32 -7.72
C ILE C 43 -1.23 -23.80 -8.03
N ASN C 44 -0.42 -24.68 -7.47
CA ASN C 44 -0.46 -26.10 -7.81
C ASN C 44 -1.85 -26.71 -7.60
N ILE C 45 -2.35 -27.36 -8.63
CA ILE C 45 -3.62 -28.07 -8.54
C ILE C 45 -3.31 -29.45 -8.02
N ASP C 46 -4.23 -30.03 -7.23
CA ASP C 46 -4.29 -31.45 -6.93
C ASP C 46 -3.00 -31.94 -6.25
N ALA C 47 -2.86 -31.52 -4.99
CA ALA C 47 -1.65 -31.60 -4.16
C ALA C 47 -0.86 -32.91 -4.19
N GLY C 48 -1.50 -34.02 -4.59
CA GLY C 48 -0.95 -35.36 -4.67
C GLY C 48 0.42 -35.60 -5.29
N THR C 49 0.92 -34.63 -6.06
CA THR C 49 2.28 -34.73 -6.61
C THR C 49 3.30 -34.01 -5.74
N PHE C 50 2.92 -33.64 -4.52
CA PHE C 50 3.89 -33.07 -3.58
C PHE C 50 4.88 -34.12 -3.11
N SER C 51 6.11 -33.69 -2.91
CA SER C 51 6.91 -34.32 -1.89
C SER C 51 6.32 -33.93 -0.54
N PRO C 52 6.17 -34.86 0.38
CA PRO C 52 5.44 -34.52 1.60
C PRO C 52 6.26 -33.79 2.65
N TYR C 53 7.39 -33.22 2.26
CA TYR C 53 8.24 -32.50 3.20
C TYR C 53 8.04 -31.00 3.12
N GLU C 54 7.46 -30.51 2.03
CA GLU C 54 7.16 -29.09 1.93
C GLU C 54 5.94 -28.71 2.76
N HIS C 55 4.85 -29.41 2.51
CA HIS C 55 3.64 -29.09 3.21
C HIS C 55 3.22 -30.06 4.26
N GLY C 56 3.07 -31.32 3.88
CA GLY C 56 2.75 -32.38 4.80
C GLY C 56 2.31 -33.59 3.98
N GLU C 57 1.64 -34.52 4.66
CA GLU C 57 1.20 -35.74 3.99
C GLU C 57 0.00 -35.36 3.10
N VAL C 58 -0.51 -36.31 2.31
CA VAL C 58 -1.72 -35.93 1.58
C VAL C 58 -2.83 -36.19 2.58
N PHE C 59 -4.06 -35.71 2.37
CA PHE C 59 -5.34 -36.38 2.55
C PHE C 59 -6.01 -36.95 1.31
N VAL C 60 -6.85 -37.96 1.53
CA VAL C 60 -7.49 -38.72 0.47
C VAL C 60 -8.99 -38.64 0.73
N LEU C 61 -9.75 -38.20 -0.26
CA LEU C 61 -11.21 -38.14 -0.15
C LEU C 61 -11.89 -39.34 -0.81
N ASN C 62 -13.22 -39.28 -0.80
CA ASN C 62 -14.04 -40.40 -1.22
C ASN C 62 -14.03 -40.50 -2.74
N ASP C 63 -14.27 -39.38 -3.41
CA ASP C 63 -14.39 -39.30 -4.86
C ASP C 63 -13.04 -39.27 -5.56
N GLY C 64 -11.94 -39.43 -4.85
CA GLY C 64 -10.64 -39.35 -5.49
C GLY C 64 -9.78 -38.18 -5.09
N GLY C 65 -9.85 -37.79 -3.82
CA GLY C 65 -9.12 -36.61 -3.39
C GLY C 65 -7.63 -36.89 -3.20
N GLU C 66 -6.84 -35.83 -3.37
CA GLU C 66 -5.41 -35.78 -3.10
C GLU C 66 -5.10 -34.46 -2.41
N VAL C 67 -6.17 -33.91 -1.83
CA VAL C 67 -6.26 -32.65 -1.10
C VAL C 67 -5.28 -32.55 -0.01
N ASP C 68 -4.77 -31.36 0.18
CA ASP C 68 -3.74 -31.03 1.13
C ASP C 68 -3.80 -31.75 2.44
N LEU C 69 -4.38 -31.09 3.42
CA LEU C 69 -4.49 -31.61 4.74
C LEU C 69 -5.38 -30.73 5.49
N ASP C 70 -4.79 -29.73 6.05
CA ASP C 70 -5.77 -28.98 6.81
C ASP C 70 -7.18 -29.46 6.55
N LEU C 71 -7.46 -29.88 5.32
CA LEU C 71 -8.77 -30.42 4.96
C LEU C 71 -9.05 -31.67 5.77
N GLY C 72 -8.00 -32.45 6.03
CA GLY C 72 -8.12 -33.67 6.80
C GLY C 72 -8.56 -33.36 8.23
N ASN C 73 -8.02 -32.27 8.78
CA ASN C 73 -8.34 -31.85 10.13
C ASN C 73 -9.82 -31.57 10.27
N TYR C 74 -10.43 -30.88 9.28
CA TYR C 74 -11.86 -30.62 9.33
C TYR C 74 -12.64 -31.93 9.34
N GLU C 75 -12.24 -32.87 8.48
CA GLU C 75 -12.94 -34.14 8.34
C GLU C 75 -12.95 -34.89 9.68
N ARG C 76 -11.78 -34.97 10.31
CA ARG C 76 -11.60 -35.66 11.58
C ARG C 76 -12.36 -35.01 12.74
N PHE C 77 -12.39 -33.68 12.80
CA PHE C 77 -13.13 -33.02 13.88
C PHE C 77 -14.63 -32.89 13.70
N LEU C 78 -15.18 -32.97 12.49
CA LEU C 78 -16.60 -32.63 12.34
C LEU C 78 -17.59 -33.74 12.01
N ASP C 79 -17.14 -34.97 11.73
CA ASP C 79 -17.91 -36.19 11.35
C ASP C 79 -18.24 -36.10 9.85
N ILE C 80 -17.87 -34.99 9.24
CA ILE C 80 -18.02 -34.71 7.82
C ILE C 80 -17.02 -35.51 7.01
N ASN C 81 -17.50 -36.12 5.93
CA ASN C 81 -16.65 -36.52 4.81
C ASN C 81 -17.01 -35.69 3.59
N LEU C 82 -15.98 -35.30 2.84
CA LEU C 82 -15.99 -34.16 1.94
C LEU C 82 -16.03 -34.57 0.47
N TYR C 83 -15.90 -33.58 -0.41
CA TYR C 83 -15.74 -33.79 -1.84
C TYR C 83 -14.48 -33.05 -2.27
N LYS C 84 -13.94 -33.40 -3.43
CA LYS C 84 -12.66 -32.82 -3.83
C LYS C 84 -12.78 -31.41 -4.38
N ASP C 85 -14.00 -30.91 -4.60
CA ASP C 85 -14.20 -29.64 -5.25
C ASP C 85 -14.40 -28.49 -4.28
N ASN C 86 -14.15 -28.67 -2.99
CA ASN C 86 -14.04 -27.54 -2.09
C ASN C 86 -12.61 -27.29 -1.62
N ASN C 87 -11.66 -28.10 -2.06
CA ASN C 87 -10.26 -27.70 -2.06
C ASN C 87 -10.10 -26.78 -3.26
N ILE C 88 -10.44 -25.53 -3.06
CA ILE C 88 -10.52 -24.58 -4.15
C ILE C 88 -9.18 -23.84 -4.16
N THR C 89 -8.32 -24.28 -5.05
CA THR C 89 -7.00 -23.70 -5.20
C THR C 89 -7.02 -22.64 -6.28
N THR C 90 -5.93 -21.90 -6.36
CA THR C 90 -5.79 -20.90 -7.41
C THR C 90 -5.70 -21.56 -8.78
N GLY C 91 -5.00 -22.68 -8.86
CA GLY C 91 -4.95 -23.45 -10.10
C GLY C 91 -6.24 -24.15 -10.45
N LYS C 92 -7.14 -24.33 -9.47
CA LYS C 92 -8.45 -24.88 -9.80
C LYS C 92 -9.31 -23.82 -10.47
N ILE C 93 -9.15 -22.56 -10.08
CA ILE C 93 -9.98 -21.49 -10.60
C ILE C 93 -9.57 -21.14 -12.01
N TYR C 94 -8.27 -21.01 -12.22
CA TYR C 94 -7.75 -20.61 -13.53
C TYR C 94 -8.01 -21.70 -14.55
N GLN C 95 -7.88 -22.97 -14.17
CA GLN C 95 -8.21 -24.04 -15.08
C GLN C 95 -9.72 -24.12 -15.32
N HIS C 96 -10.52 -23.61 -14.39
CA HIS C 96 -11.94 -23.43 -14.62
C HIS C 96 -12.24 -22.22 -15.48
N VAL C 97 -11.33 -21.26 -15.59
CA VAL C 97 -11.59 -20.04 -16.34
C VAL C 97 -10.92 -20.06 -17.71
N ILE C 98 -9.68 -20.55 -17.78
CA ILE C 98 -9.03 -20.69 -19.08
C ILE C 98 -9.74 -21.73 -19.96
N ASN C 99 -10.40 -22.72 -19.34
CA ASN C 99 -11.28 -23.63 -20.06
C ASN C 99 -12.68 -23.08 -20.31
N LYS C 100 -12.93 -21.80 -20.10
CA LYS C 100 -14.20 -21.21 -20.48
C LYS C 100 -14.06 -20.13 -21.53
N GLU C 101 -12.92 -19.49 -21.59
CA GLU C 101 -12.68 -18.49 -22.62
C GLU C 101 -12.29 -19.07 -23.95
N ARG C 102 -12.06 -20.38 -24.03
CA ARG C 102 -12.03 -21.05 -25.34
C ARG C 102 -13.43 -21.44 -25.77
N ARG C 103 -14.33 -21.63 -24.80
CA ARG C 103 -15.73 -21.86 -25.09
C ARG C 103 -16.41 -20.60 -25.57
N GLY C 104 -15.88 -19.43 -25.22
CA GLY C 104 -16.52 -18.17 -25.56
C GLY C 104 -17.65 -17.80 -24.65
N ASP C 105 -17.72 -18.39 -23.45
CA ASP C 105 -18.88 -18.23 -22.60
C ASP C 105 -18.93 -16.89 -21.89
N TYR C 106 -17.89 -16.07 -22.01
CA TYR C 106 -17.95 -14.70 -21.52
C TYR C 106 -18.36 -13.71 -22.59
N LEU C 107 -18.89 -14.22 -23.72
CA LEU C 107 -19.50 -13.43 -24.80
C LEU C 107 -18.51 -12.47 -25.44
N GLY C 108 -17.27 -12.93 -25.61
CA GLY C 108 -16.23 -12.13 -26.24
C GLY C 108 -15.59 -11.08 -25.36
N LYS C 109 -16.09 -10.88 -24.15
CA LYS C 109 -15.57 -9.86 -23.26
C LYS C 109 -14.25 -10.31 -22.67
N THR C 110 -13.29 -9.39 -22.58
CA THR C 110 -11.98 -9.73 -22.04
C THR C 110 -12.09 -9.96 -20.55
N VAL C 111 -11.61 -11.11 -20.08
CA VAL C 111 -11.71 -11.42 -18.67
C VAL C 111 -10.44 -10.99 -17.95
N GLN C 112 -10.61 -10.30 -16.83
CA GLN C 112 -9.56 -9.82 -15.96
C GLN C 112 -9.79 -10.36 -14.56
N VAL C 113 -8.79 -10.18 -13.68
CA VAL C 113 -8.85 -10.72 -12.31
C VAL C 113 -10.06 -10.20 -11.54
N VAL C 114 -10.44 -8.94 -11.75
CA VAL C 114 -11.68 -8.39 -11.20
C VAL C 114 -12.55 -7.99 -12.38
N PRO C 115 -13.81 -8.41 -12.45
CA PRO C 115 -14.54 -9.31 -11.55
C PRO C 115 -14.59 -10.78 -11.96
N HIS C 116 -14.11 -11.11 -13.16
CA HIS C 116 -14.44 -12.40 -13.76
C HIS C 116 -13.71 -13.58 -13.13
N ILE C 117 -12.68 -13.34 -12.33
CA ILE C 117 -12.20 -14.38 -11.42
C ILE C 117 -12.99 -14.34 -10.13
N THR C 118 -13.17 -13.14 -9.57
CA THR C 118 -13.85 -13.02 -8.30
C THR C 118 -15.34 -13.31 -8.42
N ASP C 119 -15.90 -13.26 -9.64
CA ASP C 119 -17.22 -13.83 -9.84
C ASP C 119 -17.18 -15.34 -9.77
N ALA C 120 -16.10 -15.93 -10.31
CA ALA C 120 -16.00 -17.39 -10.28
C ALA C 120 -15.66 -17.91 -8.89
N VAL C 121 -15.10 -17.08 -8.03
CA VAL C 121 -14.86 -17.51 -6.65
C VAL C 121 -16.15 -17.48 -5.87
N GLN C 122 -16.94 -16.41 -6.01
CA GLN C 122 -18.17 -16.31 -5.25
C GLN C 122 -19.32 -17.08 -5.89
N GLU C 123 -19.07 -17.81 -6.98
CA GLU C 123 -19.97 -18.85 -7.43
C GLU C 123 -19.51 -20.21 -6.95
N TRP C 124 -18.21 -20.37 -6.73
CA TRP C 124 -17.69 -21.64 -6.25
C TRP C 124 -18.08 -21.84 -4.79
N VAL C 125 -17.92 -20.80 -3.98
CA VAL C 125 -18.23 -20.88 -2.56
C VAL C 125 -19.74 -20.91 -2.32
N MET C 126 -20.54 -20.42 -3.27
CA MET C 126 -21.99 -20.60 -3.16
C MET C 126 -22.40 -22.04 -3.41
N ASN C 127 -21.74 -22.71 -4.34
CA ASN C 127 -22.19 -24.04 -4.71
C ASN C 127 -21.73 -25.09 -3.71
N GLN C 128 -20.48 -24.98 -3.23
CA GLN C 128 -19.99 -25.97 -2.27
C GLN C 128 -20.61 -25.82 -0.90
N ALA C 129 -21.09 -24.63 -0.55
CA ALA C 129 -21.90 -24.53 0.66
C ALA C 129 -23.28 -25.11 0.45
N LYS C 130 -23.79 -25.04 -0.78
CA LYS C 130 -25.14 -25.50 -1.08
C LYS C 130 -25.25 -27.02 -1.06
N VAL C 131 -24.21 -27.74 -1.47
CA VAL C 131 -24.29 -29.20 -1.53
C VAL C 131 -24.24 -29.77 -0.11
N PRO C 132 -25.06 -30.76 0.23
CA PRO C 132 -24.93 -31.39 1.53
C PRO C 132 -23.64 -32.18 1.61
N VAL C 133 -23.19 -32.39 2.84
CA VAL C 133 -21.87 -32.97 3.00
C VAL C 133 -21.88 -34.08 4.04
N ASP C 134 -23.01 -34.24 4.71
CA ASP C 134 -23.09 -35.15 5.83
C ASP C 134 -24.14 -36.20 5.48
N GLY C 135 -24.50 -37.04 6.47
CA GLY C 135 -25.38 -38.16 6.22
C GLY C 135 -26.79 -37.76 5.84
N ASN C 136 -27.21 -36.55 6.19
CA ASN C 136 -28.52 -36.08 5.79
C ASN C 136 -28.46 -35.60 4.34
N LYS C 137 -29.59 -35.67 3.66
CA LYS C 137 -29.75 -35.12 2.32
C LYS C 137 -30.46 -33.77 2.45
N GLU C 138 -29.70 -32.77 2.91
CA GLU C 138 -30.27 -31.48 3.25
C GLU C 138 -29.17 -30.44 3.29
N GLU C 139 -29.48 -29.23 2.80
CA GLU C 139 -28.49 -28.16 2.74
C GLU C 139 -28.16 -27.66 4.14
N PRO C 140 -26.90 -27.38 4.44
CA PRO C 140 -26.53 -26.91 5.77
C PRO C 140 -26.89 -25.45 5.97
N GLN C 141 -26.53 -24.92 7.15
CA GLN C 141 -26.88 -23.55 7.50
C GLN C 141 -25.69 -22.66 7.82
N ILE C 142 -24.51 -23.22 8.07
CA ILE C 142 -23.29 -22.43 8.16
C ILE C 142 -22.28 -23.02 7.20
N CYS C 143 -21.20 -22.28 6.98
CA CYS C 143 -20.13 -22.76 6.12
C CYS C 143 -18.85 -22.06 6.57
N VAL C 144 -18.02 -22.77 7.33
CA VAL C 144 -16.78 -22.21 7.83
C VAL C 144 -15.79 -22.19 6.67
N ILE C 145 -15.43 -20.99 6.23
CA ILE C 145 -14.59 -20.80 5.06
C ILE C 145 -13.20 -20.45 5.52
N GLU C 146 -12.21 -21.23 5.10
CA GLU C 146 -10.84 -20.96 5.51
C GLU C 146 -10.09 -20.36 4.35
N LEU C 147 -9.85 -19.05 4.42
CA LEU C 147 -8.92 -18.38 3.53
C LEU C 147 -7.54 -18.72 4.01
N GLY C 148 -6.94 -19.77 3.43
CA GLY C 148 -5.63 -20.18 3.90
C GLY C 148 -4.53 -19.19 3.60
N GLY C 149 -3.26 -19.61 3.61
CA GLY C 149 -2.21 -18.65 3.33
C GLY C 149 -2.17 -17.55 4.40
N THR C 150 -1.39 -16.53 4.14
CA THR C 150 -1.29 -15.42 5.08
C THR C 150 -2.10 -14.27 4.45
N ILE C 151 -1.65 -13.02 4.48
CA ILE C 151 -2.42 -11.95 3.87
C ILE C 151 -1.51 -10.76 3.67
N GLY C 152 -1.56 -10.19 2.48
CA GLY C 152 -0.73 -9.08 2.08
C GLY C 152 0.16 -9.42 0.92
N ASP C 153 0.47 -10.69 0.73
CA ASP C 153 1.35 -11.12 -0.33
C ASP C 153 0.63 -11.09 -1.68
N ILE C 154 1.34 -11.52 -2.72
CA ILE C 154 0.83 -11.45 -4.08
C ILE C 154 -0.14 -12.59 -4.37
N GLU C 155 0.03 -13.74 -3.71
CA GLU C 155 -0.86 -14.88 -3.91
C GLU C 155 -2.25 -14.60 -3.35
N GLY C 156 -2.33 -13.95 -2.19
CA GLY C 156 -3.61 -13.68 -1.58
C GLY C 156 -4.35 -12.48 -2.11
N MET C 157 -3.89 -11.87 -3.19
CA MET C 157 -4.57 -10.70 -3.76
C MET C 157 -5.87 -11.01 -4.52
N PRO C 158 -6.00 -12.07 -5.35
CA PRO C 158 -7.31 -12.30 -5.99
C PRO C 158 -8.40 -12.78 -5.05
N PHE C 159 -8.10 -13.10 -3.80
CA PHE C 159 -9.08 -13.72 -2.92
C PHE C 159 -9.71 -12.76 -1.92
N VAL C 160 -8.92 -11.86 -1.31
CA VAL C 160 -9.51 -10.94 -0.37
C VAL C 160 -10.37 -9.90 -1.09
N GLU C 161 -10.03 -9.59 -2.33
CA GLU C 161 -10.91 -8.78 -3.15
C GLU C 161 -12.13 -9.59 -3.59
N ALA C 162 -11.98 -10.91 -3.69
CA ALA C 162 -13.12 -11.75 -4.03
C ALA C 162 -14.13 -11.81 -2.90
N PHE C 163 -13.68 -11.67 -1.65
CA PHE C 163 -14.62 -11.66 -0.55
C PHE C 163 -15.04 -10.26 -0.13
N ARG C 164 -14.33 -9.23 -0.59
CA ARG C 164 -14.78 -7.86 -0.36
C ARG C 164 -16.06 -7.58 -1.13
N GLN C 165 -16.12 -8.01 -2.39
CA GLN C 165 -17.35 -7.93 -3.16
C GLN C 165 -18.43 -8.83 -2.58
N PHE C 166 -18.04 -9.84 -1.81
CA PHE C 166 -18.98 -10.81 -1.32
C PHE C 166 -19.73 -10.33 -0.08
N GLN C 167 -19.18 -9.36 0.65
CA GLN C 167 -19.93 -8.78 1.76
C GLN C 167 -21.12 -7.97 1.29
N PHE C 168 -21.04 -7.42 0.08
CA PHE C 168 -22.17 -6.65 -0.43
C PHE C 168 -23.24 -7.55 -1.03
N LYS C 169 -22.83 -8.57 -1.77
CA LYS C 169 -23.80 -9.48 -2.38
C LYS C 169 -24.48 -10.35 -1.34
N ALA C 170 -23.81 -10.61 -0.23
CA ALA C 170 -24.47 -11.23 0.91
C ALA C 170 -24.99 -10.14 1.84
N LYS C 171 -25.75 -10.57 2.83
CA LYS C 171 -26.28 -9.68 3.84
C LYS C 171 -25.34 -9.71 5.04
N ARG C 172 -25.32 -8.61 5.79
CA ARG C 172 -24.40 -8.48 6.91
C ARG C 172 -24.72 -9.46 8.04
N GLU C 173 -25.98 -9.86 8.16
CA GLU C 173 -26.32 -10.96 9.07
C GLU C 173 -25.83 -12.31 8.56
N ASN C 174 -25.44 -12.43 7.29
CA ASN C 174 -25.03 -13.71 6.75
C ASN C 174 -23.52 -13.87 6.65
N PHE C 175 -22.76 -12.92 7.18
CA PHE C 175 -21.32 -12.94 6.99
C PHE C 175 -20.62 -12.64 8.30
N CYS C 176 -19.47 -13.28 8.50
CA CYS C 176 -18.64 -13.07 9.67
C CYS C 176 -17.19 -13.02 9.24
N ASN C 177 -16.30 -12.73 10.18
CA ASN C 177 -14.90 -12.60 9.84
C ASN C 177 -14.07 -12.80 11.10
N ILE C 178 -13.16 -13.76 11.05
CA ILE C 178 -12.25 -14.07 12.15
C ILE C 178 -10.86 -13.71 11.67
N HIS C 179 -10.02 -13.27 12.57
CA HIS C 179 -8.63 -12.98 12.24
C HIS C 179 -7.77 -13.61 13.32
N VAL C 180 -6.91 -14.54 12.93
CA VAL C 180 -6.18 -15.33 13.90
C VAL C 180 -4.72 -14.93 13.82
N SER C 181 -4.32 -13.99 14.68
CA SER C 181 -3.00 -13.39 14.61
C SER C 181 -2.08 -13.89 15.71
N LEU C 182 -0.83 -13.47 15.61
CA LEU C 182 0.23 -13.84 16.54
C LEU C 182 0.65 -12.63 17.34
N VAL C 183 0.78 -12.79 18.65
CA VAL C 183 1.47 -11.78 19.45
C VAL C 183 2.79 -12.39 19.94
N PRO C 184 3.88 -12.27 19.17
CA PRO C 184 5.13 -12.92 19.56
C PRO C 184 5.82 -12.19 20.70
N GLN C 185 6.24 -12.94 21.70
CA GLN C 185 7.05 -12.42 22.80
C GLN C 185 8.44 -13.03 22.76
N LEU C 186 9.41 -12.32 23.26
CA LEU C 186 10.70 -12.90 23.15
C LEU C 186 11.04 -13.45 24.48
N SER C 187 11.27 -14.75 24.54
CA SER C 187 11.69 -15.33 25.80
C SER C 187 13.00 -14.63 26.15
N ALA C 188 13.66 -14.05 25.16
CA ALA C 188 14.92 -13.41 25.35
C ALA C 188 14.70 -12.38 26.43
N THR C 189 13.58 -11.68 26.40
CA THR C 189 13.32 -10.73 27.46
C THR C 189 12.13 -11.13 28.34
N GLY C 190 10.98 -10.52 28.13
CA GLY C 190 9.86 -10.80 28.97
C GLY C 190 8.59 -10.04 28.64
N GLU C 191 8.71 -8.90 27.96
CA GLU C 191 7.53 -8.16 27.54
C GLU C 191 6.80 -8.89 26.42
N GLN C 192 5.58 -8.44 26.14
CA GLN C 192 4.75 -9.03 25.11
C GLN C 192 4.22 -7.92 24.23
N LYS C 193 4.50 -8.01 22.93
CA LYS C 193 4.21 -6.93 22.00
C LYS C 193 2.87 -7.15 21.32
N THR C 194 2.28 -6.05 20.86
CA THR C 194 1.03 -6.07 20.10
C THR C 194 1.17 -5.49 18.72
N LYS C 195 2.37 -5.05 18.34
CA LYS C 195 2.55 -4.45 17.01
C LYS C 195 2.24 -5.37 15.84
N PRO C 196 2.72 -6.68 15.77
CA PRO C 196 2.37 -7.50 14.62
C PRO C 196 0.89 -7.68 14.35
N THR C 197 0.07 -7.58 15.41
CA THR C 197 -1.35 -7.69 15.20
C THR C 197 -1.93 -6.41 14.60
N GLN C 198 -1.35 -5.26 14.95
CA GLN C 198 -1.83 -3.99 14.40
C GLN C 198 -1.56 -3.88 12.91
N ASN C 199 -0.35 -4.23 12.48
CA ASN C 199 -0.04 -4.16 11.05
C ASN C 199 -0.77 -5.22 10.26
N SER C 200 -1.09 -6.35 10.89
CA SER C 200 -1.87 -7.37 10.18
C SER C 200 -3.33 -7.01 10.05
N VAL C 201 -3.85 -6.15 10.92
CA VAL C 201 -5.23 -5.69 10.77
C VAL C 201 -5.31 -4.65 9.68
N ARG C 202 -4.40 -3.68 9.67
CA ARG C 202 -4.44 -2.64 8.66
C ARG C 202 -3.95 -3.10 7.29
N ALA C 203 -3.53 -4.35 7.15
CA ALA C 203 -3.46 -4.98 5.84
C ALA C 203 -4.75 -5.71 5.49
N LEU C 204 -5.52 -6.12 6.50
CA LEU C 204 -6.83 -6.71 6.26
C LEU C 204 -7.88 -5.63 6.02
N ARG C 205 -7.93 -4.63 6.90
CA ARG C 205 -8.89 -3.55 6.73
C ARG C 205 -8.55 -2.70 5.51
N GLY C 206 -7.27 -2.63 5.15
CA GLY C 206 -6.84 -1.95 3.95
C GLY C 206 -7.21 -2.65 2.67
N LEU C 207 -7.70 -3.89 2.76
CA LEU C 207 -8.23 -4.59 1.60
C LEU C 207 -9.75 -4.75 1.67
N GLY C 208 -10.39 -4.17 2.68
CA GLY C 208 -11.84 -4.10 2.71
C GLY C 208 -12.53 -5.25 3.41
N LEU C 209 -11.97 -5.72 4.52
CA LEU C 209 -12.65 -6.67 5.38
C LEU C 209 -12.40 -6.27 6.81
N SER C 210 -13.43 -6.37 7.65
CA SER C 210 -13.32 -5.97 9.04
C SER C 210 -13.51 -7.19 9.94
N PRO C 211 -12.64 -7.39 10.92
CA PRO C 211 -12.78 -8.54 11.83
C PRO C 211 -13.94 -8.37 12.77
N ASP C 212 -14.78 -9.40 12.87
CA ASP C 212 -15.72 -9.46 13.99
C ASP C 212 -14.99 -9.86 15.27
N LEU C 213 -14.41 -11.05 15.29
CA LEU C 213 -13.55 -11.45 16.38
C LEU C 213 -12.10 -11.17 16.02
N ILE C 214 -11.24 -11.24 17.02
CA ILE C 214 -9.81 -11.18 16.81
C ILE C 214 -9.16 -12.12 17.81
N VAL C 215 -8.44 -13.10 17.32
CA VAL C 215 -7.94 -14.20 18.13
C VAL C 215 -6.42 -14.10 18.18
N CYS C 216 -5.88 -13.93 19.37
CA CYS C 216 -4.46 -13.74 19.57
C CYS C 216 -3.88 -15.03 20.15
N ARG C 217 -3.28 -15.84 19.30
CA ARG C 217 -2.63 -17.06 19.73
C ARG C 217 -1.15 -16.80 19.96
N SER C 218 -0.64 -17.23 21.11
CA SER C 218 0.74 -16.99 21.47
C SER C 218 1.23 -18.14 22.34
N SER C 219 2.34 -17.92 23.04
CA SER C 219 2.88 -18.93 23.93
C SER C 219 2.20 -18.91 25.29
N THR C 220 2.18 -17.77 25.94
CA THR C 220 1.67 -17.62 27.28
C THR C 220 0.28 -16.99 27.26
N PRO C 221 -0.53 -17.22 28.30
CA PRO C 221 -1.75 -16.42 28.45
C PRO C 221 -1.40 -14.96 28.70
N ILE C 222 -2.21 -14.08 28.13
CA ILE C 222 -1.85 -12.68 28.00
C ILE C 222 -2.64 -11.86 29.01
N GLU C 223 -2.04 -10.73 29.41
CA GLU C 223 -2.57 -9.92 30.50
C GLU C 223 -3.61 -8.95 29.96
N MET C 224 -4.42 -8.39 30.88
CA MET C 224 -5.45 -7.43 30.51
C MET C 224 -4.92 -6.13 29.94
N ALA C 225 -3.65 -5.80 30.18
CA ALA C 225 -3.05 -4.65 29.51
C ALA C 225 -2.89 -4.90 28.02
N VAL C 226 -2.72 -6.16 27.62
CA VAL C 226 -2.62 -6.50 26.21
C VAL C 226 -4.00 -6.50 25.56
N LYS C 227 -5.02 -6.98 26.27
CA LYS C 227 -6.39 -6.91 25.78
C LYS C 227 -6.90 -5.49 25.68
N GLU C 228 -6.32 -4.55 26.43
CA GLU C 228 -6.76 -3.17 26.30
C GLU C 228 -6.15 -2.53 25.06
N LYS C 229 -4.88 -2.82 24.77
CA LYS C 229 -4.21 -2.21 23.63
C LYS C 229 -4.77 -2.74 22.31
N ILE C 230 -5.08 -4.03 22.25
CA ILE C 230 -5.64 -4.59 21.03
C ILE C 230 -7.06 -4.08 20.85
N SER C 231 -7.77 -3.83 21.94
CA SER C 231 -9.12 -3.29 21.81
C SER C 231 -9.09 -1.84 21.36
N MET C 232 -8.11 -1.07 21.83
CA MET C 232 -8.09 0.36 21.50
C MET C 232 -7.46 0.60 20.14
N PHE C 233 -6.37 -0.09 19.81
CA PHE C 233 -5.71 0.15 18.53
C PHE C 233 -6.41 -0.52 17.37
N CYS C 234 -6.85 -1.77 17.52
CA CYS C 234 -7.47 -2.49 16.42
C CYS C 234 -8.97 -2.26 16.33
N HIS C 235 -9.49 -1.34 17.16
CA HIS C 235 -10.81 -0.70 16.98
C HIS C 235 -11.96 -1.69 17.07
N VAL C 236 -11.86 -2.63 17.99
CA VAL C 236 -12.92 -3.56 18.29
C VAL C 236 -13.10 -3.60 19.80
N ASN C 237 -14.31 -3.89 20.25
CA ASN C 237 -14.63 -3.87 21.67
C ASN C 237 -13.90 -5.01 22.38
N PRO C 238 -13.63 -4.87 23.69
CA PRO C 238 -12.87 -5.91 24.41
C PRO C 238 -13.60 -7.23 24.63
N GLU C 239 -14.83 -7.36 24.15
CA GLU C 239 -15.53 -8.64 24.22
C GLU C 239 -15.21 -9.53 23.04
N GLN C 240 -14.50 -9.02 22.04
CA GLN C 240 -14.15 -9.78 20.85
C GLN C 240 -12.67 -10.16 20.78
N VAL C 241 -11.89 -9.85 21.81
CA VAL C 241 -10.52 -10.32 21.89
C VAL C 241 -10.53 -11.62 22.68
N ILE C 242 -10.09 -12.70 22.05
CA ILE C 242 -10.11 -14.02 22.66
C ILE C 242 -8.68 -14.55 22.70
N CYS C 243 -8.17 -14.78 23.90
CA CYS C 243 -6.83 -15.33 24.05
C CYS C 243 -6.87 -16.83 23.89
N ILE C 244 -5.82 -17.38 23.30
CA ILE C 244 -5.61 -18.82 23.29
C ILE C 244 -4.10 -19.10 23.35
N HIS C 245 -3.67 -19.78 24.40
CA HIS C 245 -2.26 -20.05 24.57
C HIS C 245 -1.92 -21.43 24.02
N ASP C 246 -0.62 -21.72 23.98
CA ASP C 246 -0.13 -23.00 23.49
C ASP C 246 -0.51 -24.08 24.48
N VAL C 247 -1.53 -24.86 24.13
CA VAL C 247 -2.00 -25.91 24.99
C VAL C 247 -1.37 -27.23 24.57
N SER C 248 -1.40 -28.21 25.46
CA SER C 248 -0.66 -29.44 25.26
C SER C 248 -1.30 -30.30 24.17
N SER C 249 -2.62 -30.48 24.25
CA SER C 249 -3.34 -31.22 23.24
C SER C 249 -4.41 -30.33 22.62
N THR C 250 -4.77 -30.65 21.38
CA THR C 250 -5.69 -29.80 20.64
C THR C 250 -7.13 -29.91 21.10
N TYR C 251 -7.45 -30.80 22.03
CA TYR C 251 -8.82 -30.90 22.52
C TYR C 251 -9.15 -29.84 23.55
N ARG C 252 -8.14 -29.15 24.08
CA ARG C 252 -8.39 -27.99 24.91
C ARG C 252 -8.87 -26.81 24.06
N VAL C 253 -8.47 -26.80 22.77
CA VAL C 253 -8.83 -25.68 21.88
C VAL C 253 -10.34 -25.48 21.70
N PRO C 254 -11.18 -26.51 21.58
CA PRO C 254 -12.62 -26.22 21.63
C PRO C 254 -13.13 -25.78 22.99
N VAL C 255 -12.69 -26.39 24.08
CA VAL C 255 -13.26 -26.01 25.37
C VAL C 255 -12.68 -24.72 25.91
N LEU C 256 -11.55 -24.24 25.37
CA LEU C 256 -11.02 -22.96 25.80
C LEU C 256 -11.79 -21.81 25.18
N LEU C 257 -12.38 -22.02 24.00
CA LEU C 257 -13.26 -21.01 23.43
C LEU C 257 -14.59 -20.92 24.15
N GLU C 258 -14.97 -21.99 24.86
CA GLU C 258 -16.19 -21.96 25.66
C GLU C 258 -16.07 -20.98 26.83
N GLU C 259 -14.88 -20.91 27.44
CA GLU C 259 -14.68 -20.02 28.58
C GLU C 259 -14.70 -18.56 28.17
N GLN C 260 -14.30 -18.25 26.93
CA GLN C 260 -14.23 -16.88 26.49
C GLN C 260 -15.53 -16.39 25.86
N SER C 261 -16.56 -17.24 25.86
CA SER C 261 -17.93 -16.89 25.49
C SER C 261 -18.04 -16.42 24.04
N ILE C 262 -17.67 -17.32 23.13
CA ILE C 262 -17.93 -17.08 21.70
C ILE C 262 -19.21 -17.74 21.24
N VAL C 263 -19.85 -18.56 22.08
CA VAL C 263 -21.06 -19.26 21.68
C VAL C 263 -22.21 -18.27 21.55
N LYS C 264 -22.37 -17.40 22.56
CA LYS C 264 -23.44 -16.43 22.55
C LYS C 264 -23.14 -15.25 21.63
N TYR C 265 -21.91 -15.15 21.14
CA TYR C 265 -21.56 -14.06 20.24
C TYR C 265 -22.27 -14.20 18.90
N PHE C 266 -22.17 -15.37 18.28
CA PHE C 266 -22.76 -15.55 16.96
C PHE C 266 -24.28 -15.63 17.00
N LYS C 267 -24.86 -15.85 18.19
CA LYS C 267 -26.30 -15.62 18.36
C LYS C 267 -26.64 -14.16 18.11
N GLU C 268 -25.78 -13.25 18.54
CA GLU C 268 -26.02 -11.83 18.39
C GLU C 268 -25.51 -11.31 17.05
N ARG C 269 -24.38 -11.84 16.59
CA ARG C 269 -23.81 -11.38 15.32
C ARG C 269 -24.52 -12.00 14.12
N LEU C 270 -24.47 -13.31 14.00
CA LEU C 270 -24.97 -13.99 12.82
C LEU C 270 -26.48 -14.17 12.81
N HIS C 271 -27.14 -13.99 13.95
CA HIS C 271 -28.58 -14.20 14.13
C HIS C 271 -29.00 -15.61 13.72
N LEU C 272 -28.30 -16.59 14.28
CA LEU C 272 -28.55 -17.99 14.02
C LEU C 272 -29.44 -18.59 15.11
N PRO C 273 -30.26 -19.59 14.77
CA PRO C 273 -31.14 -20.21 15.77
C PRO C 273 -30.36 -21.04 16.77
N ILE C 274 -30.40 -20.63 18.05
CA ILE C 274 -29.71 -21.36 19.11
C ILE C 274 -30.43 -21.10 20.43
N GLY C 275 -30.51 -22.13 21.25
CA GLY C 275 -30.75 -21.99 22.68
C GLY C 275 -29.54 -22.53 23.41
N ASP C 276 -29.31 -22.12 24.65
CA ASP C 276 -28.10 -22.49 25.36
C ASP C 276 -28.30 -23.67 26.29
N SER C 277 -27.32 -24.57 26.27
CA SER C 277 -27.17 -25.65 27.22
C SER C 277 -25.76 -25.47 27.76
N ALA C 278 -25.21 -26.52 28.37
CA ALA C 278 -23.76 -26.68 28.39
C ALA C 278 -23.22 -26.45 26.98
N SER C 279 -22.29 -25.50 26.85
CA SER C 279 -22.04 -24.86 25.56
C SER C 279 -21.35 -25.79 24.57
N ASN C 280 -20.79 -26.90 25.03
CA ASN C 280 -20.52 -28.05 24.18
C ASN C 280 -21.15 -29.27 24.84
N LEU C 281 -21.04 -30.41 24.18
CA LEU C 281 -21.52 -31.64 24.79
C LEU C 281 -20.54 -32.08 25.87
N LEU C 282 -21.04 -32.08 27.12
CA LEU C 282 -20.21 -32.26 28.31
C LEU C 282 -19.53 -33.62 28.36
N PHE C 283 -20.09 -34.62 27.69
CA PHE C 283 -19.54 -35.96 27.79
C PHE C 283 -18.40 -36.19 26.82
N LYS C 284 -18.29 -35.42 25.74
CA LYS C 284 -17.34 -35.77 24.70
C LYS C 284 -16.37 -34.65 24.32
N TRP C 285 -16.30 -33.55 25.08
CA TRP C 285 -15.15 -32.70 24.83
C TRP C 285 -14.41 -32.31 26.10
N ARG C 286 -15.12 -32.03 27.19
CA ARG C 286 -14.46 -31.73 28.44
C ARG C 286 -13.93 -32.98 29.13
N ASN C 287 -14.46 -34.14 28.76
CA ASN C 287 -13.96 -35.40 29.30
C ASN C 287 -12.55 -35.68 28.79
N MET C 288 -12.34 -35.63 27.47
CA MET C 288 -11.03 -35.96 26.94
C MET C 288 -10.01 -34.84 27.11
N ALA C 289 -10.42 -33.69 27.62
CA ALA C 289 -9.44 -32.74 28.13
C ALA C 289 -8.77 -33.29 29.38
N ASP C 290 -9.55 -33.88 30.28
CA ASP C 290 -9.02 -34.46 31.51
C ASP C 290 -8.32 -35.79 31.28
N ARG C 291 -8.60 -36.45 30.16
CA ARG C 291 -7.87 -37.69 29.85
C ARG C 291 -6.42 -37.40 29.50
N TYR C 292 -6.14 -36.21 28.97
CA TYR C 292 -4.80 -35.90 28.53
C TYR C 292 -3.92 -35.33 29.64
N GLU C 293 -4.53 -34.75 30.67
CA GLU C 293 -3.72 -34.33 31.82
C GLU C 293 -3.31 -35.53 32.66
N ARG C 294 -4.30 -36.30 33.12
CA ARG C 294 -4.04 -37.46 33.98
C ARG C 294 -3.71 -38.66 33.10
N LEU C 295 -2.45 -39.09 33.16
CA LEU C 295 -1.99 -40.17 32.29
C LEU C 295 -1.23 -41.25 33.05
N GLN C 296 -0.62 -42.16 32.31
CA GLN C 296 -0.26 -43.48 32.80
C GLN C 296 1.05 -43.89 32.14
N LYS C 297 1.27 -45.20 32.04
CA LYS C 297 2.48 -45.81 31.49
C LYS C 297 2.85 -45.31 30.10
N ILE C 298 3.97 -44.61 30.01
CA ILE C 298 4.45 -44.01 28.78
C ILE C 298 5.00 -45.14 27.91
N CYS C 299 4.29 -45.48 26.84
CA CYS C 299 4.58 -46.72 26.12
C CYS C 299 4.21 -46.52 24.65
N SER C 300 4.08 -47.65 23.95
CA SER C 300 3.09 -47.94 22.90
C SER C 300 3.33 -47.52 21.45
N ILE C 301 4.50 -47.01 21.04
CA ILE C 301 5.12 -47.30 19.74
C ILE C 301 6.51 -46.70 19.68
N ALA C 302 7.33 -47.22 18.78
CA ALA C 302 8.27 -46.43 17.99
C ALA C 302 7.82 -46.47 16.53
N LEU C 303 8.20 -45.44 15.78
CA LEU C 303 7.79 -45.31 14.38
C LEU C 303 9.02 -45.27 13.49
N VAL C 304 8.98 -46.03 12.39
CA VAL C 304 10.01 -45.93 11.36
C VAL C 304 9.38 -45.23 10.15
N GLY C 305 9.74 -43.98 9.97
CA GLY C 305 9.35 -43.21 8.82
C GLY C 305 10.46 -43.16 7.80
N LYS C 306 10.57 -42.04 7.10
CA LYS C 306 11.76 -41.81 6.33
C LYS C 306 12.18 -40.35 6.36
N TYR C 307 11.84 -39.62 7.42
CA TYR C 307 12.14 -38.20 7.46
C TYR C 307 12.85 -37.84 8.76
N THR C 308 13.51 -36.68 8.73
CA THR C 308 14.29 -36.09 9.82
C THR C 308 13.69 -35.67 11.17
N LYS C 309 12.87 -34.62 11.19
CA LYS C 309 12.25 -34.08 12.40
C LYS C 309 10.84 -33.67 12.04
N LEU C 310 9.93 -33.71 13.01
CA LEU C 310 8.50 -33.80 12.75
C LEU C 310 7.89 -32.58 12.09
N ARG C 311 8.35 -32.37 10.85
CA ARG C 311 7.56 -31.76 9.81
C ARG C 311 6.32 -32.60 9.62
N ASP C 312 5.17 -32.01 9.40
CA ASP C 312 4.04 -32.90 9.37
C ASP C 312 3.83 -33.66 8.10
N CYS C 313 4.62 -34.73 8.05
CA CYS C 313 4.65 -35.65 6.94
C CYS C 313 3.91 -36.76 7.60
N TYR C 314 4.08 -36.87 8.91
CA TYR C 314 3.31 -37.91 9.57
C TYR C 314 2.38 -37.37 10.64
N ALA C 315 1.94 -36.12 10.51
CA ALA C 315 0.99 -35.59 11.48
C ALA C 315 -0.41 -36.16 11.28
N SER C 316 -0.71 -36.68 10.09
CA SER C 316 -1.98 -37.32 9.87
C SER C 316 -2.04 -38.74 10.42
N VAL C 317 -0.93 -39.28 10.89
CA VAL C 317 -0.91 -40.56 11.59
C VAL C 317 -0.89 -40.37 13.09
N PHE C 318 -0.15 -39.37 13.57
CA PHE C 318 -0.02 -39.11 15.01
C PHE C 318 -1.34 -38.69 15.64
N LYS C 319 -2.21 -38.02 14.89
CA LYS C 319 -3.53 -37.71 15.40
C LYS C 319 -4.42 -38.94 15.41
N ALA C 320 -4.12 -39.94 14.59
CA ALA C 320 -4.88 -41.18 14.63
C ALA C 320 -4.42 -42.08 15.75
N LEU C 321 -3.14 -42.00 16.11
CA LEU C 321 -2.59 -42.83 17.17
C LEU C 321 -3.10 -42.39 18.53
N GLU C 322 -3.05 -41.09 18.81
CA GLU C 322 -3.55 -40.62 20.09
C GLU C 322 -5.07 -40.61 20.17
N HIS C 323 -5.76 -40.90 19.07
CA HIS C 323 -7.14 -41.35 19.19
C HIS C 323 -7.21 -42.69 19.90
N SER C 324 -6.33 -43.62 19.54
CA SER C 324 -6.33 -44.91 20.23
C SER C 324 -5.78 -44.78 21.63
N ALA C 325 -4.78 -43.90 21.83
CA ALA C 325 -4.28 -43.64 23.17
C ALA C 325 -5.30 -42.91 24.04
N LEU C 326 -6.27 -42.24 23.41
CA LEU C 326 -7.39 -41.70 24.16
C LEU C 326 -8.31 -42.80 24.65
N ALA C 327 -8.27 -43.97 24.02
CA ALA C 327 -9.18 -45.04 24.38
C ALA C 327 -8.62 -45.94 25.46
N ILE C 328 -7.30 -46.10 25.53
CA ILE C 328 -6.66 -47.06 26.41
C ILE C 328 -6.00 -46.37 27.61
N ASN C 329 -6.21 -45.06 27.74
CA ASN C 329 -5.75 -44.24 28.87
C ASN C 329 -4.23 -44.26 29.03
N HIS C 330 -3.51 -44.38 27.93
CA HIS C 330 -2.06 -44.35 27.95
C HIS C 330 -1.54 -43.08 27.30
N LYS C 331 -0.52 -42.49 27.91
CA LYS C 331 0.30 -41.51 27.20
C LYS C 331 1.01 -42.23 26.06
N LEU C 332 1.14 -41.55 24.94
CA LEU C 332 1.82 -42.12 23.79
C LEU C 332 3.17 -41.44 23.63
N ASN C 333 4.17 -42.20 23.20
CA ASN C 333 5.52 -41.68 23.05
C ASN C 333 5.95 -41.95 21.61
N LEU C 334 5.56 -41.05 20.72
CA LEU C 334 5.95 -41.16 19.32
C LEU C 334 7.42 -40.77 19.18
N MET C 335 8.24 -41.71 18.73
CA MET C 335 9.64 -41.45 18.46
C MET C 335 9.97 -41.84 17.03
N TYR C 336 10.46 -40.88 16.25
CA TYR C 336 10.81 -41.16 14.87
C TYR C 336 12.11 -41.94 14.80
N ILE C 337 12.17 -42.87 13.86
CA ILE C 337 13.40 -43.56 13.52
C ILE C 337 13.57 -43.46 12.02
N ASP C 338 14.63 -42.78 11.58
CA ASP C 338 14.89 -42.68 10.16
C ASP C 338 15.32 -44.04 9.61
N SER C 339 14.79 -44.39 8.44
CA SER C 339 15.20 -45.64 7.81
C SER C 339 16.60 -45.56 7.24
N ILE C 340 17.13 -44.35 7.04
CA ILE C 340 18.56 -44.20 6.77
C ILE C 340 19.37 -44.69 7.96
N ASP C 341 18.90 -44.40 9.17
CA ASP C 341 19.61 -44.77 10.38
C ASP C 341 19.52 -46.27 10.71
N LEU C 342 18.91 -47.08 9.87
CA LEU C 342 18.98 -48.53 10.02
C LEU C 342 19.77 -49.19 8.90
N GLU C 343 20.37 -48.40 8.01
CA GLU C 343 21.08 -48.94 6.87
C GLU C 343 22.45 -49.46 7.28
N LYS C 344 23.06 -50.25 6.39
CA LYS C 344 24.44 -50.68 6.60
C LYS C 344 25.40 -49.51 6.44
N ILE C 345 25.02 -48.51 5.66
CA ILE C 345 25.96 -47.48 5.22
C ILE C 345 26.22 -46.46 6.32
N THR C 346 25.21 -46.16 7.15
CA THR C 346 25.38 -45.17 8.20
C THR C 346 26.29 -45.70 9.31
N GLU C 347 26.15 -46.99 9.65
CA GLU C 347 27.00 -47.62 10.65
C GLU C 347 28.47 -47.61 10.24
N THR C 348 28.73 -47.69 8.93
CA THR C 348 30.10 -47.60 8.43
C THR C 348 30.67 -46.19 8.63
N GLU C 349 29.86 -45.15 8.42
CA GLU C 349 30.39 -43.80 8.44
C GLU C 349 30.04 -42.98 9.69
N ASP C 350 28.91 -43.28 10.32
CA ASP C 350 28.50 -42.57 11.52
C ASP C 350 27.71 -43.49 12.46
N PRO C 351 28.28 -43.71 13.70
CA PRO C 351 27.50 -44.60 14.57
C PRO C 351 26.68 -43.80 15.59
N VAL C 352 26.79 -42.49 15.55
CA VAL C 352 26.05 -41.62 16.46
C VAL C 352 24.58 -41.54 16.08
N LYS C 353 24.31 -41.61 14.78
CA LYS C 353 22.94 -41.54 14.29
C LYS C 353 22.37 -42.93 14.06
N PHE C 354 23.24 -43.89 13.77
CA PHE C 354 22.83 -45.26 13.54
C PHE C 354 22.47 -45.97 14.84
N HIS C 355 23.43 -46.02 15.76
CA HIS C 355 23.22 -46.66 17.06
C HIS C 355 22.09 -45.99 17.83
N GLU C 356 21.77 -44.75 17.44
CA GLU C 356 20.71 -44.00 18.10
C GLU C 356 19.33 -44.49 17.67
N ALA C 357 19.26 -45.07 16.47
CA ALA C 357 18.00 -45.59 15.95
C ALA C 357 17.68 -46.96 16.53
N TRP C 358 18.68 -47.82 16.58
CA TRP C 358 18.51 -49.17 17.12
C TRP C 358 18.12 -49.12 18.60
N GLN C 359 18.78 -48.25 19.36
CA GLN C 359 18.50 -48.11 20.78
C GLN C 359 17.00 -47.99 21.04
N LYS C 360 16.32 -47.22 20.20
CA LYS C 360 14.89 -47.02 20.33
C LYS C 360 14.06 -48.13 19.70
N LEU C 361 14.61 -48.85 18.72
CA LEU C 361 13.84 -49.89 18.05
C LEU C 361 13.88 -51.22 18.80
N CYS C 362 14.92 -51.46 19.59
CA CYS C 362 14.96 -52.66 20.39
C CYS C 362 14.12 -52.53 21.66
N LYS C 363 14.06 -51.32 22.23
CA LYS C 363 13.15 -51.08 23.35
C LYS C 363 11.72 -50.82 22.90
N ALA C 364 11.48 -50.82 21.59
CA ALA C 364 10.16 -50.49 21.07
C ALA C 364 9.17 -51.59 21.38
N ASP C 365 8.07 -51.21 22.03
CA ASP C 365 6.96 -52.10 22.28
C ASP C 365 6.00 -52.18 21.10
N GLY C 366 6.29 -51.48 20.00
CA GLY C 366 5.51 -51.57 18.79
C GLY C 366 6.13 -50.74 17.69
N ILE C 367 6.15 -51.28 16.48
CA ILE C 367 6.73 -50.61 15.33
C ILE C 367 5.55 -50.13 14.48
N LEU C 368 5.81 -49.17 13.59
CA LEU C 368 4.80 -48.73 12.63
C LEU C 368 5.51 -48.30 11.36
N VAL C 369 5.12 -48.90 10.23
CA VAL C 369 5.75 -48.61 8.95
C VAL C 369 4.71 -47.95 8.05
N PRO C 370 4.64 -46.64 7.98
CA PRO C 370 3.65 -45.96 7.14
C PRO C 370 4.16 -45.85 5.71
N GLY C 371 3.35 -45.20 4.88
CA GLY C 371 3.57 -45.20 3.44
C GLY C 371 4.72 -44.32 3.01
N GLY C 372 5.19 -44.58 1.80
CA GLY C 372 6.30 -43.84 1.24
C GLY C 372 6.58 -44.31 -0.17
N PHE C 373 7.52 -43.63 -0.82
CA PHE C 373 7.89 -43.93 -2.19
C PHE C 373 9.38 -43.76 -2.37
N GLY C 374 9.89 -44.29 -3.47
CA GLY C 374 11.26 -44.07 -3.88
C GLY C 374 12.25 -44.96 -3.16
N ILE C 375 13.50 -44.90 -3.65
CA ILE C 375 14.55 -45.79 -3.18
C ILE C 375 15.05 -45.43 -1.79
N ARG C 376 14.78 -44.21 -1.34
CA ARG C 376 15.18 -43.80 -0.01
C ARG C 376 14.36 -44.55 1.04
N GLY C 377 15.05 -45.13 2.02
CA GLY C 377 14.38 -45.78 3.12
C GLY C 377 14.04 -47.23 2.90
N THR C 378 13.71 -47.62 1.66
CA THR C 378 13.22 -48.96 1.35
C THR C 378 14.21 -50.05 1.76
N LEU C 379 15.47 -49.90 1.36
CA LEU C 379 16.49 -50.90 1.70
C LEU C 379 16.79 -50.87 3.19
N GLY C 380 16.57 -49.74 3.85
CA GLY C 380 16.70 -49.69 5.30
C GLY C 380 15.54 -50.38 6.01
N LYS C 381 14.33 -50.24 5.48
CA LYS C 381 13.16 -50.79 6.18
C LYS C 381 13.04 -52.29 6.07
N LEU C 382 13.83 -52.94 5.20
CA LEU C 382 13.71 -54.38 5.01
C LEU C 382 14.14 -55.15 6.25
N GLN C 383 15.03 -54.58 7.05
CA GLN C 383 15.46 -55.23 8.27
C GLN C 383 14.49 -54.98 9.42
N ALA C 384 13.67 -53.94 9.32
CA ALA C 384 12.81 -53.57 10.44
C ALA C 384 11.66 -54.55 10.61
N ILE C 385 11.15 -55.09 9.51
CA ILE C 385 10.06 -56.05 9.62
C ILE C 385 10.58 -57.39 10.15
N SER C 386 11.73 -57.83 9.63
CA SER C 386 12.29 -59.11 10.08
C SER C 386 12.75 -59.03 11.54
N TRP C 387 13.18 -57.85 12.00
CA TRP C 387 13.41 -57.66 13.42
C TRP C 387 12.12 -57.81 14.20
N ALA C 388 11.02 -57.31 13.66
CA ALA C 388 9.72 -57.50 14.28
C ALA C 388 9.17 -58.90 14.04
N ARG C 389 9.69 -59.61 13.03
CA ARG C 389 9.16 -60.92 12.71
C ARG C 389 9.65 -61.97 13.69
N THR C 390 10.95 -62.02 13.93
CA THR C 390 11.52 -63.05 14.79
C THR C 390 11.24 -62.75 16.26
N LYS C 391 11.49 -61.52 16.69
CA LYS C 391 11.37 -61.18 18.10
C LYS C 391 9.94 -60.81 18.48
N LYS C 392 9.02 -60.81 17.51
CA LYS C 392 7.57 -60.83 17.70
C LYS C 392 7.01 -59.55 18.34
N ILE C 393 7.61 -58.40 18.07
CA ILE C 393 7.00 -57.14 18.51
C ILE C 393 5.98 -56.72 17.46
N PRO C 394 4.76 -56.33 17.84
CA PRO C 394 3.71 -56.11 16.84
C PRO C 394 3.93 -54.83 16.04
N PHE C 395 3.48 -54.85 14.79
CA PHE C 395 3.47 -53.63 14.00
C PHE C 395 2.35 -53.67 12.97
N LEU C 396 2.15 -52.54 12.32
CA LEU C 396 1.22 -52.38 11.21
C LEU C 396 1.97 -51.81 10.01
N GLY C 397 1.76 -52.41 8.84
CA GLY C 397 2.26 -51.88 7.59
C GLY C 397 1.15 -51.15 6.85
N VAL C 398 1.46 -49.94 6.42
CA VAL C 398 0.49 -49.07 5.76
C VAL C 398 1.05 -48.70 4.39
N CYS C 399 0.54 -49.36 3.34
CA CYS C 399 0.65 -48.97 1.93
C CYS C 399 2.05 -49.19 1.34
N LEU C 400 3.03 -49.41 2.18
CA LEU C 400 4.37 -49.79 1.79
C LEU C 400 4.85 -50.98 2.58
N GLY C 401 4.49 -51.05 3.87
CA GLY C 401 4.88 -52.18 4.68
C GLY C 401 4.22 -53.46 4.25
N MET C 402 2.98 -53.38 3.74
CA MET C 402 2.30 -54.55 3.21
C MET C 402 3.02 -55.07 1.97
N GLN C 403 3.58 -54.17 1.17
CA GLN C 403 4.48 -54.60 0.11
C GLN C 403 5.75 -55.22 0.69
N LEU C 404 6.35 -54.55 1.68
CA LEU C 404 7.64 -54.98 2.18
C LEU C 404 7.55 -56.23 3.05
N ALA C 405 6.42 -56.46 3.72
CA ALA C 405 6.33 -57.66 4.54
C ALA C 405 6.19 -58.90 3.68
N VAL C 406 5.53 -58.79 2.53
CA VAL C 406 5.42 -59.94 1.64
C VAL C 406 6.74 -60.18 0.91
N ILE C 407 7.58 -59.14 0.78
CA ILE C 407 8.89 -59.32 0.17
C ILE C 407 9.81 -60.11 1.08
N GLU C 408 9.87 -59.72 2.36
CA GLU C 408 10.82 -60.34 3.29
C GLU C 408 10.44 -61.78 3.62
N PHE C 409 9.16 -62.12 3.52
CA PHE C 409 8.69 -63.42 3.97
C PHE C 409 9.09 -64.51 3.00
N ALA C 410 9.06 -64.22 1.70
CA ALA C 410 9.59 -65.17 0.73
C ALA C 410 11.10 -65.21 0.77
N ARG C 411 11.74 -64.12 1.18
CA ARG C 411 13.18 -64.13 1.31
C ARG C 411 13.62 -64.95 2.51
N ASN C 412 12.87 -64.91 3.60
CA ASN C 412 13.24 -65.63 4.80
C ASN C 412 12.77 -67.08 4.79
N CYS C 413 11.45 -67.30 4.69
CA CYS C 413 10.92 -68.66 4.76
C CYS C 413 11.19 -69.43 3.48
N LEU C 414 10.84 -68.86 2.34
CA LEU C 414 10.97 -69.55 1.07
C LEU C 414 12.34 -69.43 0.44
N ASN C 415 13.24 -68.67 1.09
CA ASN C 415 14.64 -68.51 0.67
C ASN C 415 14.76 -67.95 -0.74
N LEU C 416 13.78 -67.16 -1.16
CA LEU C 416 13.76 -66.56 -2.49
C LEU C 416 14.25 -65.13 -2.36
N LYS C 417 15.56 -64.98 -2.21
CA LYS C 417 16.17 -63.67 -2.05
C LYS C 417 16.14 -62.87 -3.35
N ASP C 418 15.91 -63.52 -4.48
CA ASP C 418 15.91 -62.85 -5.76
C ASP C 418 14.67 -62.00 -5.97
N ALA C 419 13.61 -62.24 -5.20
CA ALA C 419 12.35 -61.55 -5.41
C ALA C 419 12.39 -60.13 -4.84
N ASP C 420 11.68 -59.23 -5.51
CA ASP C 420 11.55 -57.85 -5.08
C ASP C 420 10.32 -57.27 -5.78
N SER C 421 9.95 -56.06 -5.36
CA SER C 421 8.87 -55.33 -6.00
C SER C 421 9.35 -54.74 -7.31
N THR C 422 8.41 -54.56 -8.24
CA THR C 422 8.70 -53.87 -9.50
C THR C 422 8.57 -52.36 -9.38
N GLU C 423 8.59 -51.81 -8.17
CA GLU C 423 8.65 -50.36 -8.02
C GLU C 423 10.00 -49.82 -8.48
N PHE C 424 11.08 -50.52 -8.16
CA PHE C 424 12.42 -49.96 -8.22
C PHE C 424 13.21 -50.47 -9.42
N ARG C 425 13.35 -51.79 -9.55
CA ARG C 425 14.13 -52.39 -10.62
C ARG C 425 13.22 -53.23 -11.52
N PRO C 426 13.07 -52.88 -12.80
CA PRO C 426 12.17 -53.67 -13.66
C PRO C 426 12.76 -55.00 -14.04
N ASN C 427 14.08 -55.15 -14.05
CA ASN C 427 14.73 -56.43 -14.30
C ASN C 427 14.58 -57.26 -13.02
N ALA C 428 13.42 -57.89 -12.91
CA ALA C 428 13.10 -58.72 -11.76
C ALA C 428 13.00 -60.17 -12.20
N PRO C 429 13.93 -61.03 -11.77
CA PRO C 429 13.79 -62.46 -12.09
C PRO C 429 12.60 -63.11 -11.40
N VAL C 430 12.28 -62.69 -10.18
CA VAL C 430 11.01 -63.05 -9.53
C VAL C 430 10.26 -61.76 -9.25
N PRO C 431 9.43 -61.27 -10.17
CA PRO C 431 8.69 -60.03 -9.92
C PRO C 431 7.55 -60.24 -8.95
N LEU C 432 7.83 -60.17 -7.65
CA LEU C 432 6.86 -60.59 -6.65
C LEU C 432 5.72 -59.59 -6.50
N VAL C 433 6.00 -58.29 -6.70
CA VAL C 433 4.99 -57.25 -6.61
C VAL C 433 4.94 -56.54 -7.95
N ILE C 434 3.78 -56.62 -8.62
CA ILE C 434 3.64 -56.18 -10.00
C ILE C 434 2.82 -54.89 -10.05
N ASP C 435 3.07 -54.08 -11.08
CA ASP C 435 2.26 -52.91 -11.31
C ASP C 435 0.98 -53.31 -12.03
N MET C 436 -0.15 -52.76 -11.56
CA MET C 436 -1.43 -52.88 -12.24
C MET C 436 -2.35 -51.75 -11.78
N PRO C 437 -2.29 -50.60 -12.43
CA PRO C 437 -3.28 -49.55 -12.15
C PRO C 437 -4.64 -49.93 -12.71
N GLU C 438 -5.67 -49.22 -12.24
CA GLU C 438 -7.03 -49.53 -12.68
C GLU C 438 -7.24 -49.05 -14.11
N HIS C 439 -7.63 -49.99 -14.97
CA HIS C 439 -7.98 -49.70 -16.35
C HIS C 439 -9.51 -49.64 -16.38
N ASN C 440 -10.04 -48.45 -16.17
CA ASN C 440 -11.49 -48.34 -16.05
C ASN C 440 -12.07 -47.61 -17.25
N PRO C 441 -13.34 -47.87 -17.58
CA PRO C 441 -14.04 -47.01 -18.54
C PRO C 441 -14.19 -45.61 -17.94
N GLY C 442 -13.77 -44.61 -18.71
CA GLY C 442 -13.68 -43.26 -18.22
C GLY C 442 -12.34 -42.89 -17.63
N ASN C 443 -11.41 -43.85 -17.52
CA ASN C 443 -10.07 -43.60 -17.01
C ASN C 443 -9.06 -44.18 -17.99
N LEU C 444 -8.40 -43.30 -18.74
CA LEU C 444 -7.51 -43.71 -19.81
C LEU C 444 -6.11 -43.95 -19.28
N GLY C 445 -5.49 -45.04 -19.73
CA GLY C 445 -4.11 -45.31 -19.37
C GLY C 445 -3.96 -45.77 -17.93
N GLY C 446 -2.76 -45.52 -17.40
CA GLY C 446 -2.47 -45.91 -16.03
C GLY C 446 -2.92 -44.86 -15.03
N THR C 447 -3.97 -45.17 -14.28
CA THR C 447 -4.54 -44.26 -13.29
C THR C 447 -4.37 -44.87 -11.90
N MET C 448 -3.86 -44.07 -10.97
CA MET C 448 -3.57 -44.55 -9.62
C MET C 448 -4.84 -44.96 -8.91
N ARG C 449 -4.77 -46.05 -8.16
CA ARG C 449 -5.93 -46.55 -7.43
C ARG C 449 -6.28 -45.58 -6.32
N LEU C 450 -7.53 -45.13 -6.29
CA LEU C 450 -7.86 -43.98 -5.46
C LEU C 450 -9.34 -43.98 -5.13
N GLY C 451 -9.67 -43.59 -3.92
CA GLY C 451 -11.04 -43.43 -3.48
C GLY C 451 -11.49 -44.54 -2.55
N ILE C 452 -12.76 -44.44 -2.15
CA ILE C 452 -13.37 -45.48 -1.32
C ILE C 452 -13.52 -46.75 -2.14
N ARG C 453 -13.03 -47.85 -1.59
CA ARG C 453 -13.16 -49.15 -2.23
C ARG C 453 -13.61 -50.18 -1.20
N ARG C 454 -14.65 -50.92 -1.53
CA ARG C 454 -15.08 -52.03 -0.70
C ARG C 454 -14.06 -53.16 -0.77
N THR C 455 -13.75 -53.74 0.38
CA THR C 455 -12.92 -54.93 0.47
C THR C 455 -13.50 -55.88 1.51
N VAL C 456 -13.80 -57.12 1.11
CA VAL C 456 -14.52 -58.09 1.92
C VAL C 456 -13.52 -59.00 2.59
N PHE C 457 -13.75 -59.30 3.87
CA PHE C 457 -12.95 -60.29 4.57
C PHE C 457 -13.38 -61.69 4.11
N LYS C 458 -12.42 -62.51 3.73
CA LYS C 458 -12.75 -63.86 3.26
C LYS C 458 -13.14 -64.77 4.42
N THR C 459 -12.20 -65.02 5.32
CA THR C 459 -12.30 -66.07 6.31
C THR C 459 -12.25 -65.49 7.72
N GLU C 460 -12.61 -66.34 8.68
CA GLU C 460 -12.97 -65.86 10.01
C GLU C 460 -11.74 -65.52 10.85
N ASN C 461 -10.64 -66.25 10.68
CA ASN C 461 -9.49 -66.11 11.57
C ASN C 461 -8.66 -64.85 11.25
N SER C 462 -9.33 -63.71 11.41
CA SER C 462 -8.70 -62.40 11.33
C SER C 462 -8.93 -61.70 12.65
N ILE C 463 -7.86 -61.15 13.22
CA ILE C 463 -8.03 -60.32 14.40
C ILE C 463 -8.57 -58.94 14.00
N LEU C 464 -8.47 -58.58 12.72
CA LEU C 464 -9.06 -57.35 12.25
C LEU C 464 -10.58 -57.44 12.15
N ARG C 465 -11.12 -58.62 11.85
CA ARG C 465 -12.56 -58.75 11.63
C ARG C 465 -13.35 -58.52 12.91
N LYS C 466 -12.81 -58.97 14.04
CA LYS C 466 -13.48 -58.71 15.31
C LYS C 466 -13.40 -57.25 15.71
N LEU C 467 -12.40 -56.52 15.21
CA LEU C 467 -12.24 -55.12 15.58
C LEU C 467 -13.21 -54.21 14.84
N TYR C 468 -13.43 -54.46 13.55
CA TYR C 468 -14.43 -53.68 12.83
C TYR C 468 -15.85 -54.04 13.24
N GLY C 469 -16.06 -55.25 13.77
CA GLY C 469 -17.36 -55.65 14.24
C GLY C 469 -17.96 -56.81 13.49
N ASP C 470 -17.10 -57.66 12.93
CA ASP C 470 -17.45 -58.90 12.21
C ASP C 470 -18.35 -58.65 11.01
N VAL C 471 -18.31 -57.45 10.45
CA VAL C 471 -19.00 -57.17 9.19
C VAL C 471 -18.19 -57.84 8.09
N PRO C 472 -18.81 -58.29 7.01
CA PRO C 472 -18.03 -58.96 5.96
C PRO C 472 -17.11 -58.04 5.19
N PHE C 473 -17.55 -56.82 4.90
CA PHE C 473 -16.75 -55.89 4.14
C PHE C 473 -16.50 -54.60 4.91
N ILE C 474 -15.36 -53.99 4.65
CA ILE C 474 -15.00 -52.69 5.18
C ILE C 474 -14.81 -51.74 4.01
N GLU C 475 -14.86 -50.45 4.30
CA GLU C 475 -14.87 -49.40 3.29
C GLU C 475 -13.74 -48.42 3.61
N GLU C 476 -12.65 -48.50 2.84
CA GLU C 476 -11.47 -47.67 3.11
C GLU C 476 -10.98 -47.02 1.83
N ARG C 477 -9.90 -46.26 1.95
CA ARG C 477 -9.38 -45.43 0.87
C ARG C 477 -7.87 -45.51 0.83
N HIS C 478 -7.31 -45.44 -0.38
CA HIS C 478 -5.88 -45.59 -0.56
C HIS C 478 -5.41 -44.98 -1.87
N ARG C 479 -4.10 -44.68 -1.93
CA ARG C 479 -3.47 -44.14 -3.14
C ARG C 479 -2.15 -44.90 -3.36
N HIS C 480 -2.22 -45.99 -4.10
CA HIS C 480 -1.04 -46.78 -4.39
C HIS C 480 -1.21 -47.47 -5.73
N ARG C 481 -0.08 -47.85 -6.32
CA ARG C 481 -0.06 -48.31 -7.69
C ARG C 481 0.24 -49.80 -7.84
N PHE C 482 0.71 -50.47 -6.79
CA PHE C 482 1.39 -51.74 -6.93
C PHE C 482 0.67 -52.83 -6.14
N GLU C 483 0.74 -54.05 -6.67
CA GLU C 483 0.13 -55.22 -6.05
C GLU C 483 1.04 -56.42 -6.16
N VAL C 484 0.95 -57.31 -5.18
CA VAL C 484 1.51 -58.63 -5.35
C VAL C 484 0.79 -59.33 -6.50
N ASN C 485 1.54 -60.07 -7.31
CA ASN C 485 0.96 -60.79 -8.43
C ASN C 485 0.05 -61.89 -7.91
N PRO C 486 -1.21 -61.96 -8.37
CA PRO C 486 -2.05 -63.11 -8.02
C PRO C 486 -1.52 -64.44 -8.51
N ASN C 487 -0.66 -64.44 -9.53
CA ASN C 487 0.04 -65.66 -9.90
C ASN C 487 1.05 -66.06 -8.84
N LEU C 488 1.73 -65.07 -8.24
CA LEU C 488 2.76 -65.30 -7.22
C LEU C 488 2.21 -65.70 -5.85
N ILE C 489 0.89 -65.85 -5.72
CA ILE C 489 0.30 -66.35 -4.48
C ILE C 489 0.69 -67.82 -4.27
N LYS C 490 0.87 -68.55 -5.38
CA LYS C 490 1.23 -69.98 -5.42
C LYS C 490 2.45 -70.29 -4.55
N GLN C 491 3.34 -69.32 -4.41
CA GLN C 491 4.50 -69.40 -3.54
C GLN C 491 4.13 -69.47 -2.07
N PHE C 492 2.99 -68.89 -1.65
CA PHE C 492 2.71 -68.87 -0.22
C PHE C 492 1.37 -69.52 0.11
N GLU C 493 0.89 -70.45 -0.72
CA GLU C 493 -0.38 -71.09 -0.37
C GLU C 493 -0.33 -72.09 0.79
N GLN C 494 0.73 -72.11 1.62
CA GLN C 494 0.76 -73.05 2.74
C GLN C 494 1.27 -72.47 4.05
N ASN C 495 1.93 -71.31 4.05
CA ASN C 495 2.60 -70.79 5.24
C ASN C 495 1.64 -70.16 6.25
N ASP C 496 2.22 -69.57 7.29
CA ASP C 496 1.51 -68.86 8.35
C ASP C 496 1.13 -67.45 7.95
N LEU C 497 1.63 -66.95 6.82
CA LEU C 497 1.32 -65.61 6.34
C LEU C 497 0.39 -65.78 5.16
N SER C 498 -0.91 -65.65 5.40
CA SER C 498 -1.88 -65.84 4.34
C SER C 498 -2.70 -64.57 4.16
N PHE C 499 -3.21 -64.40 2.94
CA PHE C 499 -3.94 -63.20 2.58
C PHE C 499 -5.39 -63.34 3.03
N VAL C 500 -5.97 -62.24 3.49
CA VAL C 500 -7.24 -62.26 4.17
C VAL C 500 -8.32 -61.54 3.37
N GLY C 501 -8.07 -60.29 2.97
CA GLY C 501 -9.10 -59.52 2.32
C GLY C 501 -9.21 -59.81 0.83
N GLN C 502 -10.38 -59.46 0.28
CA GLN C 502 -10.62 -59.39 -1.15
C GLN C 502 -11.63 -58.29 -1.42
N ASP C 503 -11.47 -57.60 -2.55
CA ASP C 503 -12.45 -56.61 -2.98
C ASP C 503 -13.64 -57.28 -3.66
N VAL C 504 -14.40 -56.49 -4.42
CA VAL C 504 -15.63 -56.97 -5.06
C VAL C 504 -15.35 -58.14 -6.00
N ASP C 505 -14.34 -58.01 -6.84
CA ASP C 505 -14.04 -59.09 -7.77
C ASP C 505 -13.02 -60.08 -7.21
N GLY C 506 -11.86 -59.61 -6.74
CA GLY C 506 -10.90 -60.51 -6.12
C GLY C 506 -9.54 -60.58 -6.77
N ASP C 507 -9.16 -59.55 -7.52
CA ASP C 507 -7.88 -59.54 -8.24
C ASP C 507 -6.73 -59.01 -7.40
N ARG C 508 -6.99 -58.63 -6.15
CA ARG C 508 -5.96 -58.21 -5.21
C ARG C 508 -6.45 -58.54 -3.81
N MET C 509 -5.53 -58.48 -2.84
CA MET C 509 -5.77 -59.05 -1.53
C MET C 509 -5.76 -58.03 -0.40
N GLU C 510 -4.86 -57.04 -0.46
CA GLU C 510 -4.88 -55.81 0.32
C GLU C 510 -4.57 -55.97 1.82
N ILE C 511 -4.53 -57.18 2.35
CA ILE C 511 -4.48 -57.40 3.80
C ILE C 511 -3.75 -58.71 4.09
N ILE C 512 -2.77 -58.67 5.02
CA ILE C 512 -2.08 -59.87 5.47
C ILE C 512 -2.20 -60.01 6.98
N GLU C 513 -2.15 -61.27 7.44
CA GLU C 513 -1.92 -61.59 8.85
C GLU C 513 -0.99 -62.79 8.96
N LEU C 514 -0.22 -62.83 10.04
CA LEU C 514 0.70 -63.92 10.33
C LEU C 514 0.24 -64.65 11.59
N ALA C 515 0.32 -65.98 11.55
CA ALA C 515 -0.19 -66.79 12.65
C ALA C 515 0.70 -66.72 13.88
N ASN C 516 1.95 -67.19 13.76
CA ASN C 516 2.85 -67.34 14.91
C ASN C 516 3.47 -66.00 15.34
N HIS C 517 2.60 -65.09 15.78
CA HIS C 517 2.97 -63.73 16.11
C HIS C 517 1.82 -63.15 16.92
N PRO C 518 2.09 -62.20 17.83
CA PRO C 518 0.97 -61.54 18.52
C PRO C 518 0.06 -60.75 17.59
N TYR C 519 0.63 -59.86 16.79
CA TYR C 519 -0.19 -58.98 15.95
C TYR C 519 0.67 -58.52 14.78
N PHE C 520 0.40 -59.07 13.61
CA PHE C 520 1.21 -58.85 12.41
C PHE C 520 0.23 -58.50 11.31
N VAL C 521 0.00 -57.22 11.08
CA VAL C 521 -0.93 -56.80 10.04
C VAL C 521 -0.21 -55.89 9.07
N GLY C 522 -0.60 -56.00 7.81
CA GLY C 522 -0.08 -55.12 6.78
C GLY C 522 -1.19 -54.86 5.79
N VAL C 523 -1.51 -53.60 5.55
CA VAL C 523 -2.66 -53.26 4.75
C VAL C 523 -2.24 -52.31 3.63
N GLN C 524 -2.89 -52.46 2.47
CA GLN C 524 -2.65 -51.52 1.38
C GLN C 524 -3.42 -50.23 1.60
N PHE C 525 -4.60 -50.29 2.20
CA PHE C 525 -5.35 -49.07 2.43
C PHE C 525 -4.73 -48.28 3.56
N HIS C 526 -4.87 -46.95 3.48
CA HIS C 526 -4.52 -46.06 4.58
C HIS C 526 -5.62 -46.06 5.63
N PRO C 527 -5.39 -46.61 6.81
CA PRO C 527 -6.39 -46.56 7.88
C PRO C 527 -6.23 -45.37 8.80
N GLU C 528 -6.02 -44.19 8.23
CA GLU C 528 -5.87 -42.99 9.05
C GLU C 528 -6.95 -41.97 8.81
N PHE C 529 -7.71 -42.10 7.74
CA PHE C 529 -8.52 -41.00 7.27
C PHE C 529 -9.96 -41.11 7.71
N SER C 530 -10.27 -42.13 8.51
CA SER C 530 -11.56 -42.25 9.16
C SER C 530 -11.44 -42.18 10.68
N SER C 531 -10.23 -42.04 11.21
CA SER C 531 -10.03 -42.06 12.65
C SER C 531 -10.53 -40.77 13.27
N ARG C 532 -11.41 -40.91 14.25
CA ARG C 532 -12.03 -39.78 14.91
C ARG C 532 -11.74 -39.88 16.40
N PRO C 533 -11.86 -38.80 17.17
CA PRO C 533 -11.62 -38.89 18.62
C PRO C 533 -12.64 -39.72 19.37
N MET C 534 -13.75 -40.09 18.77
CA MET C 534 -14.73 -40.93 19.45
C MET C 534 -14.40 -42.40 19.23
N LYS C 535 -14.41 -42.84 17.98
CA LYS C 535 -13.98 -44.19 17.65
C LYS C 535 -12.65 -44.14 16.92
N PRO C 536 -11.64 -44.83 17.39
CA PRO C 536 -10.32 -44.77 16.75
C PRO C 536 -10.32 -45.61 15.48
N SER C 537 -9.16 -45.66 14.85
CA SER C 537 -9.00 -46.52 13.68
C SER C 537 -8.89 -47.96 14.13
N PRO C 538 -9.66 -48.88 13.55
CA PRO C 538 -9.71 -50.26 14.04
C PRO C 538 -8.41 -51.03 13.88
N PRO C 539 -7.59 -50.81 12.84
CA PRO C 539 -6.24 -51.41 12.93
C PRO C 539 -5.36 -50.73 13.95
N TYR C 540 -5.43 -49.40 14.08
CA TYR C 540 -4.55 -48.73 15.04
C TYR C 540 -4.98 -48.96 16.48
N LEU C 541 -6.27 -49.24 16.72
CA LEU C 541 -6.72 -49.46 18.08
C LEU C 541 -6.19 -50.78 18.62
N GLY C 542 -6.22 -51.82 17.80
CA GLY C 542 -5.66 -53.09 18.21
C GLY C 542 -4.16 -53.05 18.34
N LEU C 543 -3.50 -52.16 17.58
CA LEU C 543 -2.05 -52.07 17.62
C LEU C 543 -1.58 -51.52 18.96
N LEU C 544 -2.30 -50.56 19.53
CA LEU C 544 -1.97 -50.16 20.89
C LEU C 544 -2.45 -51.18 21.91
N LEU C 545 -3.47 -51.97 21.57
CA LEU C 545 -3.89 -53.05 22.45
C LEU C 545 -2.86 -54.16 22.48
N ALA C 546 -2.20 -54.43 21.35
CA ALA C 546 -1.14 -55.42 21.35
C ALA C 546 0.10 -54.89 22.06
N ALA C 547 0.29 -53.58 22.09
CA ALA C 547 1.46 -53.03 22.77
C ALA C 547 1.32 -53.15 24.29
N THR C 548 0.11 -52.96 24.81
CA THR C 548 -0.14 -53.13 26.23
C THR C 548 -0.54 -54.55 26.58
N GLY C 549 -0.64 -55.44 25.60
CA GLY C 549 -0.98 -56.82 25.85
C GLY C 549 -2.45 -57.09 26.06
N ASN C 550 -3.29 -56.06 26.11
CA ASN C 550 -4.72 -56.22 26.36
C ASN C 550 -5.51 -56.55 25.12
N LEU C 551 -4.84 -56.99 24.05
CA LEU C 551 -5.53 -57.29 22.80
C LEU C 551 -6.40 -58.53 22.94
N ASN C 552 -5.92 -59.53 23.69
CA ASN C 552 -6.79 -60.64 24.08
C ASN C 552 -7.86 -60.17 25.05
N ALA C 553 -7.50 -59.22 25.93
CA ALA C 553 -8.44 -58.71 26.92
C ALA C 553 -9.56 -57.89 26.29
N TYR C 554 -9.34 -57.32 25.11
CA TYR C 554 -10.43 -56.63 24.42
C TYR C 554 -11.45 -57.62 23.89
N LEU C 555 -11.02 -58.78 23.45
CA LEU C 555 -11.93 -59.76 22.88
C LEU C 555 -12.46 -60.73 23.93
N GLN C 556 -12.04 -60.60 25.18
CA GLN C 556 -12.73 -61.32 26.25
C GLN C 556 -14.12 -60.75 26.46
N GLN C 557 -14.28 -59.44 26.28
CA GLN C 557 -15.62 -58.84 26.37
C GLN C 557 -16.47 -59.24 25.17
N GLY C 558 -15.96 -59.00 23.96
CA GLY C 558 -16.69 -59.39 22.77
C GLY C 558 -17.82 -58.42 22.43
N CYS C 559 -19.07 -58.91 22.38
CA CYS C 559 -19.40 -60.31 22.59
C CYS C 559 -20.03 -60.92 21.35
N MET D 1 30.20 11.85 4.28
CA MET D 1 30.44 11.00 5.44
C MET D 1 29.68 9.69 5.28
N LYS D 2 30.29 8.59 5.69
CA LYS D 2 29.66 7.28 5.58
C LYS D 2 28.55 7.17 6.62
N TYR D 3 27.36 6.79 6.18
CA TYR D 3 26.18 6.74 7.04
C TYR D 3 25.62 5.34 7.06
N ILE D 4 25.29 4.85 8.25
CA ILE D 4 24.63 3.57 8.41
C ILE D 4 23.28 3.83 9.04
N LEU D 5 22.23 3.37 8.37
CA LEU D 5 20.86 3.60 8.79
C LEU D 5 20.29 2.23 9.13
N VAL D 6 20.17 1.94 10.42
CA VAL D 6 19.49 0.74 10.83
C VAL D 6 18.01 1.09 10.82
N THR D 7 17.14 0.10 10.92
CA THR D 7 15.71 0.39 10.91
C THR D 7 15.04 -0.48 11.96
N GLY D 8 13.92 -1.05 11.62
CA GLY D 8 13.19 -1.88 12.56
C GLY D 8 12.49 -2.98 11.85
N GLY D 9 12.28 -4.08 12.54
CA GLY D 9 11.66 -5.18 11.87
C GLY D 9 10.19 -5.18 12.21
N VAL D 10 9.70 -6.32 12.62
CA VAL D 10 8.27 -6.45 12.90
C VAL D 10 7.90 -5.72 14.18
N ILE D 11 8.41 -6.17 15.33
CA ILE D 11 8.07 -5.58 16.61
C ILE D 11 9.14 -4.59 17.02
N SER D 12 8.77 -3.70 17.94
CA SER D 12 9.66 -2.62 18.35
C SER D 12 10.81 -3.16 19.20
N GLY D 13 10.51 -3.95 20.22
CA GLY D 13 11.54 -4.36 21.15
C GLY D 13 12.44 -5.50 20.73
N ILE D 14 13.05 -5.39 19.55
CA ILE D 14 13.97 -6.41 19.07
C ILE D 14 15.33 -6.29 19.73
N GLY D 15 15.84 -5.07 19.86
CA GLY D 15 17.28 -5.02 19.99
C GLY D 15 17.90 -4.14 18.92
N LYS D 16 17.22 -3.05 18.61
CA LYS D 16 17.71 -2.10 17.60
C LYS D 16 19.00 -1.48 18.07
N GLY D 17 18.99 -0.92 19.28
CA GLY D 17 20.16 -0.26 19.82
C GLY D 17 21.29 -1.21 20.12
N ILE D 18 20.99 -2.49 20.31
CA ILE D 18 22.08 -3.42 20.60
C ILE D 18 22.78 -3.81 19.31
N ILE D 19 22.17 -3.58 18.16
CA ILE D 19 22.81 -3.86 16.89
C ILE D 19 23.53 -2.63 16.36
N ALA D 20 22.85 -1.48 16.44
CA ALA D 20 23.42 -0.25 15.91
C ALA D 20 24.65 0.19 16.72
N SER D 21 24.63 -0.03 18.03
CA SER D 21 25.82 0.24 18.82
C SER D 21 26.90 -0.79 18.53
N SER D 22 26.51 -2.04 18.30
CA SER D 22 27.52 -3.09 18.08
C SER D 22 28.24 -2.88 16.76
N ILE D 23 27.51 -2.54 15.69
CA ILE D 23 28.20 -2.21 14.46
C ILE D 23 28.90 -0.86 14.58
N GLY D 24 28.47 -0.03 15.52
CA GLY D 24 29.25 1.15 15.84
C GLY D 24 30.52 0.81 16.60
N THR D 25 30.38 -0.01 17.65
CA THR D 25 31.54 -0.27 18.51
C THR D 25 32.50 -1.28 17.92
N ILE D 26 32.12 -2.00 16.87
CA ILE D 26 33.12 -2.68 16.06
C ILE D 26 33.96 -1.66 15.32
N LEU D 27 33.30 -0.68 14.71
CA LEU D 27 34.02 0.34 13.96
C LEU D 27 34.79 1.28 14.87
N LYS D 28 34.41 1.38 16.14
CA LYS D 28 35.25 2.11 17.08
C LYS D 28 36.51 1.31 17.39
N SER D 29 36.40 -0.02 17.43
CA SER D 29 37.58 -0.85 17.54
C SER D 29 38.36 -0.90 16.24
N CYS D 30 37.73 -0.53 15.13
CA CYS D 30 38.45 -0.43 13.87
C CYS D 30 39.35 0.81 13.80
N GLY D 31 39.10 1.80 14.64
CA GLY D 31 39.89 3.02 14.59
C GLY D 31 39.17 4.08 13.80
N LEU D 32 37.87 4.22 14.03
CA LEU D 32 37.04 5.22 13.36
C LEU D 32 36.28 6.04 14.38
N ARG D 33 36.14 7.33 14.11
CA ARG D 33 35.38 8.20 15.00
C ARG D 33 33.91 8.08 14.65
N VAL D 34 33.09 7.89 15.68
CA VAL D 34 31.69 7.47 15.52
C VAL D 34 30.81 8.52 16.15
N THR D 35 29.68 8.81 15.52
CA THR D 35 28.59 9.51 16.19
C THR D 35 27.37 8.60 16.24
N ALA D 36 26.26 9.16 16.72
CA ALA D 36 25.01 8.42 16.79
C ALA D 36 23.87 9.42 16.74
N ILE D 37 22.87 9.12 15.92
CA ILE D 37 21.67 9.93 15.79
C ILE D 37 20.49 8.99 15.86
N LYS D 38 19.60 9.20 16.82
CA LYS D 38 18.43 8.36 16.98
C LYS D 38 17.20 9.11 16.50
N ILE D 39 16.56 8.61 15.46
CA ILE D 39 15.37 9.21 14.91
C ILE D 39 14.21 8.65 15.71
N ASP D 40 13.34 9.52 16.20
CA ASP D 40 12.22 9.04 16.98
C ASP D 40 10.90 9.52 16.43
N PRO D 41 9.95 8.63 16.18
CA PRO D 41 8.70 9.05 15.56
C PRO D 41 7.66 9.52 16.57
N TYR D 42 7.96 9.44 17.87
CA TYR D 42 6.97 9.81 18.85
C TYR D 42 6.95 11.33 18.92
N ILE D 43 5.74 11.89 18.85
CA ILE D 43 5.53 13.33 18.73
C ILE D 43 6.11 14.10 19.90
N ASN D 44 6.03 13.53 21.11
CA ASN D 44 6.43 14.25 22.32
C ASN D 44 7.88 14.72 22.26
N ILE D 45 8.07 16.00 22.53
CA ILE D 45 9.40 16.58 22.59
C ILE D 45 9.89 16.38 24.01
N ASP D 46 11.20 16.18 24.17
CA ASP D 46 11.90 16.32 25.45
C ASP D 46 11.33 15.38 26.51
N ALA D 47 11.64 14.09 26.32
CA ALA D 47 11.05 12.93 27.01
C ALA D 47 10.87 13.03 28.53
N GLY D 48 11.61 13.92 29.18
CA GLY D 48 11.62 14.15 30.62
C GLY D 48 10.32 14.27 31.38
N THR D 49 9.21 14.51 30.69
CA THR D 49 7.89 14.53 31.33
C THR D 49 7.18 13.19 31.22
N PHE D 50 7.91 12.13 30.84
CA PHE D 50 7.33 10.79 30.85
C PHE D 50 7.11 10.30 32.26
N SER D 51 6.04 9.54 32.45
CA SER D 51 6.08 8.52 33.47
C SER D 51 7.02 7.44 32.97
N PRO D 52 7.89 6.92 33.81
CA PRO D 52 8.92 6.00 33.29
C PRO D 52 8.45 4.58 33.11
N TYR D 53 7.14 4.35 33.07
CA TYR D 53 6.61 3.02 32.90
C TYR D 53 6.19 2.74 31.46
N GLU D 54 5.99 3.79 30.67
CA GLU D 54 5.67 3.60 29.26
C GLU D 54 6.90 3.21 28.45
N HIS D 55 7.93 4.01 28.56
CA HIS D 55 9.11 3.75 27.80
C HIS D 55 10.29 3.23 28.57
N GLY D 56 10.69 3.98 29.58
CA GLY D 56 11.76 3.57 30.46
C GLY D 56 12.19 4.78 31.27
N GLU D 57 13.38 4.68 31.85
CA GLU D 57 13.89 5.76 32.69
C GLU D 57 14.33 6.90 31.74
N VAL D 58 14.74 8.04 32.28
CA VAL D 58 15.26 9.03 31.34
C VAL D 58 16.71 8.62 31.15
N PHE D 59 17.43 9.13 30.16
CA PHE D 59 18.81 9.61 30.21
C PHE D 59 19.01 11.13 30.30
N VAL D 60 20.17 11.50 30.84
CA VAL D 60 20.49 12.89 31.13
C VAL D 60 21.80 13.19 30.41
N LEU D 61 21.82 14.23 29.59
CA LEU D 61 23.04 14.65 28.91
C LEU D 61 23.73 15.81 29.60
N ASN D 62 24.80 16.27 28.95
CA ASN D 62 25.69 17.25 29.55
C ASN D 62 25.04 18.63 29.51
N ASP D 63 24.53 19.00 28.34
CA ASP D 63 23.95 20.32 28.10
C ASP D 63 22.52 20.44 28.60
N GLY D 64 22.00 19.44 29.31
CA GLY D 64 20.63 19.52 29.76
C GLY D 64 19.67 18.53 29.13
N GLY D 65 20.15 17.31 28.87
CA GLY D 65 19.32 16.34 28.19
C GLY D 65 18.30 15.71 29.12
N GLU D 66 17.19 15.28 28.51
CA GLU D 66 16.12 14.50 29.14
C GLU D 66 15.69 13.42 28.16
N VAL D 67 16.63 13.14 27.25
CA VAL D 67 16.56 12.18 26.14
C VAL D 67 16.22 10.82 26.59
N ASP D 68 15.45 10.15 25.79
CA ASP D 68 14.92 8.84 26.04
C ASP D 68 15.81 7.88 26.76
N LEU D 69 16.49 7.04 26.00
CA LEU D 69 17.36 6.06 26.54
C LEU D 69 18.09 5.47 25.42
N ASP D 70 17.50 4.48 24.84
CA ASP D 70 18.37 3.96 23.80
C ASP D 70 19.58 4.84 23.58
N LEU D 71 19.41 6.15 23.72
CA LEU D 71 20.50 7.09 23.58
C LEU D 71 21.57 6.82 24.63
N GLY D 72 21.10 6.42 25.82
CA GLY D 72 21.99 6.10 26.93
C GLY D 72 22.87 4.92 26.57
N ASN D 73 22.29 3.93 25.90
CA ASN D 73 23.00 2.73 25.50
C ASN D 73 24.17 3.07 24.60
N TYR D 74 23.96 3.99 23.63
CA TYR D 74 25.06 4.40 22.76
C TYR D 74 26.18 5.03 23.58
N GLU D 75 25.81 5.90 24.51
CA GLU D 75 26.79 6.62 25.33
C GLU D 75 27.66 5.65 26.09
N ARG D 76 27.02 4.68 26.75
CA ARG D 76 27.71 3.68 27.57
C ARG D 76 28.60 2.74 26.75
N PHE D 77 28.17 2.34 25.55
CA PHE D 77 29.01 1.47 24.73
C PHE D 77 30.10 2.14 23.93
N LEU D 78 30.04 3.44 23.65
CA LEU D 78 31.01 4.00 22.69
C LEU D 78 32.08 4.96 23.21
N ASP D 79 32.03 5.39 24.47
CA ASP D 79 32.93 6.34 25.18
C ASP D 79 32.50 7.76 24.82
N ILE D 80 31.52 7.87 23.94
CA ILE D 80 30.90 9.11 23.51
C ILE D 80 30.02 9.68 24.60
N ASN D 81 30.15 10.98 24.83
CA ASN D 81 29.11 11.78 25.46
C ASN D 81 28.54 12.77 24.45
N LEU D 82 27.23 12.95 24.50
CA LEU D 82 26.42 13.45 23.41
C LEU D 82 25.94 14.88 23.63
N TYR D 83 25.08 15.35 22.72
CA TYR D 83 24.38 16.61 22.85
C TYR D 83 22.89 16.33 22.72
N LYS D 84 22.06 17.27 23.17
CA LYS D 84 20.63 17.00 23.19
C LYS D 84 19.96 17.15 21.83
N ASP D 85 20.68 17.65 20.83
CA ASP D 85 20.08 17.96 19.55
C ASP D 85 20.25 16.85 18.52
N ASN D 86 20.70 15.66 18.91
CA ASN D 86 20.59 14.51 18.03
C ASN D 86 19.55 13.50 18.49
N ASN D 87 18.87 13.77 19.60
CA ASN D 87 17.59 13.14 19.87
C ASN D 87 16.58 13.90 19.01
N ILE D 88 16.49 13.51 17.77
CA ILE D 88 15.72 14.26 16.80
C ILE D 88 14.35 13.58 16.73
N THR D 89 13.41 14.16 17.43
CA THR D 89 12.06 13.66 17.49
C THR D 89 11.20 14.33 16.44
N THR D 90 10.00 13.81 16.26
CA THR D 90 9.06 14.41 15.34
C THR D 90 8.61 15.78 15.86
N GLY D 91 8.41 15.90 17.15
CA GLY D 91 8.10 17.20 17.75
C GLY D 91 9.25 18.17 17.76
N LYS D 92 10.49 17.68 17.62
CA LYS D 92 11.61 18.60 17.48
C LYS D 92 11.62 19.22 16.09
N ILE D 93 11.21 18.47 15.08
CA ILE D 93 11.26 18.94 13.71
C ILE D 93 10.16 19.96 13.46
N TYR D 94 8.96 19.63 13.90
CA TYR D 94 7.81 20.50 13.67
C TYR D 94 7.96 21.80 14.43
N GLN D 95 8.49 21.75 15.65
CA GLN D 95 8.74 22.99 16.37
C GLN D 95 9.89 23.78 15.75
N HIS D 96 10.78 23.10 15.02
CA HIS D 96 11.77 23.77 14.20
C HIS D 96 11.18 24.32 12.91
N VAL D 97 10.04 23.82 12.46
CA VAL D 97 9.47 24.25 11.19
C VAL D 97 8.32 25.22 11.39
N ILE D 98 7.45 24.98 12.37
CA ILE D 98 6.39 25.93 12.68
C ILE D 98 6.97 27.25 13.19
N ASN D 99 8.14 27.22 13.84
CA ASN D 99 8.87 28.43 14.19
C ASN D 99 9.70 29.01 13.05
N LYS D 100 9.52 28.56 11.82
CA LYS D 100 10.18 29.20 10.69
C LYS D 100 9.20 29.79 9.70
N GLU D 101 8.00 29.26 9.63
CA GLU D 101 6.98 29.81 8.76
C GLU D 101 6.28 31.02 9.34
N ARG D 102 6.53 31.37 10.60
CA ARG D 102 6.17 32.69 11.09
C ARG D 102 7.27 33.69 10.78
N ARG D 103 8.50 33.21 10.63
CA ARG D 103 9.60 34.04 10.18
C ARG D 103 9.48 34.38 8.71
N GLY D 104 8.77 33.56 7.94
CA GLY D 104 8.68 33.74 6.51
C GLY D 104 9.87 33.24 5.74
N ASP D 105 10.69 32.37 6.35
CA ASP D 105 11.95 31.99 5.76
C ASP D 105 11.82 31.01 4.61
N TYR D 106 10.62 30.51 4.33
CA TYR D 106 10.39 29.73 3.13
C TYR D 106 9.87 30.57 1.97
N LEU D 107 9.99 31.90 2.09
CA LEU D 107 9.71 32.87 1.02
C LEU D 107 8.27 32.80 0.55
N GLY D 108 7.34 32.63 1.49
CA GLY D 108 5.93 32.60 1.19
C GLY D 108 5.42 31.30 0.62
N LYS D 109 6.30 30.34 0.33
CA LYS D 109 5.90 29.09 -0.26
C LYS D 109 5.25 28.20 0.78
N THR D 110 4.17 27.52 0.40
CA THR D 110 3.46 26.65 1.34
C THR D 110 4.31 25.42 1.63
N VAL D 111 4.55 25.15 2.90
CA VAL D 111 5.37 24.01 3.26
C VAL D 111 4.50 22.79 3.51
N GLN D 112 4.89 21.67 2.92
CA GLN D 112 4.24 20.38 3.04
C GLN D 112 5.26 19.36 3.55
N VAL D 113 4.78 18.17 3.91
CA VAL D 113 5.63 17.11 4.49
C VAL D 113 6.77 16.74 3.55
N VAL D 114 6.53 16.71 2.24
CA VAL D 114 7.58 16.52 1.25
C VAL D 114 7.62 17.78 0.39
N PRO D 115 8.78 18.43 0.20
CA PRO D 115 10.09 18.14 0.75
C PRO D 115 10.49 18.93 1.99
N HIS D 116 9.69 19.90 2.40
CA HIS D 116 10.16 20.91 3.35
C HIS D 116 10.28 20.40 4.78
N ILE D 117 9.70 19.26 5.10
CA ILE D 117 10.10 18.54 6.31
C ILE D 117 11.31 17.68 6.04
N THR D 118 11.27 16.92 4.95
CA THR D 118 12.35 16.00 4.65
C THR D 118 13.61 16.74 4.23
N ASP D 119 13.51 18.01 3.82
CA ASP D 119 14.70 18.83 3.71
C ASP D 119 15.25 19.17 5.10
N ALA D 120 14.35 19.41 6.06
CA ALA D 120 14.82 19.75 7.39
C ALA D 120 15.35 18.53 8.14
N VAL D 121 14.97 17.33 7.73
CA VAL D 121 15.55 16.14 8.33
C VAL D 121 16.94 15.90 7.80
N GLN D 122 17.13 16.03 6.48
CA GLN D 122 18.44 15.78 5.90
C GLN D 122 19.37 16.97 6.03
N GLU D 123 18.94 18.05 6.69
CA GLU D 123 19.86 19.06 7.17
C GLU D 123 20.20 18.84 8.63
N TRP D 124 19.29 18.21 9.37
CA TRP D 124 19.56 17.94 10.78
C TRP D 124 20.60 16.84 10.91
N VAL D 125 20.45 15.77 10.13
CA VAL D 125 21.36 14.65 10.18
C VAL D 125 22.71 15.00 9.56
N MET D 126 22.77 16.00 8.68
CA MET D 126 24.06 16.48 8.20
C MET D 126 24.81 17.24 9.28
N ASN D 127 24.10 18.03 10.08
CA ASN D 127 24.80 18.87 11.04
C ASN D 127 25.25 18.09 12.26
N GLN D 128 24.41 17.18 12.77
CA GLN D 128 24.79 16.42 13.94
C GLN D 128 25.86 15.39 13.66
N ALA D 129 25.98 14.92 12.42
CA ALA D 129 27.13 14.12 12.07
C ALA D 129 28.38 14.97 11.96
N LYS D 130 28.22 16.23 11.55
CA LYS D 130 29.36 17.12 11.34
C LYS D 130 30.02 17.55 12.64
N VAL D 131 29.24 17.74 13.70
CA VAL D 131 29.82 18.21 14.97
C VAL D 131 30.62 17.09 15.62
N PRO D 132 31.80 17.37 16.16
CA PRO D 132 32.51 16.33 16.90
C PRO D 132 31.79 16.00 18.19
N VAL D 133 32.05 14.79 18.68
CA VAL D 133 31.25 14.33 19.80
C VAL D 133 32.13 13.72 20.87
N ASP D 134 33.40 13.58 20.57
CA ASP D 134 34.31 12.86 21.46
C ASP D 134 35.39 13.83 21.89
N GLY D 135 36.43 13.32 22.55
CA GLY D 135 37.46 14.16 23.14
C GLY D 135 38.29 14.91 22.12
N ASN D 136 38.35 14.42 20.88
CA ASN D 136 39.06 15.14 19.83
C ASN D 136 38.18 16.27 19.31
N LYS D 137 38.83 17.31 18.80
CA LYS D 137 38.16 18.41 18.12
C LYS D 137 38.31 18.18 16.62
N GLU D 138 37.53 17.23 16.11
CA GLU D 138 37.67 16.79 14.73
C GLU D 138 36.40 16.06 14.30
N GLU D 139 36.00 16.27 13.06
CA GLU D 139 34.78 15.68 12.53
C GLU D 139 34.95 14.17 12.37
N PRO D 140 33.95 13.37 12.70
CA PRO D 140 34.07 11.92 12.57
C PRO D 140 33.92 11.48 11.12
N GLN D 141 33.97 10.15 10.93
CA GLN D 141 33.90 9.59 9.58
C GLN D 141 32.76 8.63 9.35
N ILE D 142 32.11 8.12 10.40
CA ILE D 142 30.86 7.38 10.25
C ILE D 142 29.83 8.03 11.14
N CYS D 143 28.58 7.63 10.95
CA CYS D 143 27.50 8.13 11.78
C CYS D 143 26.39 7.08 11.76
N VAL D 144 26.31 6.30 12.84
CA VAL D 144 25.33 5.23 12.94
C VAL D 144 23.99 5.89 13.26
N ILE D 145 23.06 5.83 12.32
CA ILE D 145 21.78 6.53 12.42
C ILE D 145 20.72 5.50 12.78
N GLU D 146 20.01 5.72 13.87
CA GLU D 146 18.99 4.78 14.29
C GLU D 146 17.63 5.38 13.98
N LEU D 147 16.99 4.88 12.94
CA LEU D 147 15.59 5.14 12.67
C LEU D 147 14.80 4.31 13.64
N GLY D 148 14.43 4.88 14.79
CA GLY D 148 13.72 4.10 15.79
C GLY D 148 12.32 3.69 15.36
N GLY D 149 11.46 3.34 16.31
CA GLY D 149 10.12 2.93 15.89
C GLY D 149 10.16 1.68 15.02
N THR D 150 9.04 1.34 14.45
CA THR D 150 8.97 0.16 13.59
C THR D 150 8.93 0.71 12.15
N ILE D 151 8.12 0.17 11.25
CA ILE D 151 8.08 0.70 9.89
C ILE D 151 6.81 0.22 9.22
N GLY D 152 6.11 1.16 8.59
CA GLY D 152 4.85 0.90 7.94
C GLY D 152 3.73 1.69 8.53
N ASP D 153 3.86 2.10 9.79
CA ASP D 153 2.82 2.84 10.47
C ASP D 153 2.79 4.29 10.00
N ILE D 154 1.90 5.07 10.61
CA ILE D 154 1.69 6.45 10.19
C ILE D 154 2.77 7.37 10.75
N GLU D 155 3.34 7.04 11.91
CA GLU D 155 4.39 7.85 12.51
C GLU D 155 5.67 7.78 11.68
N GLY D 156 6.03 6.61 11.18
CA GLY D 156 7.24 6.46 10.42
C GLY D 156 7.17 6.87 8.97
N MET D 157 6.09 7.50 8.53
CA MET D 157 5.96 7.94 7.14
C MET D 157 6.79 9.18 6.77
N PRO D 158 6.91 10.25 7.58
CA PRO D 158 7.78 11.36 7.14
C PRO D 158 9.26 11.06 7.16
N PHE D 159 9.70 9.92 7.69
CA PHE D 159 11.12 9.67 7.88
C PHE D 159 11.73 8.75 6.83
N VAL D 160 11.03 7.67 6.44
CA VAL D 160 11.61 6.79 5.44
C VAL D 160 11.59 7.47 4.07
N GLU D 161 10.65 8.36 3.84
CA GLU D 161 10.70 9.19 2.65
C GLU D 161 11.80 10.25 2.78
N ALA D 162 12.12 10.64 4.01
CA ALA D 162 13.20 11.59 4.22
C ALA D 162 14.55 10.97 3.93
N PHE D 163 14.69 9.67 4.11
CA PHE D 163 15.95 9.02 3.78
C PHE D 163 15.97 8.42 2.38
N ARG D 164 14.80 8.29 1.74
CA ARG D 164 14.77 7.87 0.34
C ARG D 164 15.37 8.95 -0.55
N GLN D 165 15.01 10.21 -0.30
CA GLN D 165 15.65 11.33 -0.99
C GLN D 165 17.12 11.45 -0.62
N PHE D 166 17.51 10.90 0.51
CA PHE D 166 18.85 11.07 1.00
C PHE D 166 19.84 10.11 0.35
N GLN D 167 19.36 9.00 -0.21
CA GLN D 167 20.27 8.12 -0.96
C GLN D 167 20.73 8.76 -2.25
N PHE D 168 19.93 9.65 -2.82
CA PHE D 168 20.32 10.31 -4.05
C PHE D 168 21.26 11.48 -3.78
N LYS D 169 20.97 12.27 -2.75
CA LYS D 169 21.82 13.41 -2.43
C LYS D 169 23.16 12.97 -1.87
N ALA D 170 23.20 11.81 -1.24
CA ALA D 170 24.48 11.21 -0.88
C ALA D 170 24.92 10.28 -2.00
N LYS D 171 26.15 9.79 -1.87
CA LYS D 171 26.70 8.85 -2.82
C LYS D 171 26.48 7.44 -2.26
N ARG D 172 26.40 6.46 -3.17
CA ARG D 172 26.10 5.09 -2.77
C ARG D 172 27.23 4.48 -1.94
N GLU D 173 28.46 4.94 -2.14
CA GLU D 173 29.53 4.56 -1.24
C GLU D 173 29.41 5.19 0.14
N ASN D 174 28.57 6.21 0.32
CA ASN D 174 28.46 6.90 1.59
C ASN D 174 27.24 6.48 2.39
N PHE D 175 26.51 5.47 1.94
CA PHE D 175 25.26 5.12 2.59
C PHE D 175 25.17 3.61 2.75
N CYS D 176 24.55 3.19 3.85
CA CYS D 176 24.32 1.78 4.14
C CYS D 176 22.93 1.63 4.71
N ASN D 177 22.52 0.38 4.93
CA ASN D 177 21.17 0.13 5.41
C ASN D 177 21.14 -1.23 6.07
N ILE D 178 20.72 -1.26 7.33
CA ILE D 178 20.59 -2.49 8.10
C ILE D 178 19.11 -2.66 8.37
N HIS D 179 18.66 -3.90 8.44
CA HIS D 179 17.27 -4.19 8.77
C HIS D 179 17.29 -5.30 9.81
N VAL D 180 16.75 -5.00 10.99
CA VAL D 180 16.88 -5.92 12.11
C VAL D 180 15.51 -6.50 12.39
N SER D 181 15.22 -7.66 11.82
CA SER D 181 13.89 -8.25 11.86
C SER D 181 13.82 -9.42 12.83
N LEU D 182 12.61 -9.91 12.99
CA LEU D 182 12.29 -11.02 13.88
C LEU D 182 11.86 -12.22 13.07
N VAL D 183 12.39 -13.39 13.38
CA VAL D 183 11.82 -14.63 12.86
C VAL D 183 11.19 -15.38 14.04
N PRO D 184 9.91 -15.13 14.35
CA PRO D 184 9.31 -15.76 15.54
C PRO D 184 8.98 -17.23 15.28
N GLN D 185 9.36 -18.06 16.23
CA GLN D 185 9.01 -19.47 16.23
C GLN D 185 8.07 -19.78 17.39
N LEU D 186 7.25 -20.78 17.24
CA LEU D 186 6.36 -21.00 18.32
C LEU D 186 6.88 -22.15 19.08
N SER D 187 7.19 -21.93 20.34
CA SER D 187 7.63 -23.05 21.16
C SER D 187 6.46 -24.03 21.16
N ALA D 188 5.26 -23.54 20.86
CA ALA D 188 4.09 -24.36 20.86
C ALA D 188 4.37 -25.52 19.94
N THR D 189 5.02 -25.26 18.82
CA THR D 189 5.36 -26.37 17.95
C THR D 189 6.87 -26.61 17.85
N GLY D 190 7.49 -26.18 16.77
CA GLY D 190 8.89 -26.45 16.60
C GLY D 190 9.49 -25.88 15.32
N GLU D 191 8.68 -25.63 14.30
CA GLU D 191 9.18 -25.04 13.08
C GLU D 191 9.54 -23.57 13.30
N GLN D 192 10.25 -23.00 12.32
CA GLN D 192 10.67 -21.61 12.39
C GLN D 192 10.30 -20.94 11.08
N LYS D 193 9.53 -19.85 11.18
CA LYS D 193 8.95 -19.22 10.00
C LYS D 193 9.82 -18.06 9.54
N THR D 194 9.70 -17.75 8.26
CA THR D 194 10.38 -16.61 7.65
C THR D 194 9.44 -15.59 7.07
N LYS D 195 8.13 -15.80 7.17
CA LYS D 195 7.16 -14.86 6.61
C LYS D 195 7.23 -13.45 7.19
N PRO D 196 7.29 -13.21 8.56
CA PRO D 196 7.36 -11.82 9.04
C PRO D 196 8.52 -11.00 8.50
N THR D 197 9.62 -11.67 8.14
CA THR D 197 10.72 -10.93 7.58
C THR D 197 10.46 -10.53 6.13
N GLN D 198 9.72 -11.36 5.40
CA GLN D 198 9.41 -11.05 4.01
C GLN D 198 8.48 -9.86 3.89
N ASN D 199 7.42 -9.82 4.71
CA ASN D 199 6.50 -8.69 4.66
C ASN D 199 7.13 -7.43 5.21
N SER D 200 8.09 -7.55 6.13
CA SER D 200 8.78 -6.36 6.62
C SER D 200 9.78 -5.81 5.63
N VAL D 201 10.29 -6.63 4.72
CA VAL D 201 11.17 -6.11 3.68
C VAL D 201 10.37 -5.40 2.61
N ARG D 202 9.26 -5.99 2.16
CA ARG D 202 8.47 -5.36 1.12
C ARG D 202 7.63 -4.19 1.63
N ALA D 203 7.67 -3.88 2.93
CA ALA D 203 7.26 -2.57 3.40
C ALA D 203 8.42 -1.59 3.45
N LEU D 204 9.65 -2.09 3.55
CA LEU D 204 10.83 -1.24 3.46
C LEU D 204 11.19 -0.94 2.02
N ARG D 205 11.26 -1.97 1.18
CA ARG D 205 11.56 -1.76 -0.22
C ARG D 205 10.43 -1.04 -0.94
N GLY D 206 9.20 -1.21 -0.46
CA GLY D 206 8.06 -0.48 -0.97
C GLY D 206 8.05 0.99 -0.63
N LEU D 207 8.94 1.43 0.25
CA LEU D 207 9.11 2.84 0.54
C LEU D 207 10.44 3.38 0.01
N GLY D 208 11.20 2.56 -0.70
CA GLY D 208 12.37 3.04 -1.41
C GLY D 208 13.66 2.99 -0.64
N LEU D 209 13.88 1.92 0.13
CA LEU D 209 15.17 1.66 0.74
C LEU D 209 15.46 0.19 0.63
N SER D 210 16.71 -0.15 0.33
CA SER D 210 17.10 -1.54 0.15
C SER D 210 18.10 -1.94 1.23
N PRO D 211 17.91 -3.07 1.89
CA PRO D 211 18.84 -3.52 2.93
C PRO D 211 20.16 -3.97 2.34
N ASP D 212 21.26 -3.47 2.89
CA ASP D 212 22.55 -4.11 2.63
C ASP D 212 22.67 -5.41 3.41
N LEU D 213 22.64 -5.32 4.73
CA LEU D 213 22.58 -6.49 5.57
C LEU D 213 21.13 -6.77 5.94
N ILE D 214 20.90 -7.96 6.47
CA ILE D 214 19.62 -8.32 7.04
C ILE D 214 19.89 -9.19 8.26
N VAL D 215 19.44 -8.75 9.41
CA VAL D 215 19.79 -9.35 10.69
C VAL D 215 18.54 -9.98 11.28
N CYS D 216 18.57 -11.28 11.48
CA CYS D 216 17.43 -12.03 11.97
C CYS D 216 17.69 -12.40 13.42
N ARG D 217 17.12 -11.64 14.34
CA ARG D 217 17.22 -11.94 15.75
C ARG D 217 16.03 -12.75 16.21
N SER D 218 16.28 -13.85 16.91
CA SER D 218 15.23 -14.74 17.35
C SER D 218 15.65 -15.37 18.66
N SER D 219 14.97 -16.47 19.03
CA SER D 219 15.30 -17.18 20.26
C SER D 219 16.45 -18.14 20.06
N THR D 220 16.34 -19.03 19.08
CA THR D 220 17.30 -20.07 18.84
C THR D 220 18.20 -19.71 17.66
N PRO D 221 19.41 -20.28 17.59
CA PRO D 221 20.18 -20.18 16.35
C PRO D 221 19.47 -20.94 15.23
N ILE D 222 19.55 -20.38 14.03
CA ILE D 222 18.69 -20.78 12.93
C ILE D 222 19.48 -21.61 11.94
N GLU D 223 18.77 -22.49 11.23
CA GLU D 223 19.38 -23.49 10.38
C GLU D 223 19.65 -22.90 9.00
N MET D 224 20.50 -23.57 8.22
CA MET D 224 20.83 -23.13 6.87
C MET D 224 19.67 -23.17 5.91
N ALA D 225 18.61 -23.93 6.21
CA ALA D 225 17.40 -23.87 5.39
C ALA D 225 16.69 -22.54 5.55
N VAL D 226 16.85 -21.90 6.71
CA VAL D 226 16.25 -20.59 6.93
C VAL D 226 17.09 -19.50 6.25
N LYS D 227 18.42 -19.63 6.29
CA LYS D 227 19.29 -18.71 5.57
C LYS D 227 19.14 -18.82 4.07
N GLU D 228 18.66 -19.95 3.57
CA GLU D 228 18.45 -20.06 2.14
C GLU D 228 17.16 -19.36 1.72
N LYS D 229 16.11 -19.48 2.53
CA LYS D 229 14.83 -18.88 2.18
C LYS D 229 14.89 -17.36 2.29
N ILE D 230 15.59 -16.85 3.29
CA ILE D 230 15.70 -15.39 3.42
C ILE D 230 16.59 -14.85 2.32
N SER D 231 17.57 -15.63 1.87
CA SER D 231 18.41 -15.17 0.78
C SER D 231 17.65 -15.18 -0.54
N MET D 232 16.79 -16.16 -0.75
CA MET D 232 16.10 -16.26 -2.04
C MET D 232 14.88 -15.34 -2.09
N PHE D 233 14.10 -15.27 -1.01
CA PHE D 233 12.90 -14.44 -1.05
C PHE D 233 13.20 -12.96 -0.87
N CYS D 234 14.08 -12.60 0.06
CA CYS D 234 14.35 -11.19 0.33
C CYS D 234 15.46 -10.63 -0.56
N HIS D 235 15.92 -11.43 -1.53
CA HIS D 235 16.68 -10.95 -2.71
C HIS D 235 18.02 -10.34 -2.34
N VAL D 236 18.70 -10.96 -1.37
CA VAL D 236 20.04 -10.57 -1.00
C VAL D 236 20.87 -11.84 -0.90
N ASN D 237 22.17 -11.71 -1.16
CA ASN D 237 23.05 -12.87 -1.19
C ASN D 237 23.19 -13.46 0.22
N PRO D 238 23.51 -14.76 0.33
CA PRO D 238 23.60 -15.39 1.66
C PRO D 238 24.77 -14.96 2.52
N GLU D 239 25.61 -14.05 2.05
CA GLU D 239 26.68 -13.51 2.88
C GLU D 239 26.21 -12.33 3.71
N GLN D 240 25.00 -11.84 3.49
CA GLN D 240 24.46 -10.71 4.21
C GLN D 240 23.37 -11.08 5.20
N VAL D 241 23.07 -12.37 5.37
CA VAL D 241 22.16 -12.80 6.41
C VAL D 241 23.00 -13.16 7.64
N ILE D 242 22.76 -12.46 8.74
CA ILE D 242 23.53 -12.64 9.96
C ILE D 242 22.57 -13.05 11.07
N CYS D 243 22.78 -14.24 11.61
CA CYS D 243 21.96 -14.72 12.72
C CYS D 243 22.46 -14.14 14.02
N ILE D 244 21.54 -13.86 14.93
CA ILE D 244 21.89 -13.54 16.29
C ILE D 244 20.80 -14.06 17.22
N HIS D 245 21.16 -14.97 18.11
CA HIS D 245 20.18 -15.56 19.01
C HIS D 245 20.17 -14.82 20.34
N ASP D 246 19.19 -15.18 21.18
CA ASP D 246 19.04 -14.57 22.49
C ASP D 246 20.20 -15.02 23.37
N VAL D 247 21.16 -14.13 23.57
CA VAL D 247 22.31 -14.44 24.38
C VAL D 247 22.08 -13.93 25.79
N SER D 248 22.87 -14.45 26.72
CA SER D 248 22.62 -14.19 28.14
C SER D 248 22.98 -12.77 28.52
N SER D 249 24.15 -12.30 28.10
CA SER D 249 24.55 -10.93 28.34
C SER D 249 24.83 -10.23 27.02
N THR D 250 24.69 -8.92 27.03
CA THR D 250 24.79 -8.15 25.79
C THR D 250 26.22 -8.00 25.29
N TYR D 251 27.21 -8.47 26.02
CA TYR D 251 28.59 -8.37 25.54
C TYR D 251 28.93 -9.46 24.54
N ARG D 252 28.09 -10.48 24.43
CA ARG D 252 28.25 -11.45 23.36
C ARG D 252 27.82 -10.84 22.02
N VAL D 253 26.92 -9.85 22.07
CA VAL D 253 26.40 -9.23 20.83
C VAL D 253 27.48 -8.57 19.97
N PRO D 254 28.49 -7.88 20.50
CA PRO D 254 29.58 -7.47 19.60
C PRO D 254 30.44 -8.61 19.08
N VAL D 255 30.79 -9.58 19.93
CA VAL D 255 31.70 -10.62 19.46
C VAL D 255 31.00 -11.67 18.61
N LEU D 256 29.66 -11.72 18.65
CA LEU D 256 28.95 -12.65 17.77
C LEU D 256 28.88 -12.13 16.36
N LEU D 257 28.91 -10.81 16.18
CA LEU D 257 29.00 -10.26 14.83
C LEU D 257 30.37 -10.43 14.23
N GLU D 258 31.39 -10.64 15.06
CA GLU D 258 32.74 -10.92 14.56
C GLU D 258 32.80 -12.26 13.85
N GLU D 259 32.08 -13.26 14.38
CA GLU D 259 32.10 -14.59 13.77
C GLU D 259 31.40 -14.62 12.42
N GLN D 260 30.41 -13.75 12.22
CA GLN D 260 29.65 -13.75 10.99
C GLN D 260 30.24 -12.85 9.92
N SER D 261 31.40 -12.25 10.21
CA SER D 261 32.23 -11.51 9.26
C SER D 261 31.49 -10.29 8.67
N ILE D 262 31.11 -9.38 9.55
CA ILE D 262 30.59 -8.09 9.09
C ILE D 262 31.67 -7.03 9.06
N VAL D 263 32.87 -7.32 9.58
CA VAL D 263 33.94 -6.33 9.63
C VAL D 263 34.46 -6.06 8.22
N LYS D 264 34.72 -7.14 7.46
CA LYS D 264 35.24 -7.00 6.12
C LYS D 264 34.15 -6.61 5.12
N TYR D 265 32.88 -6.65 5.54
CA TYR D 265 31.79 -6.28 4.65
C TYR D 265 31.83 -4.80 4.33
N PHE D 266 31.90 -3.96 5.37
CA PHE D 266 31.85 -2.52 5.14
C PHE D 266 33.15 -1.98 4.54
N LYS D 267 34.23 -2.76 4.58
CA LYS D 267 35.39 -2.45 3.75
C LYS D 267 35.02 -2.50 2.27
N GLU D 268 34.18 -3.45 1.89
CA GLU D 268 33.79 -3.61 0.50
C GLU D 268 32.58 -2.75 0.15
N ARG D 269 31.65 -2.61 1.09
CA ARG D 269 30.45 -1.81 0.81
C ARG D 269 30.72 -0.31 0.94
N LEU D 270 31.10 0.13 2.13
CA LEU D 270 31.23 1.56 2.41
C LEU D 270 32.53 2.17 1.89
N HIS D 271 33.51 1.34 1.53
CA HIS D 271 34.85 1.77 1.08
C HIS D 271 35.52 2.66 2.12
N LEU D 272 35.56 2.18 3.35
CA LEU D 272 36.16 2.88 4.47
C LEU D 272 37.59 2.41 4.69
N PRO D 273 38.47 3.28 5.19
CA PRO D 273 39.87 2.88 5.43
C PRO D 273 39.98 1.93 6.61
N ILE D 274 40.43 0.71 6.34
CA ILE D 274 40.61 -0.30 7.39
C ILE D 274 41.69 -1.28 6.95
N GLY D 275 42.50 -1.71 7.92
CA GLY D 275 43.29 -2.92 7.81
C GLY D 275 42.82 -3.87 8.89
N ASP D 276 43.05 -5.17 8.74
CA ASP D 276 42.50 -6.14 9.67
C ASP D 276 43.52 -6.57 10.72
N SER D 277 43.04 -6.67 11.95
CA SER D 277 43.74 -7.27 13.06
C SER D 277 42.77 -8.32 13.59
N ALA D 278 42.98 -8.78 14.82
CA ALA D 278 41.86 -9.28 15.61
C ALA D 278 40.71 -8.29 15.53
N SER D 279 39.54 -8.78 15.08
CA SER D 279 38.53 -7.88 14.51
C SER D 279 37.86 -7.00 15.55
N ASN D 280 38.01 -7.32 16.84
CA ASN D 280 37.83 -6.36 17.91
C ASN D 280 39.09 -6.37 18.78
N LEU D 281 39.13 -5.51 19.78
CA LEU D 281 40.24 -5.54 20.72
C LEU D 281 40.09 -6.75 21.64
N LEU D 282 41.05 -7.68 21.53
CA LEU D 282 40.98 -8.99 22.16
C LEU D 282 40.94 -8.90 23.69
N PHE D 283 41.46 -7.83 24.25
CA PHE D 283 41.54 -7.77 25.71
C PHE D 283 40.26 -7.25 26.34
N LYS D 284 39.41 -6.53 25.60
CA LYS D 284 38.30 -5.87 26.25
C LYS D 284 36.93 -6.19 25.66
N TRP D 285 36.81 -7.18 24.77
CA TRP D 285 35.45 -7.63 24.51
C TRP D 285 35.27 -9.14 24.61
N ARG D 286 36.23 -9.91 24.14
CA ARG D 286 36.14 -11.36 24.27
C ARG D 286 36.48 -11.81 25.68
N ASN D 287 37.17 -10.98 26.45
CA ASN D 287 37.46 -11.31 27.84
C ASN D 287 36.19 -11.29 28.68
N MET D 288 35.42 -10.21 28.61
CA MET D 288 34.23 -10.12 29.44
C MET D 288 33.06 -10.94 28.91
N ALA D 289 33.20 -11.57 27.75
CA ALA D 289 32.28 -12.64 27.40
C ALA D 289 32.50 -13.85 28.29
N ASP D 290 33.75 -14.19 28.56
CA ASP D 290 34.08 -15.33 29.42
C ASP D 290 33.89 -15.01 30.89
N ARG D 291 33.86 -13.73 31.26
CA ARG D 291 33.59 -13.40 32.65
C ARG D 291 32.14 -13.70 33.01
N TYR D 292 31.24 -13.65 32.04
CA TYR D 292 29.83 -13.82 32.33
C TYR D 292 29.41 -15.29 32.31
N GLU D 293 30.15 -16.15 31.61
CA GLU D 293 29.85 -17.58 31.70
C GLU D 293 30.34 -18.15 33.03
N ARG D 294 31.62 -17.98 33.31
CA ARG D 294 32.23 -18.52 34.54
C ARG D 294 32.00 -17.55 35.67
N LEU D 295 31.15 -17.93 36.63
CA LEU D 295 30.78 -17.03 37.70
C LEU D 295 30.90 -17.70 39.08
N GLN D 296 30.40 -17.02 40.09
CA GLN D 296 30.81 -17.22 41.48
C GLN D 296 29.60 -16.99 42.37
N LYS D 297 29.86 -16.64 43.63
CA LYS D 297 28.85 -16.43 44.66
C LYS D 297 27.74 -15.46 44.27
N ILE D 298 26.53 -15.98 44.13
CA ILE D 298 25.37 -15.21 43.70
C ILE D 298 24.95 -14.35 44.87
N CYS D 299 25.16 -13.04 44.77
CA CYS D 299 25.06 -12.17 45.93
C CYS D 299 24.64 -10.77 45.47
N SER D 300 24.84 -9.80 46.35
CA SER D 300 25.28 -8.42 46.07
C SER D 300 24.28 -7.34 45.67
N ILE D 301 22.96 -7.54 45.71
CA ILE D 301 21.97 -6.52 46.14
C ILE D 301 20.59 -7.15 46.20
N ALA D 302 19.71 -6.49 46.95
CA ALA D 302 18.31 -6.36 46.61
C ALA D 302 18.03 -4.89 46.31
N LEU D 303 17.01 -4.63 45.51
CA LEU D 303 16.67 -3.28 45.09
C LEU D 303 15.25 -2.95 45.52
N VAL D 304 15.06 -1.75 46.07
CA VAL D 304 13.73 -1.24 46.35
C VAL D 304 13.45 -0.12 45.35
N GLY D 305 12.61 -0.44 44.37
CA GLY D 305 12.13 0.52 43.41
C GLY D 305 10.76 1.00 43.78
N LYS D 306 9.94 1.30 42.77
CA LYS D 306 8.54 1.48 43.04
C LYS D 306 7.67 0.90 41.91
N TYR D 307 8.17 -0.12 41.20
CA TYR D 307 7.42 -0.66 40.08
C TYR D 307 7.29 -2.17 40.20
N THR D 308 6.31 -2.70 39.45
CA THR D 308 5.95 -4.12 39.37
C THR D 308 6.89 -5.21 38.86
N LYS D 309 7.19 -5.21 37.56
CA LYS D 309 8.03 -6.22 36.91
C LYS D 309 8.87 -5.49 35.89
N LEU D 310 10.06 -6.02 35.59
CA LEU D 310 11.15 -5.23 35.01
C LEU D 310 10.90 -4.75 33.58
N ARG D 311 9.89 -3.88 33.50
CA ARG D 311 9.84 -2.83 32.51
C ARG D 311 11.09 -1.96 32.69
N ASP D 312 11.71 -1.51 31.63
CA ASP D 312 12.94 -0.84 31.91
C ASP D 312 12.82 0.57 32.39
N CYS D 313 12.55 0.63 33.68
CA CYS D 313 12.36 1.85 34.42
C CYS D 313 13.67 1.84 35.13
N TYR D 314 14.16 0.64 35.42
CA TYR D 314 15.46 0.62 36.07
C TYR D 314 16.50 -0.15 35.26
N ALA D 315 16.34 -0.20 33.94
CA ALA D 315 17.35 -0.87 33.13
C ALA D 315 18.62 -0.02 32.99
N SER D 316 18.52 1.29 33.22
CA SER D 316 19.70 2.13 33.20
C SER D 316 20.51 2.05 34.48
N VAL D 317 20.01 1.37 35.50
CA VAL D 317 20.77 1.09 36.71
C VAL D 317 21.36 -0.31 36.68
N PHE D 318 20.60 -1.28 36.16
CA PHE D 318 21.05 -2.66 36.13
C PHE D 318 22.26 -2.86 35.21
N LYS D 319 22.38 -2.06 34.15
CA LYS D 319 23.58 -2.12 33.34
C LYS D 319 24.76 -1.47 34.03
N ALA D 320 24.52 -0.57 34.99
CA ALA D 320 25.60 0.01 35.75
C ALA D 320 26.06 -0.92 36.86
N LEU D 321 25.15 -1.72 37.39
CA LEU D 321 25.48 -2.64 38.47
C LEU D 321 26.34 -3.79 37.97
N GLU D 322 25.95 -4.41 36.86
CA GLU D 322 26.76 -5.50 36.33
C GLU D 322 28.03 -5.01 35.65
N HIS D 323 28.21 -3.70 35.50
CA HIS D 323 29.55 -3.17 35.30
C HIS D 323 30.43 -3.42 36.51
N SER D 324 29.88 -3.17 37.70
CA SER D 324 30.66 -3.43 38.91
C SER D 324 30.79 -4.92 39.17
N ALA D 325 29.75 -5.68 38.85
CA ALA D 325 29.84 -7.14 38.96
C ALA D 325 30.79 -7.73 37.94
N LEU D 326 31.05 -7.01 36.85
CA LEU D 326 32.11 -7.42 35.93
C LEU D 326 33.48 -7.21 36.54
N ALA D 327 33.59 -6.34 37.54
CA ALA D 327 34.89 -6.04 38.12
C ALA D 327 35.25 -6.96 39.27
N ILE D 328 34.25 -7.47 40.00
CA ILE D 328 34.49 -8.21 41.23
C ILE D 328 34.23 -9.71 41.01
N ASN D 329 33.98 -10.11 39.77
CA ASN D 329 33.81 -11.51 39.33
C ASN D 329 32.65 -12.20 40.06
N HIS D 330 31.61 -11.46 40.39
CA HIS D 330 30.43 -12.01 41.02
C HIS D 330 29.25 -11.97 40.06
N LYS D 331 28.47 -13.05 40.04
CA LYS D 331 27.13 -12.98 39.48
C LYS D 331 26.30 -12.04 40.33
N LEU D 332 25.45 -11.26 39.70
CA LEU D 332 24.59 -10.33 40.40
C LEU D 332 23.17 -10.87 40.39
N ASN D 333 22.44 -10.66 41.47
CA ASN D 333 21.07 -11.15 41.60
C ASN D 333 20.18 -9.95 41.91
N LEU D 334 19.77 -9.27 40.85
CA LEU D 334 18.86 -8.13 41.00
C LEU D 334 17.46 -8.65 41.30
N MET D 335 16.93 -8.30 42.46
CA MET D 335 15.57 -8.65 42.83
C MET D 335 14.80 -7.39 43.20
N TYR D 336 13.70 -7.12 42.48
CA TYR D 336 12.90 -5.95 42.78
C TYR D 336 12.10 -6.15 44.05
N ILE D 337 11.97 -5.08 44.83
CA ILE D 337 11.07 -5.05 45.95
C ILE D 337 10.21 -3.79 45.80
N ASP D 338 8.91 -3.97 45.65
CA ASP D 338 8.02 -2.83 45.54
C ASP D 338 7.92 -2.14 46.89
N SER D 339 7.96 -0.81 46.87
CA SER D 339 7.80 -0.06 48.11
C SER D 339 6.38 -0.08 48.62
N ILE D 340 5.41 -0.43 47.76
CA ILE D 340 4.07 -0.75 48.23
C ILE D 340 4.12 -1.97 49.14
N ASP D 341 4.94 -2.96 48.78
CA ASP D 341 5.04 -4.20 49.54
C ASP D 341 5.80 -4.05 50.85
N LEU D 342 6.22 -2.85 51.24
CA LEU D 342 6.77 -2.61 52.56
C LEU D 342 5.86 -1.73 53.40
N GLU D 343 4.69 -1.38 52.89
CA GLU D 343 3.79 -0.48 53.60
C GLU D 343 3.04 -1.20 54.70
N LYS D 344 2.44 -0.41 55.60
CA LYS D 344 1.56 -0.99 56.62
C LYS D 344 0.28 -1.51 56.00
N ILE D 345 -0.12 -0.95 54.85
CA ILE D 345 -1.46 -1.19 54.33
C ILE D 345 -1.55 -2.55 53.64
N THR D 346 -0.47 -2.99 53.00
CA THR D 346 -0.50 -4.26 52.28
C THR D 346 -0.55 -5.43 53.26
N GLU D 347 0.19 -5.33 54.38
CA GLU D 347 0.17 -6.37 55.40
C GLU D 347 -1.21 -6.53 56.02
N THR D 348 -1.99 -5.45 56.08
CA THR D 348 -3.36 -5.53 56.57
C THR D 348 -4.25 -6.30 55.59
N GLU D 349 -4.06 -6.10 54.29
CA GLU D 349 -4.98 -6.68 53.31
C GLU D 349 -4.43 -7.88 52.55
N ASP D 350 -3.12 -7.95 52.38
CA ASP D 350 -2.51 -9.06 51.66
C ASP D 350 -1.11 -9.36 52.20
N PRO D 351 -0.93 -10.61 52.77
CA PRO D 351 0.42 -10.86 53.28
C PRO D 351 1.25 -11.68 52.31
N VAL D 352 0.65 -12.05 51.18
CA VAL D 352 1.35 -12.83 50.16
C VAL D 352 2.36 -11.96 49.39
N LYS D 353 2.01 -10.69 49.21
CA LYS D 353 2.88 -9.76 48.50
C LYS D 353 3.75 -8.97 49.46
N PHE D 354 3.27 -8.79 50.68
CA PHE D 354 4.01 -8.04 51.70
C PHE D 354 5.14 -8.89 52.28
N HIS D 355 4.79 -10.04 52.84
CA HIS D 355 5.77 -10.94 53.42
C HIS D 355 6.79 -11.40 52.38
N GLU D 356 6.43 -11.27 51.11
CA GLU D 356 7.31 -11.67 50.02
C GLU D 356 8.42 -10.65 49.81
N ALA D 357 8.16 -9.41 50.18
CA ALA D 357 9.14 -8.33 50.03
C ALA D 357 10.17 -8.37 51.16
N TRP D 358 9.69 -8.54 52.39
CA TRP D 358 10.56 -8.59 53.55
C TRP D 358 11.53 -9.77 53.47
N GLN D 359 11.01 -10.93 53.06
CA GLN D 359 11.82 -12.13 52.93
C GLN D 359 13.12 -11.85 52.17
N LYS D 360 13.01 -11.06 51.10
CA LYS D 360 14.17 -10.70 50.31
C LYS D 360 14.96 -9.54 50.85
N LEU D 361 14.35 -8.67 51.67
CA LEU D 361 15.05 -7.51 52.18
C LEU D 361 15.84 -7.83 53.44
N CYS D 362 15.43 -8.85 54.21
CA CYS D 362 16.21 -9.25 55.36
C CYS D 362 17.40 -10.11 54.98
N LYS D 363 17.27 -10.92 53.94
CA LYS D 363 18.42 -11.65 53.41
C LYS D 363 19.29 -10.79 52.50
N ALA D 364 18.91 -9.54 52.26
CA ALA D 364 19.62 -8.68 51.33
C ALA D 364 20.97 -8.30 51.89
N ASP D 365 22.02 -8.58 51.12
CA ASP D 365 23.37 -8.15 51.44
C ASP D 365 23.65 -6.73 50.98
N GLY D 366 22.66 -6.06 50.39
CA GLY D 366 22.79 -4.66 50.02
C GLY D 366 21.49 -4.13 49.47
N ILE D 367 21.13 -2.92 49.85
CA ILE D 367 19.90 -2.29 49.41
C ILE D 367 20.30 -1.23 48.37
N LEU D 368 19.35 -0.79 47.56
CA LEU D 368 19.57 0.30 46.62
C LEU D 368 18.27 1.06 46.44
N VAL D 369 18.30 2.36 46.71
CA VAL D 369 17.11 3.21 46.61
C VAL D 369 17.31 4.21 45.49
N PRO D 370 16.86 3.92 44.28
CA PRO D 370 17.04 4.85 43.16
C PRO D 370 15.94 5.92 43.17
N GLY D 371 16.00 6.77 42.14
CA GLY D 371 15.18 7.96 42.12
C GLY D 371 13.73 7.69 41.81
N GLY D 372 12.89 8.66 42.14
CA GLY D 372 11.46 8.55 41.93
C GLY D 372 10.77 9.83 42.35
N PHE D 373 9.47 9.88 42.11
CA PHE D 373 8.66 11.05 42.43
C PHE D 373 7.30 10.61 42.93
N GLY D 374 6.58 11.56 43.52
CA GLY D 374 5.21 11.35 43.91
C GLY D 374 5.05 10.60 45.22
N ILE D 375 3.79 10.55 45.67
CA ILE D 375 3.46 10.00 46.98
C ILE D 375 3.55 8.49 46.99
N ARG D 376 3.52 7.85 45.83
CA ARG D 376 3.64 6.40 45.76
C ARG D 376 5.05 5.98 46.17
N GLY D 377 5.15 5.02 47.07
CA GLY D 377 6.41 4.46 47.44
C GLY D 377 7.13 5.17 48.57
N THR D 378 6.98 6.50 48.66
CA THR D 378 7.74 7.32 49.60
C THR D 378 7.51 6.90 51.05
N LEU D 379 6.25 6.75 51.44
CA LEU D 379 5.94 6.35 52.81
C LEU D 379 6.35 4.90 53.06
N GLY D 380 6.41 4.08 52.01
CA GLY D 380 6.93 2.74 52.17
C GLY D 380 8.45 2.71 52.31
N LYS D 381 9.15 3.58 51.60
CA LYS D 381 10.61 3.55 51.63
C LYS D 381 11.22 4.09 52.91
N LEU D 382 10.42 4.76 53.75
CA LEU D 382 10.96 5.36 54.97
C LEU D 382 11.44 4.31 55.96
N GLN D 383 10.87 3.12 55.92
CA GLN D 383 11.30 2.05 56.80
C GLN D 383 12.52 1.33 56.25
N ALA D 384 12.76 1.42 54.94
CA ALA D 384 13.83 0.64 54.32
C ALA D 384 15.20 1.17 54.69
N ILE D 385 15.32 2.49 54.85
CA ILE D 385 16.61 3.06 55.23
C ILE D 385 16.91 2.76 56.69
N SER D 386 15.91 2.91 57.56
CA SER D 386 16.11 2.66 58.98
C SER D 386 16.37 1.19 59.25
N TRP D 387 15.80 0.30 58.44
CA TRP D 387 16.18 -1.12 58.49
C TRP D 387 17.63 -1.30 58.13
N ALA D 388 18.10 -0.54 57.14
CA ALA D 388 19.51 -0.56 56.78
C ALA D 388 20.36 0.23 57.76
N ARG D 389 19.75 1.12 58.53
CA ARG D 389 20.52 1.97 59.44
C ARG D 389 20.94 1.20 60.68
N THR D 390 20.00 0.53 61.32
CA THR D 390 20.30 -0.17 62.56
C THR D 390 21.08 -1.45 62.31
N LYS D 391 20.61 -2.27 61.36
CA LYS D 391 21.22 -3.57 61.13
C LYS D 391 22.42 -3.48 60.20
N LYS D 392 22.74 -2.28 59.70
CA LYS D 392 24.01 -1.92 59.07
C LYS D 392 24.29 -2.64 57.75
N ILE D 393 23.26 -2.93 56.97
CA ILE D 393 23.49 -3.43 55.62
C ILE D 393 23.70 -2.24 54.68
N PRO D 394 24.72 -2.24 53.84
CA PRO D 394 25.05 -1.02 53.08
C PRO D 394 24.04 -0.74 51.97
N PHE D 395 23.86 0.54 51.66
CA PHE D 395 23.06 0.92 50.51
C PHE D 395 23.53 2.25 49.97
N LEU D 396 22.99 2.59 48.80
CA LEU D 396 23.19 3.88 48.14
C LEU D 396 21.83 4.51 47.85
N GLY D 397 21.71 5.79 48.20
CA GLY D 397 20.54 6.57 47.85
C GLY D 397 20.85 7.44 46.64
N VAL D 398 19.96 7.40 45.65
CA VAL D 398 20.14 8.09 44.39
C VAL D 398 18.93 9.00 44.20
N CYS D 399 19.12 10.30 44.44
CA CYS D 399 18.26 11.42 44.04
C CYS D 399 16.93 11.49 44.81
N LEU D 400 16.59 10.44 45.50
CA LEU D 400 15.46 10.40 46.42
C LEU D 400 15.86 9.84 47.76
N GLY D 401 16.75 8.85 47.78
CA GLY D 401 17.22 8.29 49.03
C GLY D 401 18.03 9.27 49.84
N MET D 402 18.78 10.14 49.16
CA MET D 402 19.52 11.19 49.84
C MET D 402 18.57 12.18 50.52
N GLN D 403 17.43 12.42 49.91
CA GLN D 403 16.38 13.16 50.61
C GLN D 403 15.83 12.35 51.76
N LEU D 404 15.54 11.08 51.52
CA LEU D 404 14.86 10.26 52.53
C LEU D 404 15.78 9.87 53.67
N ALA D 405 17.09 9.75 53.44
CA ALA D 405 17.97 9.38 54.53
C ALA D 405 18.16 10.54 55.51
N VAL D 406 18.14 11.78 55.01
CA VAL D 406 18.25 12.92 55.91
C VAL D 406 16.94 13.15 56.64
N ILE D 407 15.82 12.68 56.09
CA ILE D 407 14.54 12.79 56.78
C ILE D 407 14.48 11.85 57.97
N GLU D 408 14.86 10.58 57.77
CA GLU D 408 14.73 9.59 58.82
C GLU D 408 15.71 9.83 59.96
N PHE D 409 16.84 10.48 59.68
CA PHE D 409 17.90 10.59 60.66
C PHE D 409 17.54 11.61 61.73
N ALA D 410 16.88 12.70 61.34
CA ALA D 410 16.35 13.64 62.34
C ALA D 410 15.16 13.05 63.06
N ARG D 411 14.42 12.15 62.41
CA ARG D 411 13.30 11.52 63.08
C ARG D 411 13.78 10.51 64.12
N ASN D 412 14.87 9.81 63.83
CA ASN D 412 15.37 8.79 64.76
C ASN D 412 16.28 9.37 65.83
N CYS D 413 17.39 10.00 65.43
CA CYS D 413 18.36 10.51 66.41
C CYS D 413 17.85 11.76 67.10
N LEU D 414 17.40 12.74 66.32
CA LEU D 414 16.99 14.01 66.88
C LEU D 414 15.54 14.04 67.33
N ASN D 415 14.81 12.93 67.12
CA ASN D 415 13.43 12.74 67.56
C ASN D 415 12.49 13.81 67.00
N LEU D 416 12.82 14.32 65.82
CA LEU D 416 12.02 15.34 65.16
C LEU D 416 11.16 14.66 64.11
N LYS D 417 10.10 14.00 64.59
CA LYS D 417 9.19 13.28 63.70
C LYS D 417 8.34 14.22 62.87
N ASP D 418 8.27 15.49 63.25
CA ASP D 418 7.44 16.46 62.53
C ASP D 418 8.05 16.86 61.20
N ALA D 419 9.35 16.63 61.01
CA ALA D 419 10.02 17.08 59.81
C ALA D 419 9.73 16.18 58.62
N ASP D 420 9.68 16.80 57.45
CA ASP D 420 9.48 16.08 56.20
C ASP D 420 9.95 16.99 55.06
N SER D 421 10.01 16.43 53.87
CA SER D 421 10.32 17.20 52.66
C SER D 421 9.13 18.03 52.24
N THR D 422 9.42 19.14 51.57
CA THR D 422 8.38 19.97 50.98
C THR D 422 7.97 19.51 49.59
N GLU D 423 8.29 18.27 49.22
CA GLU D 423 7.78 17.70 47.97
C GLU D 423 6.28 17.48 48.05
N PHE D 424 5.80 16.99 49.19
CA PHE D 424 4.47 16.40 49.29
C PHE D 424 3.48 17.33 49.99
N ARG D 425 3.79 17.74 51.21
CA ARG D 425 2.89 18.58 52.00
C ARG D 425 3.54 19.94 52.26
N PRO D 426 2.96 21.03 51.76
CA PRO D 426 3.60 22.34 51.98
C PRO D 426 3.44 22.84 53.41
N ASN D 427 2.40 22.40 54.12
CA ASN D 427 2.24 22.73 55.54
C ASN D 427 3.23 21.88 56.32
N ALA D 428 4.46 22.37 56.37
CA ALA D 428 5.54 21.69 57.07
C ALA D 428 5.96 22.51 58.28
N PRO D 429 5.70 22.04 59.50
CA PRO D 429 6.20 22.75 60.68
C PRO D 429 7.71 22.75 60.77
N VAL D 430 8.37 21.67 60.38
CA VAL D 430 9.82 21.67 60.18
C VAL D 430 10.08 21.33 58.72
N PRO D 431 10.18 22.32 57.83
CA PRO D 431 10.44 22.02 56.43
C PRO D 431 11.88 21.64 56.19
N LEU D 432 12.20 20.36 56.36
CA LEU D 432 13.60 19.96 56.39
C LEU D 432 14.22 19.95 55.00
N VAL D 433 13.44 19.67 53.96
CA VAL D 433 13.92 19.67 52.58
C VAL D 433 13.10 20.70 51.81
N ILE D 434 13.78 21.74 51.31
CA ILE D 434 13.11 22.91 50.72
C ILE D 434 13.29 22.89 49.20
N ASP D 435 12.33 23.49 48.51
CA ASP D 435 12.46 23.67 47.08
C ASP D 435 13.32 24.89 46.80
N MET D 436 14.25 24.74 45.85
CA MET D 436 15.04 25.85 45.31
C MET D 436 15.58 25.47 43.94
N PRO D 437 14.82 25.71 42.88
CA PRO D 437 15.37 25.53 41.53
C PRO D 437 16.36 26.64 41.21
N GLU D 438 17.16 26.39 40.17
CA GLU D 438 18.18 27.37 39.79
C GLU D 438 17.54 28.59 39.15
N HIS D 439 17.81 29.76 39.72
CA HIS D 439 17.37 31.03 39.18
C HIS D 439 18.59 31.61 38.45
N ASN D 440 18.69 31.29 37.19
CA ASN D 440 19.88 31.68 36.44
C ASN D 440 19.55 32.76 35.42
N PRO D 441 20.53 33.59 35.06
CA PRO D 441 20.35 34.46 33.89
C PRO D 441 20.23 33.62 32.64
N GLY D 442 19.18 33.86 31.86
CA GLY D 442 18.83 33.03 30.74
C GLY D 442 17.87 31.91 31.08
N ASN D 443 17.51 31.73 32.35
CA ASN D 443 16.56 30.72 32.77
C ASN D 443 15.50 31.38 33.65
N LEU D 444 14.30 31.58 33.10
CA LEU D 444 13.25 32.31 33.76
C LEU D 444 12.43 31.38 34.66
N GLY D 445 12.13 31.86 35.86
CA GLY D 445 11.26 31.11 36.74
C GLY D 445 11.95 29.90 37.36
N GLY D 446 11.12 28.91 37.73
CA GLY D 446 11.63 27.69 38.31
C GLY D 446 12.07 26.68 37.28
N THR D 447 13.38 26.48 37.14
CA THR D 447 13.95 25.56 36.17
C THR D 447 14.66 24.44 36.92
N MET D 448 14.37 23.20 36.51
CA MET D 448 14.90 22.02 37.18
C MET D 448 16.41 21.97 37.04
N ARG D 449 17.09 21.57 38.11
CA ARG D 449 18.54 21.48 38.10
C ARG D 449 18.98 20.35 37.18
N LEU D 450 19.84 20.66 36.22
CA LEU D 450 20.06 19.74 35.12
C LEU D 450 21.42 19.99 34.50
N GLY D 451 22.08 18.91 34.11
CA GLY D 451 23.34 18.99 33.38
C GLY D 451 24.53 18.63 34.26
N ILE D 452 25.71 18.72 33.65
CA ILE D 452 26.96 18.48 34.37
C ILE D 452 27.19 19.61 35.35
N ARG D 453 27.43 19.25 36.61
CA ARG D 453 27.73 20.21 37.64
C ARG D 453 28.92 19.74 38.44
N ARG D 454 29.90 20.62 38.60
CA ARG D 454 31.03 20.35 39.49
C ARG D 454 30.58 20.34 40.94
N THR D 455 31.06 19.35 41.70
CA THR D 455 30.85 19.31 43.14
C THR D 455 32.14 18.84 43.80
N VAL D 456 32.66 19.66 44.73
CA VAL D 456 33.97 19.47 45.35
C VAL D 456 33.78 18.74 46.67
N PHE D 457 34.65 17.77 46.95
CA PHE D 457 34.68 17.13 48.26
C PHE D 457 35.34 18.07 49.26
N LYS D 458 34.68 18.29 50.40
CA LYS D 458 35.23 19.20 51.39
C LYS D 458 36.40 18.56 52.13
N THR D 459 36.13 17.47 52.85
CA THR D 459 37.04 16.91 53.83
C THR D 459 37.42 15.50 53.46
N GLU D 460 38.45 15.00 54.14
CA GLU D 460 39.16 13.81 53.68
C GLU D 460 38.42 12.52 54.00
N ASN D 461 37.71 12.48 55.12
CA ASN D 461 37.12 11.22 55.60
C ASN D 461 35.84 10.86 54.81
N SER D 462 36.04 10.65 53.52
CA SER D 462 35.01 10.13 52.62
C SER D 462 35.53 8.84 52.02
N ILE D 463 34.71 7.80 52.05
CA ILE D 463 35.07 6.59 51.34
C ILE D 463 34.84 6.77 49.85
N LEU D 464 34.05 7.77 49.46
CA LEU D 464 33.87 8.07 48.04
C LEU D 464 35.10 8.73 47.44
N ARG D 465 35.83 9.52 48.22
CA ARG D 465 36.96 10.29 47.68
C ARG D 465 38.08 9.37 47.22
N LYS D 466 38.33 8.30 47.97
CA LYS D 466 39.35 7.34 47.56
C LYS D 466 38.92 6.56 46.32
N LEU D 467 37.61 6.44 46.08
CA LEU D 467 37.13 5.66 44.94
C LEU D 467 37.26 6.43 43.63
N TYR D 468 36.95 7.72 43.63
CA TYR D 468 37.16 8.52 42.43
C TYR D 468 38.64 8.76 42.16
N GLY D 469 39.48 8.71 43.18
CA GLY D 469 40.90 8.87 42.99
C GLY D 469 41.49 10.07 43.70
N ASP D 470 40.84 10.48 44.79
CA ASP D 470 41.25 11.59 45.66
C ASP D 470 41.36 12.92 44.94
N VAL D 471 40.64 13.08 43.84
CA VAL D 471 40.54 14.37 43.17
C VAL D 471 39.63 15.23 44.03
N PRO D 472 39.82 16.56 44.05
CA PRO D 472 38.96 17.39 44.92
C PRO D 472 37.53 17.48 44.43
N PHE D 473 37.31 17.57 43.13
CA PHE D 473 35.96 17.70 42.58
C PHE D 473 35.65 16.57 41.63
N ILE D 474 34.37 16.23 41.57
CA ILE D 474 33.84 15.26 40.62
C ILE D 474 32.82 15.98 39.76
N GLU D 475 32.51 15.37 38.62
CA GLU D 475 31.68 16.00 37.58
C GLU D 475 30.55 15.04 37.26
N GLU D 476 29.35 15.33 37.73
CA GLU D 476 28.20 14.44 37.55
C GLU D 476 26.98 15.23 37.09
N ARG D 477 25.88 14.51 36.90
CA ARG D 477 24.68 15.05 36.29
C ARG D 477 23.45 14.56 37.04
N HIS D 478 22.42 15.42 37.12
CA HIS D 478 21.23 15.09 37.88
C HIS D 478 20.04 15.92 37.43
N ARG D 479 18.83 15.42 37.74
CA ARG D 479 17.58 16.11 37.45
C ARG D 479 16.68 16.03 38.69
N HIS D 480 16.81 17.02 39.56
CA HIS D 480 16.00 17.05 40.76
C HIS D 480 15.79 18.50 41.18
N ARG D 481 14.75 18.71 41.97
CA ARG D 481 14.29 20.05 42.28
C ARG D 481 14.52 20.47 43.72
N PHE D 482 14.86 19.55 44.62
CA PHE D 482 14.70 19.78 46.05
C PHE D 482 16.03 19.64 46.75
N GLU D 483 16.19 20.41 47.83
CA GLU D 483 17.39 20.40 48.65
C GLU D 483 17.04 20.50 50.11
N VAL D 484 17.88 19.90 50.95
CA VAL D 484 17.83 20.20 52.37
C VAL D 484 18.17 21.69 52.56
N ASN D 485 17.46 22.33 53.49
CA ASN D 485 17.69 23.74 53.76
C ASN D 485 19.07 23.91 54.38
N PRO D 486 19.92 24.79 53.84
CA PRO D 486 21.18 25.12 54.52
C PRO D 486 21.01 25.71 55.90
N ASN D 487 19.86 26.31 56.19
CA ASN D 487 19.56 26.72 57.55
C ASN D 487 19.37 25.50 58.46
N LEU D 488 18.72 24.45 57.95
CA LEU D 488 18.41 23.23 58.69
C LEU D 488 19.62 22.33 58.93
N ILE D 489 20.81 22.72 58.48
CA ILE D 489 22.04 21.98 58.77
C ILE D 489 22.35 22.06 60.26
N LYS D 490 21.97 23.19 60.90
CA LYS D 490 22.18 23.47 62.32
C LYS D 490 21.69 22.33 63.23
N GLN D 491 20.67 21.61 62.78
CA GLN D 491 20.14 20.44 63.45
C GLN D 491 21.13 19.28 63.48
N PHE D 492 22.04 19.17 62.49
CA PHE D 492 22.90 18.00 62.47
C PHE D 492 24.37 18.37 62.47
N GLU D 493 24.73 19.54 63.01
CA GLU D 493 26.16 19.88 63.05
C GLU D 493 27.01 19.08 64.06
N GLN D 494 26.52 17.98 64.63
CA GLN D 494 27.34 17.22 65.57
C GLN D 494 27.30 15.70 65.40
N ASN D 495 26.34 15.15 64.67
CA ASN D 495 26.13 13.71 64.61
C ASN D 495 27.14 12.99 63.71
N ASP D 496 26.92 11.68 63.54
CA ASP D 496 27.71 10.82 62.68
C ASP D 496 27.33 10.93 61.22
N LEU D 497 26.23 11.60 60.91
CA LEU D 497 25.78 11.78 59.53
C LEU D 497 26.07 13.23 59.16
N SER D 498 27.18 13.45 58.47
CA SER D 498 27.57 14.79 58.12
C SER D 498 27.70 14.91 56.60
N PHE D 499 27.51 16.13 56.12
CA PHE D 499 27.51 16.40 54.70
C PHE D 499 28.94 16.57 54.21
N VAL D 500 29.21 16.07 53.02
CA VAL D 500 30.56 15.93 52.51
C VAL D 500 30.82 16.85 51.32
N GLY D 501 29.98 16.76 50.29
CA GLY D 501 30.24 17.51 49.08
C GLY D 501 29.77 18.96 49.15
N GLN D 502 30.35 19.78 48.27
CA GLN D 502 29.88 21.12 47.98
C GLN D 502 30.19 21.44 46.54
N ASP D 503 29.30 22.18 45.89
CA ASP D 503 29.54 22.65 44.53
C ASP D 503 30.46 23.88 44.53
N VAL D 504 30.44 24.63 43.42
CA VAL D 504 31.34 25.77 43.23
C VAL D 504 31.11 26.83 44.31
N ASP D 505 29.86 27.17 44.58
CA ASP D 505 29.60 28.19 45.60
C ASP D 505 29.38 27.58 46.99
N GLY D 506 28.47 26.60 47.12
CA GLY D 506 28.30 25.95 48.40
C GLY D 506 26.92 26.04 49.03
N ASP D 507 25.89 26.30 48.21
CA ASP D 507 24.53 26.47 48.71
C ASP D 507 23.78 25.15 48.83
N ARG D 508 24.40 24.04 48.48
CA ARG D 508 23.83 22.71 48.66
C ARG D 508 24.98 21.72 48.85
N MET D 509 24.64 20.52 49.30
CA MET D 509 25.64 19.58 49.82
C MET D 509 25.76 18.30 49.01
N GLU D 510 24.64 17.75 48.53
CA GLU D 510 24.55 16.72 47.50
C GLU D 510 25.02 15.33 47.90
N ILE D 511 25.68 15.17 49.06
CA ILE D 511 26.37 13.92 49.40
C ILE D 511 26.37 13.75 50.92
N ILE D 512 25.98 12.56 51.40
CA ILE D 512 26.05 12.23 52.81
C ILE D 512 26.89 10.97 53.03
N GLU D 513 27.51 10.88 54.20
CA GLU D 513 28.07 9.64 54.72
C GLU D 513 27.80 9.54 56.22
N LEU D 514 27.67 8.30 56.69
CA LEU D 514 27.44 8.00 58.10
C LEU D 514 28.65 7.25 58.66
N ALA D 515 29.06 7.61 59.87
CA ALA D 515 30.27 7.05 60.47
C ALA D 515 30.07 5.60 60.92
N ASN D 516 29.16 5.38 61.87
CA ASN D 516 29.00 4.07 62.50
C ASN D 516 28.19 3.10 61.63
N HIS D 517 28.77 2.78 60.48
CA HIS D 517 28.12 1.97 59.47
C HIS D 517 29.20 1.51 58.50
N PRO D 518 29.04 0.36 57.85
CA PRO D 518 30.02 -0.03 56.83
C PRO D 518 30.06 0.90 55.64
N TYR D 519 28.91 1.17 55.03
CA TYR D 519 28.88 1.97 53.80
C TYR D 519 27.49 2.57 53.68
N PHE D 520 27.38 3.86 53.94
CA PHE D 520 26.10 4.57 53.99
C PHE D 520 26.29 5.82 53.15
N VAL D 521 25.90 5.76 51.90
CA VAL D 521 26.05 6.90 51.01
C VAL D 521 24.69 7.26 50.44
N GLY D 522 24.48 8.55 50.25
CA GLY D 522 23.28 9.04 49.60
C GLY D 522 23.64 10.26 48.80
N VAL D 523 23.34 10.23 47.50
CA VAL D 523 23.78 11.29 46.61
C VAL D 523 22.59 11.87 45.86
N GLN D 524 22.66 13.17 45.60
CA GLN D 524 21.64 13.80 44.78
C GLN D 524 21.88 13.54 43.30
N PHE D 525 23.14 13.45 42.88
CA PHE D 525 23.42 13.19 41.48
C PHE D 525 23.12 11.74 41.15
N HIS D 526 22.71 11.50 39.90
CA HIS D 526 22.59 10.16 39.36
C HIS D 526 23.96 9.62 38.96
N PRO D 527 24.50 8.63 39.66
CA PRO D 527 25.78 8.04 39.26
C PRO D 527 25.63 6.82 38.35
N GLU D 528 24.76 6.94 37.35
CA GLU D 528 24.58 5.83 36.43
C GLU D 528 24.98 6.15 35.01
N PHE D 529 25.17 7.42 34.70
CA PHE D 529 25.21 7.84 33.31
C PHE D 529 26.63 8.01 32.81
N SER D 530 27.61 7.69 33.64
CA SER D 530 29.00 7.61 33.23
C SER D 530 29.55 6.20 33.34
N SER D 531 28.75 5.25 33.82
CA SER D 531 29.24 3.90 34.06
C SER D 531 29.45 3.17 32.74
N ARG D 532 30.66 2.66 32.54
CA ARG D 532 31.05 1.99 31.33
C ARG D 532 31.52 0.59 31.69
N PRO D 533 31.56 -0.34 30.73
CA PRO D 533 32.05 -1.69 31.06
C PRO D 533 33.52 -1.77 31.40
N MET D 534 34.29 -0.72 31.17
CA MET D 534 35.71 -0.75 31.54
C MET D 534 35.87 -0.27 32.98
N LYS D 535 35.49 0.97 33.25
CA LYS D 535 35.48 1.46 34.62
C LYS D 535 34.05 1.63 35.10
N PRO D 536 33.69 1.02 36.22
CA PRO D 536 32.30 1.10 36.69
C PRO D 536 32.04 2.45 37.33
N SER D 537 30.83 2.60 37.84
CA SER D 537 30.49 3.82 38.57
C SER D 537 31.14 3.77 39.95
N PRO D 538 31.83 4.82 40.36
CA PRO D 538 32.60 4.77 41.61
C PRO D 538 31.76 4.66 42.87
N PRO D 539 30.54 5.23 42.95
CA PRO D 539 29.69 4.82 44.08
C PRO D 539 29.19 3.39 43.97
N TYR D 540 28.81 2.94 42.77
CA TYR D 540 28.28 1.59 42.65
C TYR D 540 29.37 0.53 42.80
N LEU D 541 30.62 0.85 42.48
CA LEU D 541 31.68 -0.14 42.60
C LEU D 541 31.97 -0.45 44.06
N GLY D 542 32.01 0.59 44.90
CA GLY D 542 32.20 0.36 46.32
C GLY D 542 31.02 -0.32 46.96
N LEU D 543 29.82 -0.13 46.39
CA LEU D 543 28.62 -0.72 46.97
C LEU D 543 28.64 -2.23 46.82
N LEU D 544 29.13 -2.74 45.69
CA LEU D 544 29.33 -4.17 45.60
C LEU D 544 30.54 -4.62 46.38
N LEU D 545 31.51 -3.73 46.59
CA LEU D 545 32.65 -4.07 47.45
C LEU D 545 32.22 -4.16 48.90
N ALA D 546 31.28 -3.34 49.33
CA ALA D 546 30.77 -3.46 50.68
C ALA D 546 29.89 -4.68 50.85
N ALA D 547 29.26 -5.14 49.76
CA ALA D 547 28.42 -6.33 49.85
C ALA D 547 29.25 -7.58 50.03
N THR D 548 30.40 -7.66 49.37
CA THR D 548 31.30 -8.78 49.53
C THR D 548 32.31 -8.57 50.65
N GLY D 549 32.28 -7.41 51.32
CA GLY D 549 33.17 -7.13 52.41
C GLY D 549 34.57 -6.71 52.01
N ASN D 550 34.90 -6.72 50.72
CA ASN D 550 36.23 -6.38 50.24
C ASN D 550 36.44 -4.89 50.07
N LEU D 551 35.58 -4.07 50.68
CA LEU D 551 35.69 -2.62 50.53
C LEU D 551 36.91 -2.10 51.25
N ASN D 552 37.22 -2.65 52.42
CA ASN D 552 38.51 -2.39 53.05
C ASN D 552 39.64 -3.00 52.23
N ALA D 553 39.41 -4.17 51.62
CA ALA D 553 40.43 -4.84 50.84
C ALA D 553 40.76 -4.09 49.56
N TYR D 554 39.84 -3.28 49.04
CA TYR D 554 40.17 -2.46 47.88
C TYR D 554 41.13 -1.34 48.25
N LEU D 555 41.00 -0.78 49.45
CA LEU D 555 41.85 0.32 49.86
C LEU D 555 43.11 -0.15 50.58
N GLN D 556 43.28 -1.46 50.77
CA GLN D 556 44.58 -1.96 51.19
C GLN D 556 45.60 -1.79 50.08
N GLN D 557 45.18 -1.94 48.82
CA GLN D 557 46.09 -1.69 47.70
C GLN D 557 46.39 -0.21 47.57
N GLY D 558 45.35 0.62 47.47
CA GLY D 558 45.55 2.05 47.38
C GLY D 558 45.97 2.51 45.99
N CYS D 559 47.14 3.14 45.85
CA CYS D 559 48.02 3.45 46.98
C CYS D 559 48.20 4.96 47.13
PA UTP E . -9.03 0.25 -18.75
O1A UTP E . -9.12 0.86 -20.13
O2A UTP E . -7.97 0.90 -17.97
O3A UTP E . -10.48 0.44 -17.99
O5' UTP E . -8.75 -1.29 -18.90
PB UTP E . -11.81 -0.54 -18.37
O1B UTP E . -12.21 -1.33 -17.22
O2B UTP E . -11.48 -1.43 -19.52
O3B UTP E . -13.05 0.46 -18.90
PG UTP E . -12.68 1.61 -20.01
O1G UTP E . -11.84 0.93 -21.15
O2G UTP E . -13.95 2.20 -20.58
O3G UTP E . -11.86 2.66 -19.32
C5' UTP E . -7.61 -1.87 -18.30
C4' UTP E . -7.65 -3.22 -18.71
O4' UTP E . -7.45 -3.26 -20.23
C1' UTP E . -6.65 -4.31 -20.51
C2' UTP E . -5.94 -4.73 -19.15
O2' UTP E . -6.16 -6.17 -18.91
C3' UTP E . -6.48 -4.04 -18.11
O3' UTP E . -7.05 -4.94 -17.12
N1 UTP E . -5.73 -3.86 -21.54
C6 UTP E . -4.57 -3.30 -21.22
C2 UTP E . -6.07 -3.97 -22.85
O2 UTP E . -7.05 -4.42 -23.08
N3 UTP E . -5.25 -3.55 -23.83
C4 UTP E . -4.08 -3.01 -23.50
O4 UTP E . -3.32 -2.63 -24.38
C5 UTP E . -3.74 -2.88 -22.21
PG ATP F . -3.87 -0.96 -25.42
O1G ATP F . -3.07 -2.06 -26.07
O2G ATP F . -5.36 -1.07 -25.61
O3G ATP F . -3.44 -0.63 -24.00
PB ATP F . -1.92 0.76 -26.45
O1B ATP F . -1.36 -0.06 -27.58
O2B ATP F . -1.26 0.75 -25.10
O3B ATP F . -3.47 0.36 -26.26
PA ATP F . -1.94 2.65 -28.52
O1A ATP F . -0.48 2.73 -28.91
O2A ATP F . -2.86 1.71 -29.27
O3A ATP F . -2.02 2.29 -26.95
O5' ATP F . -2.57 4.13 -28.59
C5' ATP F . -3.89 4.36 -28.10
C4' ATP F . -4.71 5.07 -29.18
O4' ATP F . -4.43 6.47 -29.16
C3' ATP F . -4.37 4.54 -30.56
O3' ATP F . -5.53 3.99 -31.17
C2' ATP F . -3.88 5.73 -31.36
O2' ATP F . -4.73 5.94 -32.49
C1' ATP F . -3.95 6.94 -30.43
N9 ATP F . -2.60 7.52 -30.26
C8 ATP F . -1.45 6.83 -30.11
N7 ATP F . -0.39 7.67 -29.99
C5 ATP F . -0.86 8.92 -30.08
C6 ATP F . -0.27 10.29 -30.03
N6 ATP F . 1.07 10.46 -29.87
N1 ATP F . -1.11 11.34 -30.15
C2 ATP F . -2.44 11.17 -30.32
N3 ATP F . -3.03 9.96 -30.37
C4 ATP F . -2.31 8.82 -30.25
PA UTP G . -1.12 19.92 -5.92
O1A UTP G . -1.89 21.02 -6.64
O2A UTP G . -1.87 18.66 -5.96
O3A UTP G . 0.33 19.73 -6.68
O5' UTP G . -0.85 20.37 -4.45
PB UTP G . 1.61 20.82 -6.43
O1B UTP G . 2.73 20.15 -5.81
O2B UTP G . 1.15 21.96 -5.60
O3B UTP G . 2.02 21.46 -7.93
PG UTP G . 0.80 22.01 -8.88
O1G UTP G . -0.15 22.90 -8.01
O2G UTP G . 1.36 22.82 -10.02
O3G UTP G . 0.05 20.80 -9.40
C5' UTP G . -1.31 19.58 -3.37
C4' UTP G . -0.96 20.33 -2.21
O4' UTP G . -1.79 21.62 -2.24
C1' UTP G . -2.18 21.85 -0.96
C2' UTP G . -2.00 20.50 -0.14
O2' UTP G . -1.18 20.76 1.05
C3' UTP G . -1.34 19.59 -0.91
O3' UTP G . -0.11 19.16 -0.28
N1 UTP G . -3.56 22.32 -1.05
C6 UTP G . -4.57 21.45 -0.99
C2 UTP G . -3.82 23.63 -1.21
O2 UTP G . -2.97 24.32 -1.27
N3 UTP G . -5.09 24.09 -1.30
C4 UTP G . -6.09 23.23 -1.23
O4 UTP G . -7.25 23.62 -1.31
C5 UTP G . -5.84 21.91 -1.08
PG ATP H . -7.88 24.29 -3.13
O1G ATP H . -8.42 24.89 -1.86
O2G ATP H . -6.71 25.04 -3.72
O3G ATP H . -7.71 22.79 -3.10
PB ATP H . -10.56 24.03 -3.89
O1B ATP H . -11.22 25.05 -3.00
O2B ATP H . -10.49 22.59 -3.46
O3B ATP H . -9.06 24.53 -4.20
PA ATP H . -12.16 25.37 -5.75
O1A ATP H . -13.56 25.16 -5.22
O2A ATP H . -11.40 26.62 -5.40
O3A ATP H . -11.26 24.10 -5.33
O5' ATP H . -12.21 25.25 -7.36
C5' ATP H . -11.01 25.23 -8.13
C4' ATP H . -11.08 26.30 -9.21
O4' ATP H . -11.81 25.80 -10.33
C3' ATP H . -11.78 27.55 -8.71
O3' ATP H . -10.90 28.67 -8.79
C2' ATP H . -12.98 27.75 -9.62
O2' ATP H . -12.87 29.03 -10.29
C1' ATP H . -12.94 26.62 -10.64
N9 ATP H . -14.18 25.82 -10.54
C8 ATP H . -14.80 25.46 -9.40
N7 ATP H . -15.92 24.74 -9.66
C5 ATP H . -16.04 24.63 -10.99
C6 ATP H . -16.99 24.01 -11.93
N6 ATP H . -18.08 23.33 -11.49
N1 ATP H . -16.75 24.14 -13.26
C2 ATP H . -15.68 24.82 -13.72
N3 ATP H . -14.78 25.41 -12.92
C4 ATP H . -14.90 25.36 -11.57
PA UTP I . 4.96 -19.70 4.52
O1A UTP I . 4.29 -18.52 5.08
O2A UTP I . 4.95 -20.84 5.53
O3A UTP I . 6.53 -19.33 4.17
O5' UTP I . 4.27 -20.17 3.20
PB UTP I . 7.46 -20.29 3.13
O1B UTP I . 6.69 -21.51 2.74
O2B UTP I . 7.85 -19.55 1.96
O3B UTP I . 8.79 -20.84 3.99
PG UTP I . 8.53 -21.47 5.48
O1G UTP I . 7.34 -22.48 5.39
O2G UTP I . 8.17 -20.32 6.40
O3G UTP I . 9.77 -22.17 5.97
C5' UTP I . 3.15 -19.48 2.70
C4' UTP I . 2.75 -20.23 1.57
O4' UTP I . 2.26 -21.59 2.06
C1' UTP I . 1.17 -21.91 1.33
C2' UTP I . 0.65 -20.57 0.63
O2' UTP I . 0.53 -20.80 -0.82
C3' UTP I . 1.55 -19.58 0.84
O3' UTP I . 2.04 -19.05 -0.43
N1 UTP I . 0.22 -22.51 2.26
C6 UTP I . -0.67 -21.76 2.90
C2 UTP I . 0.26 -23.84 2.50
O2 UTP I . 1.02 -24.43 1.98
N3 UTP I . -0.60 -24.42 3.37
C4 UTP I . -1.49 -23.66 3.99
O4 UTP I . -2.28 -24.17 4.78
C5 UTP I . -1.53 -22.33 3.76
PG ATP J . -1.52 -24.83 6.56
O1G ATP J . -2.69 -25.53 5.90
O2G ATP J . -0.18 -25.44 6.23
O3G ATP J . -1.56 -23.32 6.48
PB ATP J . -3.10 -24.82 8.86
O1B ATP J . -4.07 -25.94 8.57
O2B ATP J . -3.47 -23.39 8.55
O3B ATP J . -1.71 -25.15 8.13
PA ATP J . -2.99 -26.24 11.27
O1A ATP J . -4.42 -26.19 11.76
O2A ATP J . -2.51 -27.42 10.46
O3A ATP J . -2.70 -24.90 10.43
O5' ATP J . -2.01 -26.06 12.54
C5' ATP J . -0.61 -25.90 12.36
C4' ATP J . 0.14 -26.93 13.20
O4' ATP J . 0.25 -26.46 14.54
C3' ATP J . -0.58 -28.27 13.22
O3' ATP J . 0.25 -29.29 12.68
C2' ATP J . -0.89 -28.55 14.68
O2' ATP J . -0.25 -29.78 15.07
C1' ATP J . -0.32 -27.38 15.47
N9 ATP J . -1.41 -26.72 16.23
C8 ATP J . -2.65 -26.46 15.76
N7 ATP J . -3.41 -25.85 16.70
C5 ATP J . -2.65 -25.71 17.80
C6 ATP J . -2.84 -25.15 19.16
N6 ATP J . -4.02 -24.60 19.54
N1 ATP J . -1.79 -25.20 20.01
C2 ATP J . -0.61 -25.75 19.65
N3 ATP J . -0.38 -26.28 18.44
C4 ATP J . -1.34 -26.29 17.49
PA UTP K . 5.19 -0.46 20.15
O1A UTP K . 5.55 -1.04 18.85
O2A UTP K . 6.07 -1.04 21.25
O3A UTP K . 3.61 -0.83 20.50
O5' UTP K . 5.34 1.09 20.14
PB UTP K . 2.75 0.02 21.67
O1B UTP K . 3.64 0.98 22.37
O2B UTP K . 1.63 0.72 21.07
O3B UTP K . 2.24 -1.08 22.83
PG UTP K . 3.35 -2.14 23.41
O1G UTP K . 4.66 -1.34 23.77
O2G UTP K . 3.64 -3.13 22.31
O3G UTP K . 2.82 -2.84 24.63
C5' UTP K . 5.77 1.76 18.98
C4' UTP K . 5.86 3.12 19.36
O4' UTP K . 6.98 3.23 20.41
C1' UTP K . 7.66 4.37 20.14
C2' UTP K . 7.29 4.81 18.65
O2' UTP K . 6.82 6.21 18.67
C3' UTP K . 6.28 4.03 18.18
O3' UTP K . 5.12 4.83 17.82
N1 UTP K . 9.07 4.05 20.33
C6 UTP K . 9.80 3.60 19.31
C2 UTP K . 9.63 4.18 21.54
O2 UTP K . 9.00 4.54 22.37
N3 UTP K . 10.93 3.88 21.75
C4 UTP K . 11.66 3.45 20.74
O4 UTP K . 12.85 3.18 20.91
C5 UTP K . 11.11 3.31 19.52
PG ATP L . 13.27 1.50 21.99
O1G ATP L . 14.18 2.70 22.03
O2G ATP L . 12.25 1.46 23.10
O3G ATP L . 12.71 1.17 20.62
PB ATP L . 15.58 0.02 21.47
O1B ATP L . 16.65 0.94 22.01
O2B ATP L . 15.22 0.05 20.02
O3B ATP L . 14.24 0.27 22.33
PA ATP L . 17.09 -1.78 23.01
O1A ATP L . 18.46 -1.71 22.36
O2A ATP L . 16.77 -0.91 24.20
O3A ATP L . 15.98 -1.49 21.86
O5' ATP L . 16.80 -3.31 23.40
C5' ATP L . 15.51 -3.70 23.87
C4' ATP L . 15.65 -4.45 25.19
O4' ATP L . 15.99 -5.81 24.95
C3' ATP L . 16.74 -3.83 26.05
O3' ATP L . 16.19 -3.37 27.29
C2' ATP L . 17.75 -4.94 26.32
O2' ATP L . 17.85 -5.19 27.72
C1' ATP L . 17.22 -6.17 25.59
N9 ATP L . 18.19 -6.62 24.58
C8 ATP L . 18.90 -5.83 23.75
N7 ATP L . 19.72 -6.56 22.95
C5 ATP L . 19.54 -7.85 23.27
C6 ATP L . 20.10 -9.14 22.80
N6 ATP L . 21.04 -9.20 21.82
N1 ATP L . 19.65 -10.27 23.40
C2 ATP L . 18.72 -10.23 24.38
N3 ATP L . 18.19 -9.10 24.85
C4 ATP L . 18.54 -7.90 24.34
#